data_6LF9
#
_entry.id   6LF9
#
_cell.length_a   95.169
_cell.length_b   44.240
_cell.length_c   199.631
_cell.angle_alpha   90.00
_cell.angle_beta   90.03
_cell.angle_gamma   90.00
#
_symmetry.space_group_name_H-M   'P 1 21 1'
#
loop_
_entity.id
_entity.type
_entity.pdbx_description
1 polymer 'MHC class I antigen'
2 polymer Beta-2-microglobulin
3 polymer ARG-VAL-GLU-ASP-VAL-THR-ASN-THR-ALA-GLU-TYR-TRP
4 water water
#
loop_
_entity_poly.entity_id
_entity_poly.type
_entity_poly.pdbx_seq_one_letter_code
_entity_poly.pdbx_strand_id
1 'polypeptide(L)'
;GPHSLSYFYTAVSRPDRGDSRFIAVGYVDDTQFVRFDNYAPNPRMEPRVPWIQQEGQDYWDEETRKVKDNAQTYGVGLNT
LRGYYNQSEAGSHTLQSMFGCYLGPDGLLLHGYRQDAYDGADYIALNEDLRSWTAADMAAQITKRKWEAANVAERRRSYL
QGLCVESLRRYLEMGKDTLQRAEPPKTHVTRHPSSDLGVTLRCWALGFYPKEISLTWQREGQDQSQDMELVETRPSGDGT
FQKWAALVVPPGEEQSYTCHVQHEGLQEPLTLR
;
D,A,G,J
2 'polypeptide(L)'
;ARPPKVQVYSRHPAENGKPNYLNCYVSGFHPPQIEIDLLKNGEKMNAEQSDLSFSKDWSFYLLVHTEFTPNAVDQYSCRV
KHVTLDKPKIVKWDRDH
;
E,B,H,K
3 'polypeptide(L)' RVEDVTNTAEYW F,C,I,L
#
# COMPACT_ATOMS: atom_id res chain seq x y z
N GLY A 1 10.82 -15.33 22.11
CA GLY A 1 11.18 -15.27 23.52
C GLY A 1 12.66 -15.00 23.75
N PRO A 2 13.09 -15.03 25.00
CA PRO A 2 14.50 -14.77 25.31
C PRO A 2 15.38 -15.94 24.90
N HIS A 3 16.53 -15.63 24.31
CA HIS A 3 17.42 -16.70 23.90
C HIS A 3 18.05 -17.35 25.13
N SER A 4 18.60 -18.55 24.92
CA SER A 4 19.02 -19.40 26.02
C SER A 4 20.33 -20.08 25.66
N LEU A 5 21.21 -20.22 26.66
CA LEU A 5 22.40 -21.05 26.55
C LEU A 5 22.40 -22.03 27.71
N SER A 6 22.38 -23.32 27.41
CA SER A 6 22.16 -24.36 28.39
C SER A 6 23.15 -25.49 28.24
N TYR A 7 23.58 -26.07 29.34
CA TYR A 7 24.47 -27.22 29.42
C TYR A 7 23.87 -28.37 30.24
N PHE A 8 23.96 -29.58 29.72
CA PHE A 8 23.43 -30.78 30.34
C PHE A 8 24.59 -31.76 30.51
N TYR A 9 24.88 -32.11 31.76
CA TYR A 9 25.93 -33.05 32.13
C TYR A 9 25.28 -34.30 32.68
N THR A 10 25.73 -35.47 32.21
CA THR A 10 25.33 -36.75 32.75
C THR A 10 26.57 -37.55 33.11
N ALA A 11 26.66 -37.96 34.38
CA ALA A 11 27.75 -38.83 34.85
C ALA A 11 27.13 -40.12 35.35
N VAL A 12 27.58 -41.24 34.82
CA VAL A 12 27.05 -42.56 35.18
C VAL A 12 28.17 -43.38 35.79
N SER A 13 28.02 -43.73 37.06
CA SER A 13 28.93 -44.67 37.71
C SER A 13 28.79 -46.05 37.10
N ARG A 14 29.88 -46.77 37.17
CA ARG A 14 29.98 -48.11 36.79
C ARG A 14 30.40 -48.94 37.96
N PRO A 15 29.83 -50.13 38.11
CA PRO A 15 30.22 -51.09 39.14
C PRO A 15 31.63 -51.63 38.83
N ASP A 16 32.01 -51.63 37.55
CA ASP A 16 33.36 -51.95 37.12
C ASP A 16 34.27 -50.85 37.51
N ARG A 17 34.40 -50.83 38.78
CA ARG A 17 35.32 -49.97 39.50
C ARG A 17 35.23 -48.45 39.56
N GLY A 18 36.29 -47.84 39.07
CA GLY A 18 36.46 -46.44 39.27
C GLY A 18 36.13 -45.32 38.40
N ASP A 19 36.03 -45.54 37.13
CA ASP A 19 35.72 -44.48 36.32
C ASP A 19 34.24 -44.35 36.13
N SER A 20 33.85 -43.36 35.38
CA SER A 20 32.49 -43.19 35.13
C SER A 20 32.31 -42.57 33.80
N ARG A 21 31.21 -42.89 33.17
CA ARG A 21 30.94 -42.29 31.87
C ARG A 21 30.46 -40.86 32.07
N PHE A 22 30.97 -39.95 31.24
CA PHE A 22 30.61 -38.54 31.33
C PHE A 22 30.22 -38.04 29.95
N ILE A 23 29.04 -37.44 29.86
CA ILE A 23 28.53 -36.89 28.60
C ILE A 23 28.07 -35.47 28.86
N ALA A 24 28.47 -34.55 27.99
CA ALA A 24 28.07 -33.16 28.10
C ALA A 24 27.51 -32.70 26.77
N VAL A 25 26.39 -31.97 26.82
CA VAL A 25 25.78 -31.41 25.62
C VAL A 25 25.44 -29.95 25.88
N GLY A 26 25.62 -29.13 24.84
CA GLY A 26 25.37 -27.70 24.92
C GLY A 26 24.35 -27.28 23.89
N TYR A 27 23.41 -26.44 24.32
CA TYR A 27 22.32 -25.97 23.47
C TYR A 27 22.29 -24.45 23.48
N VAL A 28 22.06 -23.87 22.31
CA VAL A 28 21.57 -22.50 22.18
C VAL A 28 20.11 -22.61 21.77
N ASP A 29 19.21 -22.23 22.67
CA ASP A 29 17.77 -22.42 22.49
C ASP A 29 17.53 -23.92 22.31
N ASP A 30 16.94 -24.37 21.20
CA ASP A 30 16.72 -25.78 20.96
C ASP A 30 17.76 -26.38 20.01
N THR A 31 18.85 -25.67 19.73
CA THR A 31 19.84 -26.11 18.77
C THR A 31 21.07 -26.61 19.52
N GLN A 32 21.34 -27.91 19.42
CA GLN A 32 22.57 -28.46 19.99
C GLN A 32 23.76 -28.00 19.16
N PHE A 33 24.81 -27.53 19.84
CA PHE A 33 25.97 -27.03 19.12
C PHE A 33 27.30 -27.65 19.51
N VAL A 34 27.41 -28.29 20.68
CA VAL A 34 28.64 -28.96 21.08
C VAL A 34 28.29 -30.22 21.85
N ARG A 35 29.26 -31.12 21.94
CA ARG A 35 29.10 -32.37 22.68
C ARG A 35 30.46 -32.80 23.21
N PHE A 36 30.43 -33.60 24.27
CA PHE A 36 31.62 -34.21 24.82
C PHE A 36 31.26 -35.58 25.38
N ASP A 37 32.16 -36.54 25.17
CA ASP A 37 31.97 -37.90 25.65
C ASP A 37 33.34 -38.47 25.99
N ASN A 38 33.52 -38.88 27.24
CA ASN A 38 34.82 -39.41 27.68
C ASN A 38 35.01 -40.87 27.29
N TYR A 39 34.04 -41.50 26.63
CA TYR A 39 34.16 -42.90 26.27
C TYR A 39 35.21 -43.12 25.19
N ALA A 40 35.25 -42.24 24.18
CA ALA A 40 36.23 -42.45 23.12
C ALA A 40 37.60 -41.92 23.54
N PRO A 41 38.68 -42.62 23.17
CA PRO A 41 40.02 -42.13 23.48
C PRO A 41 40.30 -40.85 22.73
N ASN A 42 41.19 -40.04 23.30
CA ASN A 42 41.45 -38.68 22.81
C ASN A 42 40.14 -37.92 22.72
N PRO A 43 39.34 -37.85 23.79
CA PRO A 43 38.01 -37.23 23.68
C PRO A 43 38.13 -35.72 23.65
N ARG A 44 37.28 -35.11 22.83
CA ARG A 44 37.31 -33.67 22.64
C ARG A 44 35.89 -33.12 22.68
N MET A 45 35.78 -31.86 23.07
CA MET A 45 34.55 -31.12 22.80
C MET A 45 34.42 -30.93 21.30
N GLU A 46 33.29 -31.32 20.73
CA GLU A 46 33.19 -31.34 19.28
C GLU A 46 32.01 -30.51 18.80
N PRO A 47 32.13 -29.89 17.63
CA PRO A 47 31.00 -29.14 17.08
C PRO A 47 29.90 -30.08 16.61
N ARG A 48 28.66 -29.58 16.67
CA ARG A 48 27.51 -30.30 16.15
C ARG A 48 26.66 -29.45 15.22
N VAL A 49 27.08 -28.21 14.94
CA VAL A 49 26.44 -27.37 13.93
C VAL A 49 27.53 -26.61 13.19
N PRO A 50 27.25 -26.18 11.96
CA PRO A 50 28.28 -25.46 11.19
C PRO A 50 28.76 -24.17 11.83
N TRP A 51 27.86 -23.35 12.40
CA TRP A 51 28.27 -21.99 12.78
C TRP A 51 29.30 -22.00 13.90
N ILE A 52 29.18 -22.91 14.86
CA ILE A 52 30.15 -22.96 15.95
C ILE A 52 31.55 -23.27 15.44
N GLN A 53 31.68 -23.84 14.24
CA GLN A 53 32.99 -24.10 13.68
C GLN A 53 33.76 -22.82 13.37
N GLN A 54 33.09 -21.66 13.38
CA GLN A 54 33.80 -20.39 13.25
C GLN A 54 34.80 -20.15 14.39
N GLU A 55 34.71 -20.91 15.48
CA GLU A 55 35.62 -20.75 16.59
C GLU A 55 36.97 -21.37 16.27
N GLY A 56 38.03 -20.79 16.84
CA GLY A 56 39.37 -21.24 16.56
C GLY A 56 39.80 -22.37 17.48
N GLN A 57 41.03 -22.82 17.26
CA GLN A 57 41.60 -23.90 18.07
C GLN A 57 41.51 -23.61 19.57
N ASP A 58 42.03 -22.46 20.00
CA ASP A 58 42.11 -22.14 21.42
C ASP A 58 40.78 -22.37 22.12
N TYR A 59 39.67 -22.04 21.44
CA TYR A 59 38.34 -22.28 21.97
C TYR A 59 38.13 -23.76 22.28
N TRP A 60 38.33 -24.61 21.29
CA TRP A 60 38.11 -26.04 21.46
C TRP A 60 39.05 -26.62 22.51
N ASP A 61 40.29 -26.15 22.56
CA ASP A 61 41.25 -26.66 23.54
C ASP A 61 40.81 -26.31 24.96
N GLU A 62 40.38 -25.06 25.17
CA GLU A 62 39.94 -24.66 26.49
C GLU A 62 38.68 -25.40 26.90
N GLU A 63 37.71 -25.52 25.98
CA GLU A 63 36.48 -26.23 26.31
C GLU A 63 36.76 -27.69 26.65
N THR A 64 37.68 -28.33 25.91
CA THR A 64 38.02 -29.72 26.18
C THR A 64 38.66 -29.87 27.55
N ARG A 65 39.64 -29.02 27.86
CA ARG A 65 40.25 -29.03 29.19
C ARG A 65 39.19 -28.89 30.29
N LYS A 66 38.30 -27.90 30.15
CA LYS A 66 37.32 -27.63 31.19
C LYS A 66 36.36 -28.79 31.38
N VAL A 67 35.86 -29.37 30.28
CA VAL A 67 34.91 -30.46 30.44
C VAL A 67 35.60 -31.72 30.97
N LYS A 68 36.88 -31.94 30.65
CA LYS A 68 37.55 -33.10 31.22
C LYS A 68 37.71 -32.97 32.72
N ASP A 69 38.15 -31.79 33.19
CA ASP A 69 38.21 -31.55 34.63
C ASP A 69 36.84 -31.69 35.28
N ASN A 70 35.79 -31.17 34.64
CA ASN A 70 34.44 -31.35 35.15
C ASN A 70 34.08 -32.83 35.25
N ALA A 71 34.49 -33.61 34.25
CA ALA A 71 34.20 -35.05 34.25
C ALA A 71 34.82 -35.72 35.46
N GLN A 72 36.09 -35.40 35.75
CA GLN A 72 36.71 -36.00 36.94
C GLN A 72 36.00 -35.54 38.21
N THR A 73 35.55 -34.29 38.21
CA THR A 73 34.77 -33.77 39.34
C THR A 73 33.51 -34.62 39.57
N TYR A 74 32.77 -34.92 38.51
CA TYR A 74 31.54 -35.68 38.66
C TYR A 74 31.84 -37.13 39.02
N GLY A 75 32.98 -37.65 38.56
CA GLY A 75 33.41 -38.97 39.01
C GLY A 75 33.58 -39.02 40.52
N VAL A 76 34.24 -38.01 41.09
CA VAL A 76 34.38 -37.97 42.54
C VAL A 76 33.03 -37.74 43.22
N GLY A 77 32.16 -36.94 42.58
CA GLY A 77 30.86 -36.64 43.16
C GLY A 77 29.98 -37.85 43.29
N LEU A 78 30.04 -38.77 42.31
CA LEU A 78 29.25 -40.00 42.41
C LEU A 78 29.60 -40.79 43.65
N ASN A 79 30.89 -40.94 43.94
CA ASN A 79 31.30 -41.66 45.15
C ASN A 79 30.88 -40.90 46.41
N THR A 80 31.02 -39.58 46.39
CA THR A 80 30.60 -38.80 47.57
C THR A 80 29.11 -39.00 47.85
N LEU A 81 28.27 -38.91 46.81
CA LEU A 81 26.84 -39.06 46.99
C LEU A 81 26.48 -40.48 47.42
N ARG A 82 27.11 -41.49 46.80
CA ARG A 82 26.92 -42.86 47.25
C ARG A 82 27.21 -43.01 48.73
N GLY A 83 28.28 -42.37 49.21
CA GLY A 83 28.55 -42.36 50.63
C GLY A 83 27.44 -41.71 51.44
N TYR A 84 26.95 -40.56 50.98
CA TYR A 84 25.93 -39.82 51.73
C TYR A 84 24.67 -40.64 51.94
N TYR A 85 24.27 -41.44 50.95
CA TYR A 85 23.03 -42.19 51.00
C TYR A 85 23.19 -43.59 51.59
N ASN A 86 24.39 -43.95 52.04
CA ASN A 86 24.66 -45.27 52.61
C ASN A 86 24.32 -46.38 51.61
N GLN A 87 24.71 -46.18 50.35
CA GLN A 87 24.52 -47.16 49.30
C GLN A 87 25.80 -47.95 49.06
N SER A 88 25.64 -49.19 48.61
CA SER A 88 26.77 -50.04 48.29
C SER A 88 27.45 -49.59 46.99
N GLU A 89 28.66 -50.10 46.78
CA GLU A 89 29.36 -49.88 45.52
C GLU A 89 28.91 -50.84 44.42
N ALA A 90 27.91 -51.67 44.71
CA ALA A 90 27.48 -52.69 43.75
C ALA A 90 26.76 -52.09 42.56
N GLY A 91 25.85 -51.14 42.79
CA GLY A 91 24.97 -50.66 41.76
C GLY A 91 25.45 -49.40 41.04
N SER A 92 24.97 -49.22 39.82
CA SER A 92 25.27 -48.03 39.03
C SER A 92 24.33 -46.90 39.43
N HIS A 93 24.87 -45.68 39.44
CA HIS A 93 24.11 -44.49 39.79
C HIS A 93 24.43 -43.37 38.79
N THR A 94 23.60 -42.33 38.82
CA THR A 94 23.70 -41.23 37.88
C THR A 94 23.69 -39.91 38.62
N LEU A 95 24.47 -38.95 38.11
CA LEU A 95 24.52 -37.59 38.62
C LEU A 95 24.35 -36.66 37.43
N GLN A 96 23.24 -35.92 37.41
CA GLN A 96 22.92 -35.00 36.33
C GLN A 96 23.05 -33.56 36.79
N SER A 97 23.41 -32.68 35.86
CA SER A 97 23.45 -31.25 36.12
C SER A 97 22.95 -30.50 34.90
N MET A 98 22.09 -29.51 35.11
CA MET A 98 21.68 -28.61 34.05
C MET A 98 21.92 -27.19 34.53
N PHE A 99 22.58 -26.39 33.70
CA PHE A 99 22.80 -25.00 34.07
C PHE A 99 22.77 -24.14 32.82
N GLY A 100 22.63 -22.84 33.02
CA GLY A 100 22.64 -21.94 31.88
C GLY A 100 22.00 -20.61 32.19
N CYS A 101 21.83 -19.83 31.12
CA CYS A 101 21.50 -18.42 31.22
C CYS A 101 20.56 -18.00 30.11
N TYR A 102 19.68 -17.05 30.42
CA TYR A 102 18.80 -16.41 29.47
C TYR A 102 19.24 -14.97 29.25
N LEU A 103 19.13 -14.50 28.01
CA LEU A 103 19.54 -13.15 27.66
C LEU A 103 18.36 -12.19 27.82
N GLY A 104 18.57 -11.14 28.60
CA GLY A 104 17.58 -10.10 28.77
C GLY A 104 17.59 -9.11 27.63
N PRO A 105 16.63 -8.18 27.66
CA PRO A 105 16.54 -7.19 26.57
C PRO A 105 17.67 -6.18 26.56
N ASP A 106 18.38 -5.99 27.68
CA ASP A 106 19.49 -5.06 27.75
C ASP A 106 20.85 -5.73 27.48
N GLY A 107 20.85 -6.97 27.02
CA GLY A 107 22.08 -7.70 26.83
C GLY A 107 22.68 -8.25 28.11
N LEU A 108 21.89 -8.35 29.18
CA LEU A 108 22.36 -8.85 30.46
C LEU A 108 21.56 -10.09 30.83
N LEU A 109 22.00 -10.73 31.91
CA LEU A 109 21.34 -11.94 32.41
C LEU A 109 19.90 -11.63 32.79
N LEU A 110 18.96 -12.35 32.17
CA LEU A 110 17.57 -12.27 32.58
C LEU A 110 17.25 -13.28 33.66
N HIS A 111 17.64 -14.54 33.45
CA HIS A 111 17.47 -15.59 34.44
C HIS A 111 18.60 -16.59 34.30
N GLY A 112 19.18 -17.00 35.42
CA GLY A 112 20.23 -17.98 35.42
C GLY A 112 19.89 -19.13 36.35
N TYR A 113 20.30 -20.32 35.96
CA TYR A 113 19.90 -21.52 36.70
C TYR A 113 21.03 -22.53 36.76
N ARG A 114 21.03 -23.31 37.84
CA ARG A 114 21.93 -24.42 38.07
C ARG A 114 21.22 -25.44 38.95
N GLN A 115 21.16 -26.69 38.51
CA GLN A 115 20.42 -27.72 39.22
C GLN A 115 21.14 -29.06 39.07
N ASP A 116 21.20 -29.82 40.16
CA ASP A 116 21.83 -31.13 40.21
C ASP A 116 20.84 -32.16 40.74
N ALA A 117 20.89 -33.35 40.14
CA ALA A 117 20.00 -34.45 40.49
C ALA A 117 20.83 -35.72 40.65
N TYR A 118 20.45 -36.55 41.61
CA TYR A 118 21.02 -37.87 41.91
C TYR A 118 20.03 -38.98 41.58
N ASP A 119 20.39 -39.94 40.76
CA ASP A 119 19.50 -41.05 40.30
C ASP A 119 18.13 -40.59 39.82
N GLY A 120 18.05 -39.59 38.98
CA GLY A 120 16.75 -39.05 38.62
C GLY A 120 15.95 -38.07 39.52
N ALA A 121 16.37 -37.78 40.73
CA ALA A 121 15.64 -36.91 41.60
C ALA A 121 16.44 -35.74 42.04
N ASP A 122 15.81 -34.62 42.16
CA ASP A 122 16.39 -33.40 42.68
C ASP A 122 17.34 -33.55 43.85
N TYR A 123 18.57 -33.16 43.68
CA TYR A 123 19.57 -33.19 44.75
C TYR A 123 19.77 -31.79 45.30
N ILE A 124 20.35 -30.87 44.53
CA ILE A 124 20.56 -29.52 45.03
C ILE A 124 20.32 -28.52 43.90
N ALA A 125 19.83 -27.34 44.25
CA ALA A 125 19.50 -26.34 43.24
C ALA A 125 19.92 -24.96 43.71
N LEU A 126 20.45 -24.17 42.78
CA LEU A 126 20.69 -22.76 43.05
C LEU A 126 19.38 -21.98 42.94
N ASN A 127 19.15 -21.09 43.89
CA ASN A 127 17.90 -20.36 43.95
C ASN A 127 17.88 -19.22 42.94
N GLU A 128 16.67 -18.70 42.69
CA GLU A 128 16.50 -17.56 41.79
C GLU A 128 17.48 -16.43 42.10
N ASP A 129 17.66 -16.11 43.38
CA ASP A 129 18.57 -15.04 43.76
C ASP A 129 20.02 -15.33 43.39
N LEU A 130 20.35 -16.57 43.05
CA LEU A 130 21.70 -17.01 42.69
C LEU A 130 22.69 -16.87 43.85
N ARG A 131 22.18 -16.78 45.08
CA ARG A 131 23.03 -16.62 46.25
C ARG A 131 22.82 -17.68 47.32
N SER A 132 21.78 -18.50 47.20
CA SER A 132 21.43 -19.48 48.22
C SER A 132 21.04 -20.78 47.54
N TRP A 133 21.03 -21.86 48.32
CA TRP A 133 20.81 -23.19 47.78
C TRP A 133 19.56 -23.80 48.40
N THR A 134 18.92 -24.66 47.62
CA THR A 134 17.80 -25.46 48.09
C THR A 134 18.25 -26.91 47.97
N ALA A 135 18.39 -27.57 49.12
CA ALA A 135 18.70 -28.99 49.16
C ALA A 135 17.38 -29.73 49.31
N ALA A 136 17.21 -30.76 48.55
CA ALA A 136 16.02 -31.49 48.49
C ALA A 136 15.83 -32.54 49.54
N ASP A 137 16.89 -32.91 50.23
CA ASP A 137 16.89 -33.80 51.39
C ASP A 137 18.06 -33.61 52.28
N MET A 138 18.17 -34.44 53.28
CA MET A 138 19.22 -34.39 54.28
C MET A 138 20.60 -34.77 53.80
N ALA A 139 20.68 -35.56 52.73
CA ALA A 139 21.96 -35.86 52.18
C ALA A 139 22.45 -34.65 51.48
N ALA A 140 21.60 -33.97 50.74
CA ALA A 140 22.04 -32.81 50.06
C ALA A 140 22.30 -31.73 51.04
N GLN A 141 21.82 -31.82 52.27
CA GLN A 141 22.15 -30.69 53.14
C GLN A 141 23.64 -30.65 53.49
N ILE A 142 24.32 -31.80 53.49
CA ILE A 142 25.77 -31.79 53.70
C ILE A 142 26.45 -31.03 52.56
N THR A 143 26.04 -31.31 51.31
CA THR A 143 26.54 -30.55 50.19
C THR A 143 26.16 -29.08 50.30
N LYS A 144 24.93 -28.80 50.76
CA LYS A 144 24.49 -27.42 50.89
C LYS A 144 25.35 -26.65 51.88
N ARG A 145 25.81 -27.33 52.88
CA ARG A 145 26.58 -26.82 53.94
C ARG A 145 28.00 -26.56 53.57
N LYS A 146 28.56 -27.46 52.82
CA LYS A 146 29.89 -27.31 52.36
C LYS A 146 29.94 -26.11 51.43
N TRP A 147 29.03 -26.05 50.45
CA TRP A 147 28.95 -25.00 49.47
C TRP A 147 28.72 -23.60 50.05
N GLU A 148 27.92 -23.51 51.11
CA GLU A 148 27.56 -22.30 51.81
C GLU A 148 28.72 -21.69 52.55
N ALA A 149 29.64 -22.55 52.96
CA ALA A 149 30.82 -22.20 53.68
C ALA A 149 31.95 -21.91 52.74
N ALA A 150 31.84 -22.30 51.50
CA ALA A 150 32.91 -21.98 50.57
C ALA A 150 32.50 -20.96 49.52
N ASN A 151 31.32 -20.32 49.67
CA ASN A 151 30.88 -19.26 48.78
C ASN A 151 30.86 -19.74 47.32
N VAL A 152 30.37 -20.96 47.11
CA VAL A 152 30.30 -21.53 45.78
C VAL A 152 29.28 -20.78 44.93
N ALA A 153 28.16 -20.40 45.55
CA ALA A 153 27.12 -19.65 44.85
C ALA A 153 27.67 -18.41 44.17
N GLU A 154 28.67 -17.77 44.78
CA GLU A 154 29.27 -16.58 44.18
C GLU A 154 29.90 -16.89 42.83
N ARG A 155 30.78 -17.90 42.77
CA ARG A 155 31.39 -18.24 41.49
C ARG A 155 30.35 -18.72 40.48
N ARG A 156 29.37 -19.52 40.92
CA ARG A 156 28.33 -19.93 39.98
C ARG A 156 27.61 -18.71 39.40
N ARG A 157 27.34 -17.72 40.26
CA ARG A 157 26.61 -16.53 39.85
C ARG A 157 27.46 -15.63 38.97
N SER A 158 28.76 -15.55 39.26
CA SER A 158 29.65 -14.74 38.42
C SER A 158 29.87 -15.40 37.06
N TYR A 159 29.79 -16.72 36.99
CA TYR A 159 29.80 -17.39 35.69
C TYR A 159 28.52 -17.08 34.92
N LEU A 160 27.37 -17.24 35.57
CA LEU A 160 26.10 -17.05 34.88
C LEU A 160 25.90 -15.61 34.41
N GLN A 161 26.30 -14.64 35.24
CA GLN A 161 26.16 -13.23 34.88
C GLN A 161 27.21 -12.75 33.88
N GLY A 162 28.36 -13.41 33.83
CA GLY A 162 29.45 -12.99 32.98
C GLY A 162 29.63 -13.86 31.76
N LEU A 163 30.46 -14.90 31.90
CA LEU A 163 30.91 -15.69 30.76
C LEU A 163 29.72 -16.27 29.98
N CYS A 164 28.68 -16.72 30.69
CA CYS A 164 27.56 -17.39 30.04
C CYS A 164 26.84 -16.45 29.08
N VAL A 165 26.38 -15.30 29.59
CA VAL A 165 25.64 -14.38 28.75
C VAL A 165 26.50 -13.87 27.59
N GLU A 166 27.78 -13.62 27.82
CA GLU A 166 28.60 -13.07 26.75
C GLU A 166 28.86 -14.09 25.66
N SER A 167 29.04 -15.36 26.05
CA SER A 167 29.20 -16.38 25.02
C SER A 167 27.88 -16.69 24.34
N LEU A 168 26.75 -16.48 25.02
CA LEU A 168 25.46 -16.64 24.37
C LEU A 168 25.25 -15.56 23.33
N ARG A 169 25.64 -14.32 23.65
CA ARG A 169 25.51 -13.25 22.68
C ARG A 169 26.42 -13.47 21.47
N ARG A 170 27.57 -14.02 21.73
CA ARG A 170 28.55 -14.35 20.76
C ARG A 170 28.09 -15.44 19.84
N TYR A 171 27.35 -16.37 20.39
CA TYR A 171 26.83 -17.49 19.58
C TYR A 171 25.63 -17.06 18.76
N LEU A 172 24.79 -16.20 19.33
CA LEU A 172 23.71 -15.60 18.56
C LEU A 172 24.26 -14.79 17.40
N GLU A 173 25.45 -14.20 17.56
CA GLU A 173 26.04 -13.47 16.44
C GLU A 173 26.67 -14.40 15.41
N MET A 174 27.33 -15.49 15.86
CA MET A 174 28.01 -16.36 14.92
C MET A 174 27.03 -17.11 14.03
N GLY A 175 25.89 -17.50 14.56
CA GLY A 175 24.90 -18.16 13.74
C GLY A 175 23.58 -17.42 13.66
N LYS A 176 23.64 -16.12 13.36
CA LYS A 176 22.41 -15.34 13.26
C LYS A 176 21.53 -15.81 12.12
N ASP A 177 22.10 -16.51 11.14
CA ASP A 177 21.32 -16.97 10.00
C ASP A 177 20.27 -17.98 10.45
N THR A 178 20.66 -18.93 11.30
CA THR A 178 19.78 -20.01 11.70
C THR A 178 19.28 -19.92 13.14
N LEU A 179 19.98 -19.20 14.02
CA LEU A 179 19.62 -19.18 15.43
C LEU A 179 18.55 -18.16 15.75
N GLN A 180 18.52 -17.08 14.99
CA GLN A 180 17.60 -15.98 15.17
C GLN A 180 16.41 -15.99 14.26
N ARG A 181 16.25 -17.09 13.56
CA ARG A 181 15.13 -17.30 12.71
C ARG A 181 14.08 -18.18 13.35
N ALA A 182 12.82 -17.88 13.17
CA ALA A 182 11.82 -18.75 13.66
C ALA A 182 11.31 -19.41 12.43
N GLU A 183 11.25 -20.72 12.46
CA GLU A 183 10.77 -21.38 11.27
C GLU A 183 9.33 -21.85 11.49
N PRO A 184 8.39 -21.41 10.67
CA PRO A 184 6.99 -21.75 10.90
C PRO A 184 6.71 -23.19 10.51
N PRO A 185 5.65 -23.79 11.07
CA PRO A 185 5.31 -25.17 10.71
C PRO A 185 4.64 -25.24 9.33
N LYS A 186 5.06 -26.24 8.57
CA LYS A 186 4.33 -26.64 7.37
C LYS A 186 3.18 -27.55 7.81
N THR A 187 1.94 -27.11 7.58
CA THR A 187 0.78 -27.79 8.11
C THR A 187 -0.04 -28.41 6.99
N HIS A 188 -0.68 -29.53 7.30
CA HIS A 188 -1.67 -30.10 6.38
C HIS A 188 -2.50 -31.13 7.12
N VAL A 189 -3.72 -31.34 6.64
CA VAL A 189 -4.67 -32.28 7.24
C VAL A 189 -4.81 -33.48 6.32
N THR A 190 -4.60 -34.67 6.89
CA THR A 190 -4.82 -35.92 6.16
C THR A 190 -6.09 -36.59 6.67
N ARG A 191 -6.77 -37.26 5.75
CA ARG A 191 -8.04 -37.91 6.02
C ARG A 191 -7.90 -39.41 5.81
N HIS A 192 -8.34 -40.18 6.80
CA HIS A 192 -8.18 -41.64 6.80
C HIS A 192 -9.52 -42.28 7.14
N PRO A 193 -10.26 -42.78 6.13
CA PRO A 193 -11.44 -43.59 6.41
C PRO A 193 -11.07 -44.91 7.05
N SER A 194 -11.07 -44.91 8.38
CA SER A 194 -10.53 -46.00 9.18
C SER A 194 -11.62 -46.63 10.04
N SER A 195 -12.07 -45.95 11.10
CA SER A 195 -12.97 -46.54 12.06
C SER A 195 -14.31 -46.87 11.40
N ASP A 196 -15.14 -47.60 12.13
CA ASP A 196 -16.33 -48.17 11.51
C ASP A 196 -17.27 -47.04 11.14
N LEU A 197 -17.18 -46.60 9.89
CA LEU A 197 -17.84 -45.39 9.41
C LEU A 197 -17.52 -44.21 10.34
N GLY A 198 -16.24 -44.09 10.63
CA GLY A 198 -15.70 -42.92 11.31
C GLY A 198 -14.44 -42.47 10.58
N VAL A 199 -14.31 -41.15 10.41
CA VAL A 199 -13.24 -40.58 9.59
C VAL A 199 -12.20 -39.97 10.50
N THR A 200 -10.94 -40.38 10.34
CA THR A 200 -9.86 -39.82 11.13
C THR A 200 -9.28 -38.63 10.38
N LEU A 201 -9.29 -37.46 11.00
CA LEU A 201 -8.62 -36.28 10.49
C LEU A 201 -7.40 -36.01 11.36
N ARG A 202 -6.24 -35.90 10.72
CA ARG A 202 -4.98 -35.67 11.42
C ARG A 202 -4.34 -34.39 10.90
N CYS A 203 -4.14 -33.43 11.80
CA CYS A 203 -3.51 -32.16 11.49
C CYS A 203 -2.03 -32.24 11.82
N TRP A 204 -1.18 -32.07 10.80
CA TRP A 204 0.27 -32.18 10.90
C TRP A 204 0.90 -30.80 10.85
N ALA A 205 1.87 -30.57 11.74
CA ALA A 205 2.79 -29.44 11.70
C ALA A 205 4.21 -29.98 11.66
N LEU A 206 4.95 -29.63 10.62
CA LEU A 206 6.27 -30.19 10.36
C LEU A 206 7.31 -29.09 10.23
N GLY A 207 8.53 -29.39 10.65
CA GLY A 207 9.65 -28.52 10.34
C GLY A 207 9.64 -27.18 11.03
N PHE A 208 9.04 -27.08 12.21
CA PHE A 208 8.99 -25.82 12.93
C PHE A 208 10.11 -25.73 13.95
N TYR A 209 10.54 -24.49 14.22
CA TYR A 209 11.57 -24.16 15.19
C TYR A 209 11.16 -22.81 15.77
N PRO A 210 11.20 -22.62 17.09
CA PRO A 210 11.64 -23.57 18.13
C PRO A 210 10.60 -24.65 18.49
N LYS A 211 10.80 -25.29 19.65
CA LYS A 211 9.97 -26.43 20.05
C LYS A 211 8.51 -26.05 20.18
N GLU A 212 8.23 -24.95 20.86
CA GLU A 212 6.90 -24.68 21.40
C GLU A 212 5.88 -24.43 20.28
N ILE A 213 4.72 -25.05 20.42
CA ILE A 213 3.67 -25.00 19.39
C ILE A 213 2.36 -25.38 20.06
N SER A 214 1.24 -24.99 19.43
CA SER A 214 -0.10 -25.29 19.93
C SER A 214 -0.94 -25.86 18.79
N LEU A 215 -1.49 -27.06 19.00
CA LEU A 215 -2.30 -27.75 18.00
C LEU A 215 -3.61 -28.18 18.62
N THR A 216 -4.72 -27.63 18.14
CA THR A 216 -6.03 -27.99 18.70
C THR A 216 -7.06 -28.14 17.59
N TRP A 217 -8.13 -28.84 17.87
CA TRP A 217 -9.22 -29.01 16.92
C TRP A 217 -10.41 -28.32 17.58
N GLN A 218 -11.12 -27.48 16.85
CA GLN A 218 -12.26 -26.73 17.37
C GLN A 218 -13.48 -27.11 16.64
N ARG A 219 -14.59 -27.21 17.30
CA ARG A 219 -15.80 -27.58 16.60
C ARG A 219 -16.78 -26.46 16.51
N GLU A 220 -17.17 -26.14 15.29
CA GLU A 220 -18.15 -25.12 15.02
C GLU A 220 -19.41 -25.32 15.85
N GLY A 221 -19.65 -24.44 16.79
CA GLY A 221 -20.79 -24.57 17.64
C GLY A 221 -20.50 -24.83 19.08
N GLN A 222 -19.25 -25.17 19.35
CA GLN A 222 -18.80 -25.34 20.73
C GLN A 222 -17.53 -24.51 20.82
N ASP A 223 -17.31 -23.94 21.99
CA ASP A 223 -16.19 -23.06 22.22
C ASP A 223 -14.93 -23.78 22.71
N GLN A 224 -15.04 -24.68 23.67
CA GLN A 224 -13.85 -25.35 24.15
C GLN A 224 -13.24 -26.15 23.05
N SER A 225 -12.01 -26.59 23.27
CA SER A 225 -11.27 -27.46 22.37
C SER A 225 -11.87 -28.83 22.44
N GLN A 226 -11.81 -29.52 21.38
CA GLN A 226 -12.37 -30.80 21.27
C GLN A 226 -11.38 -31.87 21.67
N ASP A 227 -11.84 -32.95 22.25
CA ASP A 227 -10.99 -34.08 22.60
C ASP A 227 -10.26 -34.63 21.39
N MET A 228 -9.01 -35.02 21.54
CA MET A 228 -8.24 -35.47 20.43
C MET A 228 -7.10 -36.38 20.79
N GLU A 229 -6.41 -36.87 19.79
CA GLU A 229 -5.24 -37.71 19.94
C GLU A 229 -4.08 -36.79 19.66
N LEU A 230 -3.24 -36.55 20.66
CA LEU A 230 -2.17 -35.58 20.54
C LEU A 230 -0.86 -36.23 20.93
N VAL A 231 0.08 -36.30 19.99
CA VAL A 231 1.39 -36.88 20.25
C VAL A 231 2.33 -35.79 20.74
N GLU A 232 3.35 -36.20 21.48
CA GLU A 232 4.32 -35.25 22.00
C GLU A 232 5.18 -34.71 20.88
N THR A 233 5.61 -33.46 21.06
CA THR A 233 6.49 -32.82 20.09
C THR A 233 7.77 -33.63 19.94
N ARG A 234 8.20 -33.81 18.70
CA ARG A 234 9.25 -34.76 18.36
C ARG A 234 10.24 -34.14 17.39
N PRO A 235 11.51 -34.52 17.47
CA PRO A 235 12.52 -33.95 16.57
C PRO A 235 12.42 -34.55 15.18
N SER A 236 12.61 -33.69 14.17
CA SER A 236 12.61 -34.16 12.80
C SER A 236 13.93 -34.79 12.38
N GLY A 237 15.02 -34.47 13.08
CA GLY A 237 16.34 -34.97 12.76
C GLY A 237 17.24 -33.94 12.13
N ASP A 238 16.68 -32.83 11.64
CA ASP A 238 17.45 -31.78 10.99
C ASP A 238 17.50 -30.50 11.82
N GLY A 239 17.16 -30.58 13.10
CA GLY A 239 17.10 -29.41 13.97
C GLY A 239 15.73 -28.82 14.13
N THR A 240 14.74 -29.30 13.39
CA THR A 240 13.36 -28.84 13.53
C THR A 240 12.53 -29.88 14.28
N PHE A 241 11.25 -29.58 14.45
CA PHE A 241 10.36 -30.43 15.22
C PHE A 241 9.05 -30.62 14.45
N GLN A 242 8.29 -31.64 14.87
CA GLN A 242 7.00 -31.90 14.25
C GLN A 242 6.04 -32.41 15.31
N LYS A 243 4.75 -32.36 14.96
CA LYS A 243 3.68 -32.71 15.87
C LYS A 243 2.43 -32.94 15.04
N TRP A 244 1.49 -33.68 15.60
CA TRP A 244 0.18 -33.78 14.97
C TRP A 244 -0.90 -34.00 16.02
N ALA A 245 -2.13 -33.67 15.64
CA ALA A 245 -3.29 -33.87 16.48
C ALA A 245 -4.40 -34.44 15.62
N ALA A 246 -4.99 -35.56 16.06
CA ALA A 246 -5.99 -36.25 15.27
C ALA A 246 -7.27 -36.45 16.06
N LEU A 247 -8.37 -36.58 15.32
CA LEU A 247 -9.66 -36.90 15.90
C LEU A 247 -10.54 -37.52 14.84
N VAL A 248 -11.52 -38.30 15.27
CA VAL A 248 -12.41 -39.02 14.37
C VAL A 248 -13.80 -38.39 14.43
N VAL A 249 -14.36 -38.08 13.28
CA VAL A 249 -15.65 -37.42 13.18
C VAL A 249 -16.55 -38.27 12.29
N PRO A 250 -17.86 -38.09 12.37
CA PRO A 250 -18.76 -38.85 11.49
C PRO A 250 -18.47 -38.56 10.04
N PRO A 251 -18.72 -39.53 9.13
CA PRO A 251 -18.18 -39.44 7.76
C PRO A 251 -18.84 -38.40 6.88
N GLY A 252 -19.58 -37.47 7.48
CA GLY A 252 -20.20 -36.39 6.73
C GLY A 252 -19.80 -35.02 7.23
N GLU A 253 -19.08 -34.97 8.35
CA GLU A 253 -18.83 -33.73 9.07
C GLU A 253 -17.42 -33.20 8.85
N GLU A 254 -16.81 -33.53 7.71
CA GLU A 254 -15.41 -33.18 7.46
C GLU A 254 -15.14 -31.70 7.69
N GLN A 255 -15.92 -30.81 7.07
CA GLN A 255 -15.65 -29.38 7.20
C GLN A 255 -16.42 -28.72 8.35
N SER A 256 -16.84 -29.48 9.34
CA SER A 256 -17.30 -28.87 10.58
C SER A 256 -16.17 -28.72 11.58
N TYR A 257 -14.98 -29.19 11.24
CA TYR A 257 -13.86 -29.24 12.17
C TYR A 257 -12.70 -28.45 11.61
N THR A 258 -12.05 -27.69 12.49
CA THR A 258 -10.93 -26.84 12.13
C THR A 258 -9.77 -27.09 13.08
N CYS A 259 -8.58 -27.31 12.52
CA CYS A 259 -7.36 -27.40 13.29
C CYS A 259 -6.72 -26.02 13.38
N HIS A 260 -6.42 -25.61 14.61
CA HIS A 260 -5.79 -24.33 14.91
C HIS A 260 -4.36 -24.57 15.35
N VAL A 261 -3.44 -23.83 14.72
CA VAL A 261 -2.00 -23.96 14.94
C VAL A 261 -1.46 -22.61 15.41
N GLN A 262 -0.77 -22.62 16.54
CA GLN A 262 -0.15 -21.42 17.10
C GLN A 262 1.34 -21.66 17.24
N HIS A 263 2.14 -20.84 16.55
CA HIS A 263 3.59 -20.93 16.59
C HIS A 263 4.17 -19.55 16.33
N GLU A 264 5.28 -19.24 17.01
CA GLU A 264 5.87 -17.91 16.88
C GLU A 264 6.44 -17.64 15.50
N GLY A 265 6.55 -18.64 14.65
CA GLY A 265 6.93 -18.44 13.27
C GLY A 265 5.80 -18.02 12.36
N LEU A 266 4.57 -18.07 12.86
CA LEU A 266 3.40 -17.69 12.09
C LEU A 266 3.04 -16.24 12.41
N GLN A 267 2.74 -15.47 11.37
CA GLN A 267 2.34 -14.08 11.57
C GLN A 267 0.99 -13.99 12.29
N GLU A 268 0.14 -15.01 12.13
CA GLU A 268 -1.13 -15.09 12.82
C GLU A 268 -1.49 -16.56 12.98
N PRO A 269 -2.30 -16.90 13.98
CA PRO A 269 -2.73 -18.29 14.15
C PRO A 269 -3.32 -18.88 12.88
N LEU A 270 -3.16 -20.18 12.70
CA LEU A 270 -3.48 -20.89 11.48
C LEU A 270 -4.73 -21.75 11.66
N THR A 271 -5.52 -21.85 10.60
CA THR A 271 -6.79 -22.58 10.59
C THR A 271 -6.85 -23.45 9.34
N LEU A 272 -7.00 -24.77 9.55
CA LEU A 272 -7.11 -25.71 8.44
C LEU A 272 -8.37 -26.54 8.63
N ARG A 273 -8.84 -27.13 7.54
CA ARG A 273 -10.07 -27.92 7.59
C ARG A 273 -10.06 -29.08 6.60
N ALA B 1 12.61 -45.53 38.86
CA ALA B 1 12.73 -45.93 37.47
C ALA B 1 11.54 -45.44 36.66
N ARG B 2 11.79 -45.03 35.42
CA ARG B 2 10.74 -44.51 34.56
C ARG B 2 10.82 -45.18 33.20
N PRO B 3 9.71 -45.67 32.66
CA PRO B 3 9.74 -46.41 31.40
C PRO B 3 9.85 -45.48 30.21
N PRO B 4 10.46 -45.95 29.12
CA PRO B 4 10.61 -45.11 27.92
C PRO B 4 9.33 -45.02 27.09
N LYS B 5 9.06 -43.81 26.60
CA LYS B 5 8.08 -43.56 25.56
C LYS B 5 8.79 -43.65 24.21
N VAL B 6 8.12 -44.27 23.23
CA VAL B 6 8.72 -44.55 21.93
C VAL B 6 7.82 -44.01 20.84
N GLN B 7 8.40 -43.23 19.92
CA GLN B 7 7.71 -42.77 18.72
C GLN B 7 8.56 -43.14 17.51
N VAL B 8 7.93 -43.69 16.48
CA VAL B 8 8.61 -44.03 15.22
C VAL B 8 7.93 -43.26 14.10
N TYR B 9 8.73 -42.60 13.26
CA TYR B 9 8.13 -41.68 12.29
C TYR B 9 9.15 -41.27 11.24
N SER B 10 8.64 -40.76 10.13
CA SER B 10 9.49 -40.23 9.08
C SER B 10 9.66 -38.72 9.26
N ARG B 11 10.81 -38.21 8.78
CA ARG B 11 11.05 -36.77 8.83
C ARG B 11 10.09 -36.01 7.92
N HIS B 12 9.87 -36.53 6.71
CA HIS B 12 8.98 -35.97 5.73
C HIS B 12 7.81 -36.92 5.50
N PRO B 13 6.66 -36.42 5.04
CA PRO B 13 5.54 -37.31 4.74
C PRO B 13 5.94 -38.40 3.77
N ALA B 14 5.65 -39.65 4.15
CA ALA B 14 6.14 -40.81 3.42
C ALA B 14 5.51 -40.88 2.03
N GLU B 15 6.37 -40.92 1.00
CA GLU B 15 5.96 -41.12 -0.37
C GLU B 15 6.68 -42.36 -0.90
N ASN B 16 5.95 -43.28 -1.47
CA ASN B 16 6.51 -44.51 -2.02
C ASN B 16 7.53 -44.29 -3.09
N GLY B 17 8.70 -44.84 -2.87
CA GLY B 17 9.79 -44.74 -3.78
C GLY B 17 10.70 -43.57 -3.56
N LYS B 18 10.29 -42.65 -2.69
CA LYS B 18 11.06 -41.46 -2.42
C LYS B 18 11.83 -41.46 -1.12
N PRO B 19 13.13 -41.21 -1.20
CA PRO B 19 14.13 -41.13 -0.13
C PRO B 19 13.70 -40.21 0.99
N ASN B 20 13.97 -40.59 2.22
CA ASN B 20 13.50 -39.87 3.36
C ASN B 20 14.37 -40.16 4.59
N TYR B 21 13.82 -40.01 5.75
CA TYR B 21 14.58 -40.23 6.97
C TYR B 21 13.66 -40.83 8.02
N LEU B 22 14.12 -41.92 8.65
CA LEU B 22 13.35 -42.66 9.64
C LEU B 22 13.93 -42.39 11.01
N ASN B 23 13.05 -42.04 11.96
CA ASN B 23 13.42 -41.61 13.30
C ASN B 23 12.70 -42.49 14.32
N CYS B 24 13.42 -42.82 15.39
CA CYS B 24 12.89 -43.44 16.59
C CYS B 24 13.29 -42.56 17.76
N TYR B 25 12.30 -41.86 18.31
CA TYR B 25 12.49 -40.94 19.42
C TYR B 25 12.04 -41.62 20.71
N VAL B 26 12.98 -41.81 21.63
CA VAL B 26 12.72 -42.48 22.90
C VAL B 26 12.96 -41.46 24.00
N SER B 27 11.95 -41.25 24.86
CA SER B 27 12.04 -40.18 25.84
C SER B 27 11.42 -40.61 27.18
N GLY B 28 11.70 -39.80 28.21
CA GLY B 28 11.06 -39.99 29.50
C GLY B 28 11.53 -41.16 30.32
N PHE B 29 12.73 -41.69 30.06
CA PHE B 29 13.18 -42.90 30.74
C PHE B 29 14.32 -42.61 31.70
N HIS B 30 14.40 -43.45 32.74
CA HIS B 30 15.48 -43.45 33.71
C HIS B 30 15.50 -44.84 34.33
N PRO B 31 16.68 -45.47 34.51
CA PRO B 31 18.05 -45.00 34.26
C PRO B 31 18.40 -44.80 32.78
N PRO B 32 19.54 -44.16 32.49
CA PRO B 32 19.88 -43.84 31.10
C PRO B 32 20.29 -45.05 30.27
N GLN B 33 20.62 -46.18 30.89
CA GLN B 33 21.04 -47.35 30.14
C GLN B 33 19.87 -47.90 29.34
N ILE B 34 20.03 -47.92 28.01
CA ILE B 34 18.94 -48.26 27.11
C ILE B 34 19.56 -48.78 25.81
N GLU B 35 18.84 -49.67 25.13
CA GLU B 35 19.21 -50.13 23.80
C GLU B 35 18.10 -49.77 22.82
N ILE B 36 18.45 -49.07 21.75
CA ILE B 36 17.48 -48.61 20.75
C ILE B 36 17.98 -49.01 19.37
N ASP B 37 17.17 -49.74 18.62
CA ASP B 37 17.55 -50.19 17.29
C ASP B 37 16.39 -49.99 16.32
N LEU B 38 16.72 -49.57 15.10
CA LEU B 38 15.75 -49.48 14.03
C LEU B 38 15.83 -50.76 13.20
N LEU B 39 14.66 -51.29 12.85
CA LEU B 39 14.56 -52.59 12.20
C LEU B 39 13.84 -52.46 10.86
N LYS B 40 14.40 -53.08 9.83
CA LYS B 40 13.75 -53.23 8.53
C LYS B 40 13.43 -54.71 8.35
N ASN B 41 12.13 -55.02 8.32
CA ASN B 41 11.65 -56.40 8.28
C ASN B 41 12.33 -57.27 9.34
N GLY B 42 12.45 -56.73 10.54
CA GLY B 42 12.98 -57.44 11.68
C GLY B 42 14.49 -57.42 11.83
N GLU B 43 15.24 -57.02 10.81
CA GLU B 43 16.70 -57.01 10.88
C GLU B 43 17.21 -55.62 11.21
N LYS B 44 18.26 -55.57 12.01
CA LYS B 44 18.78 -54.30 12.50
C LYS B 44 19.32 -53.43 11.37
N MET B 45 18.97 -52.15 11.40
CA MET B 45 19.47 -51.18 10.44
C MET B 45 20.63 -50.41 11.04
N ASN B 46 21.52 -49.94 10.17
CA ASN B 46 22.60 -49.06 10.60
C ASN B 46 22.09 -47.63 10.67
N ALA B 47 22.15 -47.04 11.86
CA ALA B 47 21.55 -45.74 12.12
C ALA B 47 22.40 -45.00 13.13
N GLU B 48 22.24 -43.68 13.15
CA GLU B 48 22.96 -42.83 14.09
C GLU B 48 22.14 -42.64 15.35
N GLN B 49 22.85 -42.47 16.47
CA GLN B 49 22.23 -42.21 17.76
C GLN B 49 22.66 -40.83 18.24
N SER B 50 21.70 -40.04 18.70
CA SER B 50 22.01 -38.71 19.21
C SER B 50 22.79 -38.82 20.53
N ASP B 51 23.35 -37.69 20.94
CA ASP B 51 24.05 -37.64 22.22
C ASP B 51 23.04 -37.63 23.36
N LEU B 52 23.37 -38.37 24.43
CA LEU B 52 22.46 -38.49 25.56
C LEU B 52 22.13 -37.13 26.14
N SER B 53 20.84 -36.86 26.33
CA SER B 53 20.38 -35.63 26.95
C SER B 53 19.16 -35.96 27.81
N PHE B 54 18.61 -34.92 28.46
CA PHE B 54 17.47 -35.13 29.32
C PHE B 54 16.63 -33.86 29.38
N SER B 55 15.38 -34.02 29.79
CA SER B 55 14.40 -32.95 29.83
C SER B 55 14.43 -32.22 31.18
N LYS B 56 13.42 -31.36 31.41
CA LYS B 56 13.40 -30.54 32.60
C LYS B 56 13.07 -31.34 33.86
N ASP B 57 12.44 -32.50 33.71
CA ASP B 57 12.18 -33.39 34.84
C ASP B 57 13.25 -34.46 35.02
N TRP B 58 14.41 -34.27 34.39
CA TRP B 58 15.61 -35.10 34.48
C TRP B 58 15.49 -36.39 33.66
N SER B 59 14.32 -36.74 33.14
CA SER B 59 14.20 -37.94 32.32
C SER B 59 14.96 -37.77 31.01
N PHE B 60 15.58 -38.86 30.55
CA PHE B 60 16.47 -38.84 29.40
C PHE B 60 15.70 -39.01 28.09
N TYR B 61 16.34 -38.61 26.99
CA TYR B 61 15.79 -38.86 25.67
C TYR B 61 16.92 -39.06 24.66
N LEU B 62 16.66 -39.91 23.67
CA LEU B 62 17.58 -40.23 22.60
C LEU B 62 16.81 -40.29 21.28
N LEU B 63 17.53 -40.05 20.19
CA LEU B 63 16.97 -40.11 18.85
C LEU B 63 17.87 -41.01 18.01
N VAL B 64 17.29 -42.05 17.42
CA VAL B 64 18.00 -42.94 16.51
C VAL B 64 17.42 -42.74 15.12
N HIS B 65 18.26 -42.41 14.15
CA HIS B 65 17.73 -41.99 12.86
C HIS B 65 18.64 -42.48 11.74
N THR B 66 18.04 -42.69 10.58
CA THR B 66 18.81 -43.10 9.41
C THR B 66 18.03 -42.79 8.14
N GLU B 67 18.76 -42.70 7.03
CA GLU B 67 18.11 -42.56 5.74
C GLU B 67 17.39 -43.84 5.37
N PHE B 68 16.25 -43.71 4.70
CA PHE B 68 15.51 -44.89 4.24
C PHE B 68 14.57 -44.49 3.12
N THR B 69 14.20 -45.48 2.31
CA THR B 69 13.27 -45.27 1.20
C THR B 69 12.06 -46.16 1.39
N PRO B 70 10.92 -45.62 1.82
CA PRO B 70 9.76 -46.46 2.09
C PRO B 70 9.08 -46.92 0.82
N ASN B 71 8.56 -48.15 0.86
CA ASN B 71 7.73 -48.70 -0.19
C ASN B 71 6.60 -49.50 0.45
N ALA B 72 5.80 -50.15 -0.39
CA ALA B 72 4.65 -50.91 0.07
C ALA B 72 5.00 -52.34 0.49
N VAL B 73 6.29 -52.66 0.61
CA VAL B 73 6.74 -54.01 0.91
C VAL B 73 7.50 -54.06 2.23
N ASP B 74 8.52 -53.23 2.39
CA ASP B 74 9.39 -53.33 3.55
C ASP B 74 8.69 -52.82 4.80
N GLN B 75 8.87 -53.54 5.90
CA GLN B 75 8.25 -53.20 7.17
C GLN B 75 9.33 -52.63 8.09
N TYR B 76 9.02 -51.50 8.73
CA TYR B 76 9.97 -50.83 9.61
C TYR B 76 9.41 -50.74 11.02
N SER B 77 10.32 -50.82 11.99
CA SER B 77 9.94 -50.79 13.40
C SER B 77 11.12 -50.29 14.22
N CYS B 78 10.89 -50.13 15.51
CA CYS B 78 11.93 -49.76 16.46
C CYS B 78 11.81 -50.63 17.70
N ARG B 79 12.94 -51.16 18.15
CA ARG B 79 13.00 -52.03 19.33
C ARG B 79 13.81 -51.34 20.41
N VAL B 80 13.26 -51.32 21.63
CA VAL B 80 13.86 -50.65 22.78
C VAL B 80 13.93 -51.63 23.94
N LYS B 81 15.14 -51.79 24.49
CA LYS B 81 15.38 -52.58 25.69
C LYS B 81 15.73 -51.65 26.84
N HIS B 82 14.97 -51.75 27.93
CA HIS B 82 15.18 -50.94 29.12
C HIS B 82 14.79 -51.78 30.33
N VAL B 83 15.38 -51.45 31.49
CA VAL B 83 15.18 -52.26 32.69
C VAL B 83 13.71 -52.35 33.06
N THR B 84 12.92 -51.32 32.76
CA THR B 84 11.51 -51.29 33.15
C THR B 84 10.64 -52.16 32.26
N LEU B 85 11.13 -52.59 31.10
CA LEU B 85 10.37 -53.39 30.16
C LEU B 85 10.78 -54.85 30.31
N ASP B 86 9.84 -55.70 30.73
CA ASP B 86 10.13 -57.13 30.83
C ASP B 86 10.45 -57.73 29.47
N LYS B 87 9.78 -57.25 28.43
CA LYS B 87 10.07 -57.65 27.06
C LYS B 87 10.50 -56.41 26.26
N PRO B 88 11.35 -56.59 25.24
CA PRO B 88 11.72 -55.45 24.39
C PRO B 88 10.51 -54.83 23.72
N LYS B 89 10.34 -53.52 23.91
CA LYS B 89 9.22 -52.79 23.34
C LYS B 89 9.47 -52.53 21.85
N ILE B 90 8.59 -53.05 21.00
CA ILE B 90 8.69 -52.89 19.55
C ILE B 90 7.51 -52.06 19.07
N VAL B 91 7.80 -50.99 18.33
CA VAL B 91 6.79 -50.11 17.76
C VAL B 91 6.96 -50.10 16.25
N LYS B 92 5.91 -50.50 15.53
CA LYS B 92 5.94 -50.53 14.07
C LYS B 92 5.78 -49.13 13.48
N TRP B 93 6.48 -48.89 12.37
CA TRP B 93 6.34 -47.63 11.66
C TRP B 93 5.08 -47.62 10.81
N ASP B 94 4.41 -46.47 10.77
CA ASP B 94 3.18 -46.29 10.00
C ASP B 94 3.17 -44.87 9.43
N ARG B 95 2.96 -44.76 8.12
CA ARG B 95 3.02 -43.45 7.47
C ARG B 95 1.91 -42.50 7.96
N ASP B 96 0.87 -43.02 8.62
CA ASP B 96 -0.20 -42.16 9.13
C ASP B 96 -0.15 -41.94 10.63
N HIS B 97 0.35 -42.91 11.39
CA HIS B 97 0.32 -42.90 12.86
C HIS B 97 -1.11 -43.01 13.37
N ARG C 1 35.30 -20.15 25.45
CA ARG C 1 34.40 -19.42 26.28
C ARG C 1 32.96 -19.88 26.47
N VAL C 2 32.70 -20.99 27.09
CA VAL C 2 31.32 -21.37 27.32
C VAL C 2 31.10 -22.18 28.60
N GLU C 3 31.95 -23.10 28.98
CA GLU C 3 31.74 -23.88 30.20
C GLU C 3 32.38 -23.30 31.47
N ASP C 4 31.67 -23.33 32.55
CA ASP C 4 32.21 -22.94 33.81
C ASP C 4 33.55 -23.74 34.07
N VAL C 5 34.65 -23.00 34.28
CA VAL C 5 35.97 -23.56 34.59
C VAL C 5 35.96 -23.90 36.07
N THR C 6 35.66 -25.15 36.41
CA THR C 6 35.55 -25.49 37.81
C THR C 6 36.91 -25.94 38.30
N ASN C 7 37.41 -25.24 39.30
CA ASN C 7 38.63 -25.52 40.03
C ASN C 7 38.24 -25.32 41.49
N THR C 8 38.61 -26.26 42.34
CA THR C 8 38.18 -26.30 43.73
C THR C 8 36.83 -27.01 43.81
N ALA C 9 36.44 -27.64 42.71
CA ALA C 9 35.25 -28.45 42.65
C ALA C 9 35.76 -29.89 42.55
N GLU C 10 34.99 -30.76 43.20
CA GLU C 10 35.01 -32.21 43.47
C GLU C 10 34.60 -31.80 44.86
N TYR C 11 33.42 -31.22 44.97
CA TYR C 11 33.09 -30.59 46.23
C TYR C 11 31.63 -30.77 46.63
N TRP C 12 30.99 -31.87 46.24
CA TRP C 12 29.60 -32.08 46.62
C TRP C 12 29.46 -32.38 48.10
N GLY D 1 5.13 32.11 23.50
CA GLY D 1 5.43 31.87 24.90
C GLY D 1 6.91 31.96 25.21
N PRO D 2 7.29 31.68 26.46
CA PRO D 2 8.70 31.77 26.83
C PRO D 2 9.51 30.58 26.31
N HIS D 3 10.68 30.89 25.76
CA HIS D 3 11.52 29.83 25.23
C HIS D 3 12.18 29.05 26.38
N SER D 4 12.69 27.86 26.05
CA SER D 4 13.09 26.90 27.06
C SER D 4 14.41 26.23 26.69
N LEU D 5 15.21 25.93 27.70
CA LEU D 5 16.37 25.07 27.57
C LEU D 5 16.26 23.96 28.62
N SER D 6 16.18 22.72 28.17
CA SER D 6 15.85 21.59 29.02
C SER D 6 16.81 20.44 28.78
N TYR D 7 17.04 19.66 29.84
CA TYR D 7 17.94 18.52 29.80
C TYR D 7 17.32 17.33 30.52
N PHE D 8 17.42 16.17 29.88
CA PHE D 8 16.87 14.92 30.38
C PHE D 8 17.99 13.90 30.47
N TYR D 9 18.24 13.44 31.69
CA TYR D 9 19.26 12.45 32.01
C TYR D 9 18.56 11.16 32.40
N THR D 10 19.00 10.04 31.83
CA THR D 10 18.53 8.72 32.21
C THR D 10 19.75 7.87 32.55
N ALA D 11 19.76 7.31 33.76
CA ALA D 11 20.80 6.40 34.21
C ALA D 11 20.17 5.06 34.53
N VAL D 12 20.68 4.00 33.91
CA VAL D 12 20.18 2.65 34.11
C VAL D 12 21.32 1.83 34.72
N SER D 13 21.13 1.34 35.94
CA SER D 13 22.12 0.47 36.52
C SER D 13 22.22 -0.83 35.74
N ARG D 14 23.44 -1.36 35.62
CA ARG D 14 23.60 -2.71 35.12
C ARG D 14 24.12 -3.59 36.23
N PRO D 15 23.29 -4.44 36.83
CA PRO D 15 23.78 -5.29 37.92
C PRO D 15 24.90 -6.26 37.55
N ASP D 16 24.93 -6.78 36.36
CA ASP D 16 25.93 -7.67 35.96
C ASP D 16 27.27 -6.97 36.11
N ARG D 17 27.51 -6.07 35.21
CA ARG D 17 28.75 -5.34 35.16
C ARG D 17 29.36 -4.33 36.14
N GLY D 18 28.70 -3.81 37.16
CA GLY D 18 29.33 -2.78 38.00
C GLY D 18 29.11 -1.30 37.65
N ASP D 19 28.92 -0.98 36.39
CA ASP D 19 28.62 0.27 35.81
C ASP D 19 27.18 0.57 35.53
N SER D 20 26.97 1.61 34.81
CA SER D 20 25.60 2.03 34.50
C SER D 20 25.56 2.73 33.15
N ARG D 21 24.48 2.49 32.39
CA ARG D 21 24.25 3.20 31.14
C ARG D 21 23.76 4.60 31.43
N PHE D 22 24.29 5.58 30.70
CA PHE D 22 23.93 6.97 30.89
C PHE D 22 23.59 7.58 29.55
N ILE D 23 22.43 8.21 29.46
CA ILE D 23 21.97 8.88 28.25
C ILE D 23 21.50 10.28 28.61
N ALA D 24 21.95 11.28 27.86
CA ALA D 24 21.57 12.65 28.07
C ALA D 24 21.05 13.25 26.77
N VAL D 25 19.94 13.98 26.84
CA VAL D 25 19.40 14.67 25.69
C VAL D 25 19.07 16.11 26.08
N GLY D 26 19.33 17.03 25.16
CA GLY D 26 19.10 18.45 25.39
C GLY D 26 18.16 19.03 24.37
N TYR D 27 17.23 19.86 24.84
CA TYR D 27 16.22 20.47 23.99
C TYR D 27 16.25 21.98 24.17
N VAL D 28 16.08 22.70 23.07
CA VAL D 28 15.64 24.09 23.09
C VAL D 28 14.19 24.06 22.62
N ASP D 29 13.27 24.38 23.53
CA ASP D 29 11.83 24.27 23.30
C ASP D 29 11.53 22.81 22.95
N ASP D 30 10.96 22.51 21.79
CA ASP D 30 10.65 21.14 21.39
C ASP D 30 11.69 20.57 20.43
N THR D 31 12.84 21.23 20.28
CA THR D 31 13.87 20.80 19.33
C THR D 31 15.05 20.20 20.09
N GLN D 32 15.27 18.89 19.91
CA GLN D 32 16.47 18.27 20.46
C GLN D 32 17.68 18.73 19.66
N PHE D 33 18.74 19.14 20.37
CA PHE D 33 19.93 19.65 19.69
C PHE D 33 21.23 18.97 20.08
N VAL D 34 21.29 18.24 21.20
CA VAL D 34 22.50 17.53 21.59
C VAL D 34 22.12 16.19 22.20
N ARG D 35 23.09 15.27 22.24
CA ARG D 35 22.89 13.95 22.80
C ARG D 35 24.21 13.43 23.36
N PHE D 36 24.11 12.51 24.33
CA PHE D 36 25.27 11.83 24.86
C PHE D 36 24.86 10.42 25.26
N ASP D 37 25.75 9.46 25.00
CA ASP D 37 25.51 8.06 25.34
C ASP D 37 26.86 7.42 25.65
N ASN D 38 27.01 6.90 26.87
CA ASN D 38 28.26 6.28 27.29
C ASN D 38 28.39 4.83 26.84
N TYR D 39 27.40 4.29 26.13
CA TYR D 39 27.44 2.89 25.71
C TYR D 39 28.54 2.66 24.68
N ALA D 40 28.68 3.58 23.73
CA ALA D 40 29.68 3.48 22.68
C ALA D 40 31.05 3.97 23.18
N PRO D 41 32.14 3.35 22.74
CA PRO D 41 33.47 3.80 23.15
C PRO D 41 33.77 5.19 22.58
N ASN D 42 34.67 5.89 23.26
CA ASN D 42 34.99 7.28 22.97
C ASN D 42 33.72 8.14 22.93
N PRO D 43 32.92 8.12 24.01
CA PRO D 43 31.62 8.80 23.94
C PRO D 43 31.78 10.31 24.03
N ARG D 44 30.98 11.01 23.25
CA ARG D 44 31.02 12.46 23.16
C ARG D 44 29.61 13.03 23.16
N MET D 45 29.49 14.26 23.62
CA MET D 45 28.30 15.04 23.35
C MET D 45 28.24 15.34 21.86
N GLU D 46 27.11 15.05 21.23
CA GLU D 46 27.06 15.15 19.78
C GLU D 46 25.93 16.07 19.32
N PRO D 47 26.12 16.77 18.21
CA PRO D 47 25.03 17.60 17.68
C PRO D 47 23.92 16.77 17.07
N ARG D 48 22.71 17.32 17.11
CA ARG D 48 21.56 16.72 16.44
C ARG D 48 20.79 17.70 15.57
N VAL D 49 21.25 18.94 15.44
CA VAL D 49 20.69 19.91 14.50
C VAL D 49 21.84 20.71 13.89
N PRO D 50 21.62 21.27 12.69
CA PRO D 50 22.71 22.04 12.05
C PRO D 50 23.19 23.25 12.82
N TRP D 51 22.29 24.02 13.44
CA TRP D 51 22.71 25.33 13.97
C TRP D 51 23.69 25.18 15.12
N ILE D 52 23.52 24.16 15.98
CA ILE D 52 24.43 23.98 17.10
C ILE D 52 25.85 23.71 16.62
N GLN D 53 26.01 23.25 15.37
CA GLN D 53 27.33 23.01 14.82
C GLN D 53 28.13 24.30 14.63
N GLN D 54 27.50 25.47 14.73
CA GLN D 54 28.27 26.71 14.70
C GLN D 54 29.26 26.80 15.84
N GLU D 55 29.12 25.97 16.87
CA GLU D 55 30.04 25.98 17.99
C GLU D 55 31.32 25.24 17.62
N GLY D 56 32.44 25.69 18.20
CA GLY D 56 33.73 25.13 17.90
C GLY D 56 34.05 23.94 18.78
N GLN D 57 35.26 23.41 18.59
CA GLN D 57 35.74 22.28 19.38
C GLN D 57 35.57 22.54 20.88
N ASP D 58 36.07 23.68 21.34
CA ASP D 58 36.11 23.99 22.77
C ASP D 58 34.76 23.73 23.45
N TYR D 59 33.67 24.10 22.77
CA TYR D 59 32.34 23.85 23.30
C TYR D 59 32.09 22.37 23.51
N TRP D 60 32.26 21.57 22.45
CA TRP D 60 31.98 20.14 22.52
C TRP D 60 32.85 19.45 23.54
N ASP D 61 34.12 19.86 23.65
CA ASP D 61 35.01 19.24 24.61
C ASP D 61 34.60 19.53 26.04
N GLU D 62 34.23 20.79 26.34
CA GLU D 62 33.80 21.10 27.69
C GLU D 62 32.50 20.37 28.03
N GLU D 63 31.56 20.34 27.08
CA GLU D 63 30.30 19.63 27.31
C GLU D 63 30.55 18.15 27.55
N THR D 64 31.47 17.54 26.78
CA THR D 64 31.78 16.13 26.95
C THR D 64 32.37 15.86 28.32
N ARG D 65 33.34 16.67 28.74
CA ARG D 65 33.92 16.54 30.07
C ARG D 65 32.83 16.57 31.14
N LYS D 66 31.96 17.59 31.07
CA LYS D 66 30.94 17.75 32.11
C LYS D 66 29.95 16.59 32.13
N VAL D 67 29.50 16.14 30.94
CA VAL D 67 28.52 15.06 30.93
C VAL D 67 29.14 13.73 31.35
N LYS D 68 30.42 13.51 31.07
CA LYS D 68 31.05 12.28 31.56
C LYS D 68 31.15 12.28 33.09
N ASP D 69 31.55 13.43 33.65
CA ASP D 69 31.51 13.58 35.10
C ASP D 69 30.11 13.32 35.64
N ASN D 70 29.09 13.86 34.96
CA ASN D 70 27.70 13.62 35.37
C ASN D 70 27.36 12.14 35.34
N ALA D 71 27.81 11.43 34.31
CA ALA D 71 27.53 10.00 34.20
C ALA D 71 28.09 9.23 35.39
N GLN D 72 29.34 9.51 35.75
CA GLN D 72 29.92 8.81 36.90
C GLN D 72 29.20 9.19 38.19
N THR D 73 28.84 10.47 38.33
CA THR D 73 28.06 10.90 39.48
C THR D 73 26.74 10.15 39.60
N TYR D 74 26.04 9.98 38.47
CA TYR D 74 24.75 9.30 38.50
C TYR D 74 24.90 7.80 38.74
N GLY D 75 26.00 7.19 38.29
CA GLY D 75 26.26 5.81 38.69
C GLY D 75 26.38 5.67 40.20
N VAL D 76 27.15 6.57 40.81
CA VAL D 76 27.26 6.52 42.27
C VAL D 76 25.90 6.81 42.91
N GLY D 77 25.11 7.69 42.31
CA GLY D 77 23.79 7.98 42.85
C GLY D 77 22.86 6.77 42.78
N LEU D 78 22.95 6.00 41.70
CA LEU D 78 22.17 4.77 41.61
C LEU D 78 22.55 3.82 42.74
N ASN D 79 23.86 3.69 43.01
CA ASN D 79 24.26 2.83 44.11
C ASN D 79 23.75 3.35 45.46
N THR D 80 23.83 4.67 45.66
CA THR D 80 23.34 5.28 46.89
C THR D 80 21.84 5.00 47.08
N LEU D 81 21.06 5.20 46.03
CA LEU D 81 19.62 4.98 46.12
C LEU D 81 19.29 3.52 46.37
N ARG D 82 19.96 2.61 45.67
CA ARG D 82 19.79 1.19 45.95
C ARG D 82 20.03 0.89 47.42
N GLY D 83 21.06 1.51 48.01
CA GLY D 83 21.26 1.39 49.45
C GLY D 83 20.10 1.93 50.25
N TYR D 84 19.60 3.13 49.88
CA TYR D 84 18.56 3.79 50.65
C TYR D 84 17.29 2.93 50.75
N TYR D 85 16.92 2.26 49.67
CA TYR D 85 15.70 1.47 49.65
C TYR D 85 15.93 0.01 50.03
N ASN D 86 17.17 -0.36 50.35
CA ASN D 86 17.52 -1.73 50.75
C ASN D 86 17.05 -2.74 49.71
N GLN D 87 17.32 -2.44 48.45
CA GLN D 87 16.99 -3.33 47.35
C GLN D 87 18.20 -4.19 47.04
N SER D 88 17.95 -5.38 46.49
CA SER D 88 19.05 -6.26 46.17
C SER D 88 19.85 -5.73 45.00
N GLU D 89 21.06 -6.26 44.84
CA GLU D 89 21.91 -5.92 43.71
C GLU D 89 21.56 -6.73 42.47
N ALA D 90 20.51 -7.55 42.52
CA ALA D 90 20.15 -8.41 41.40
C ALA D 90 19.57 -7.61 40.25
N GLY D 91 18.64 -6.69 40.54
CA GLY D 91 17.85 -6.03 39.53
C GLY D 91 18.38 -4.68 39.08
N SER D 92 18.01 -4.31 37.86
CA SER D 92 18.37 -3.03 37.29
C SER D 92 17.41 -1.93 37.76
N HIS D 93 17.96 -0.73 37.95
CA HIS D 93 17.18 0.42 38.40
C HIS D 93 17.51 1.64 37.57
N THR D 94 16.67 2.66 37.69
CA THR D 94 16.76 3.86 36.87
C THR D 94 16.75 5.11 37.74
N LEU D 95 17.53 6.10 37.33
CA LEU D 95 17.58 7.41 37.96
C LEU D 95 17.43 8.44 36.85
N GLN D 96 16.35 9.21 36.88
CA GLN D 96 16.05 10.22 35.89
C GLN D 96 16.21 11.61 36.48
N SER D 97 16.61 12.55 35.62
CA SER D 97 16.69 13.95 36.00
C SER D 97 16.22 14.81 34.84
N MET D 98 15.40 15.80 35.13
CA MET D 98 15.04 16.83 34.16
C MET D 98 15.33 18.18 34.78
N PHE D 99 16.05 19.03 34.06
CA PHE D 99 16.31 20.36 34.59
C PHE D 99 16.38 21.36 33.45
N GLY D 100 16.25 22.63 33.79
CA GLY D 100 16.35 23.66 32.77
C GLY D 100 15.71 24.97 33.18
N CYS D 101 15.59 25.85 32.19
CA CYS D 101 15.28 27.25 32.41
C CYS D 101 14.39 27.80 31.30
N TYR D 102 13.55 28.75 31.67
CA TYR D 102 12.73 29.52 30.74
C TYR D 102 13.23 30.96 30.69
N LEU D 103 13.26 31.54 29.50
CA LEU D 103 13.74 32.90 29.30
C LEU D 103 12.59 33.89 29.46
N GLY D 104 12.75 34.83 30.39
CA GLY D 104 11.77 35.87 30.58
C GLY D 104 11.89 36.99 29.57
N PRO D 105 10.92 37.90 29.60
CA PRO D 105 10.96 39.03 28.65
C PRO D 105 12.11 40.00 28.88
N ASP D 106 12.74 39.98 30.05
CA ASP D 106 13.88 40.84 30.34
C ASP D 106 15.21 40.18 30.01
N GLY D 107 15.19 39.02 29.35
CA GLY D 107 16.42 38.29 29.07
C GLY D 107 17.01 37.58 30.26
N LEU D 108 16.22 37.39 31.32
CA LEU D 108 16.64 36.73 32.54
C LEU D 108 15.77 35.52 32.81
N LEU D 109 16.15 34.76 33.84
CA LEU D 109 15.41 33.57 34.22
C LEU D 109 13.98 33.91 34.59
N LEU D 110 13.03 33.29 33.89
CA LEU D 110 11.62 33.39 34.23
C LEU D 110 11.22 32.27 35.18
N HIS D 111 11.61 31.03 34.87
CA HIS D 111 11.33 29.87 35.71
C HIS D 111 12.46 28.87 35.57
N GLY D 112 12.90 28.32 36.68
CA GLY D 112 13.94 27.30 36.66
C GLY D 112 13.50 26.06 37.41
N TYR D 113 13.93 24.89 36.91
CA TYR D 113 13.46 23.64 37.49
C TYR D 113 14.56 22.59 37.46
N ARG D 114 14.48 21.69 38.44
CA ARG D 114 15.35 20.52 38.56
C ARG D 114 14.58 19.45 39.31
N GLN D 115 14.51 18.25 38.73
CA GLN D 115 13.72 17.18 39.31
C GLN D 115 14.40 15.83 39.07
N ASP D 116 14.37 14.97 40.09
CA ASP D 116 14.94 13.64 40.03
C ASP D 116 13.88 12.62 40.40
N ALA D 117 13.91 11.49 39.70
CA ALA D 117 12.97 10.39 39.90
C ALA D 117 13.72 9.06 39.95
N TYR D 118 13.33 8.20 40.87
CA TYR D 118 13.92 6.87 41.01
C TYR D 118 12.92 5.81 40.57
N ASP D 119 13.34 4.94 39.66
CA ASP D 119 12.53 3.83 39.17
C ASP D 119 11.17 4.30 38.66
N GLY D 120 11.16 5.48 38.03
CA GLY D 120 9.98 6.00 37.38
C GLY D 120 9.09 6.88 38.22
N ALA D 121 9.38 7.06 39.51
CA ALA D 121 8.51 7.80 40.42
C ALA D 121 9.26 8.98 41.01
N ASP D 122 8.52 10.03 41.33
CA ASP D 122 9.09 11.23 41.94
C ASP D 122 10.03 10.88 43.08
N TYR D 123 11.23 11.47 43.05
CA TYR D 123 12.18 11.35 44.13
C TYR D 123 12.37 12.70 44.83
N ILE D 124 13.00 13.67 44.17
CA ILE D 124 13.23 14.97 44.79
C ILE D 124 13.05 16.06 43.74
N ALA D 125 12.61 17.24 44.19
CA ALA D 125 12.35 18.35 43.29
C ALA D 125 12.84 19.65 43.91
N LEU D 126 13.45 20.50 43.08
CA LEU D 126 13.77 21.85 43.49
C LEU D 126 12.52 22.71 43.41
N ASN D 127 12.29 23.52 44.44
CA ASN D 127 11.07 24.29 44.50
C ASN D 127 11.19 25.53 43.61
N GLU D 128 10.02 26.12 43.31
CA GLU D 128 9.96 27.36 42.54
C GLU D 128 10.94 28.39 43.06
N ASP D 129 11.02 28.55 44.39
CA ASP D 129 11.91 29.52 44.99
C ASP D 129 13.39 29.26 44.70
N LEU D 130 13.73 28.07 44.20
CA LEU D 130 15.11 27.67 43.92
C LEU D 130 15.97 27.63 45.19
N ARG D 131 15.34 27.59 46.36
CA ARG D 131 16.06 27.60 47.63
C ARG D 131 15.74 26.43 48.54
N SER D 132 14.71 25.65 48.23
CA SER D 132 14.26 24.57 49.10
C SER D 132 13.91 23.36 48.26
N TRP D 133 13.83 22.20 48.91
CA TRP D 133 13.62 20.94 48.23
C TRP D 133 12.33 20.27 48.71
N THR D 134 11.73 19.50 47.80
CA THR D 134 10.56 18.69 48.10
C THR D 134 10.93 17.22 47.87
N ALA D 135 10.91 16.44 48.94
CA ALA D 135 11.14 15.01 48.89
C ALA D 135 9.83 14.26 48.83
N ALA D 136 9.81 13.15 48.10
CA ALA D 136 8.59 12.40 47.88
C ALA D 136 8.40 11.24 48.86
N ASP D 137 9.47 10.76 49.49
CA ASP D 137 9.39 9.68 50.45
C ASP D 137 10.50 9.89 51.48
N MET D 138 10.72 8.89 52.33
CA MET D 138 11.70 9.02 53.41
C MET D 138 13.07 8.47 53.05
N ALA D 139 13.30 8.18 51.77
CA ALA D 139 14.64 8.00 51.25
C ALA D 139 15.11 9.23 50.50
N ALA D 140 14.17 10.02 49.99
CA ALA D 140 14.48 11.31 49.42
C ALA D 140 14.65 12.36 50.52
N GLN D 141 14.14 12.09 51.72
CA GLN D 141 14.35 13.00 52.83
C GLN D 141 15.81 13.03 53.27
N ILE D 142 16.52 11.90 53.15
CA ILE D 142 17.94 11.87 53.46
C ILE D 142 18.71 12.72 52.48
N THR D 143 18.42 12.58 51.19
CA THR D 143 19.02 13.43 50.18
C THR D 143 18.67 14.88 50.41
N LYS D 144 17.45 15.12 50.81
CA LYS D 144 16.98 16.41 51.08
C LYS D 144 17.69 17.10 52.26
N ARG D 145 18.02 16.35 53.29
CA ARG D 145 18.78 16.78 54.40
C ARG D 145 20.24 17.02 54.06
N LYS D 146 20.85 16.22 53.19
CA LYS D 146 22.21 16.43 52.71
C LYS D 146 22.31 17.69 51.84
N TRP D 147 21.32 17.90 50.96
CA TRP D 147 21.38 19.04 50.05
C TRP D 147 21.10 20.34 50.77
N GLU D 148 20.19 20.32 51.74
CA GLU D 148 19.99 21.48 52.60
C GLU D 148 21.28 21.84 53.34
N ALA D 149 21.97 20.83 53.87
CA ALA D 149 23.16 21.10 54.65
C ALA D 149 24.36 21.50 53.80
N ALA D 150 24.34 21.21 52.50
CA ALA D 150 25.52 21.46 51.65
C ALA D 150 25.30 22.54 50.59
N ASN D 151 24.21 23.29 50.64
CA ASN D 151 23.96 24.38 49.69
C ASN D 151 23.97 23.91 48.24
N VAL D 152 23.36 22.75 47.99
CA VAL D 152 23.26 22.30 46.61
C VAL D 152 22.33 23.24 45.85
N ALA D 153 21.27 23.69 46.52
CA ALA D 153 20.34 24.65 45.93
C ALA D 153 21.04 25.91 45.47
N GLU D 154 22.07 26.36 46.20
CA GLU D 154 22.82 27.54 45.78
C GLU D 154 23.45 27.34 44.41
N ARG D 155 24.20 26.25 44.23
CA ARG D 155 24.81 25.96 42.94
C ARG D 155 23.76 25.78 41.86
N ARG D 156 22.67 25.07 42.17
CA ARG D 156 21.62 24.88 41.18
C ARG D 156 21.02 26.21 40.74
N ARG D 157 20.81 27.13 41.69
CA ARG D 157 20.20 28.40 41.35
C ARG D 157 21.17 29.29 40.58
N SER D 158 22.46 29.21 40.91
CA SER D 158 23.44 30.00 40.16
C SER D 158 23.62 29.47 38.75
N TYR D 159 23.46 28.16 38.56
CA TYR D 159 23.48 27.62 37.20
C TYR D 159 22.25 28.04 36.42
N LEU D 160 21.06 27.87 37.01
CA LEU D 160 19.83 28.17 36.29
C LEU D 160 19.71 29.66 35.99
N GLN D 161 20.11 30.52 36.93
CA GLN D 161 20.08 31.96 36.75
C GLN D 161 21.21 32.46 35.87
N GLY D 162 22.29 31.69 35.76
CA GLY D 162 23.48 32.08 35.01
C GLY D 162 23.65 31.34 33.70
N LEU D 163 24.37 30.23 33.75
CA LEU D 163 24.78 29.54 32.53
C LEU D 163 23.58 29.11 31.69
N CYS D 164 22.51 28.64 32.34
CA CYS D 164 21.37 28.09 31.60
C CYS D 164 20.69 29.16 30.74
N VAL D 165 20.26 30.25 31.36
CA VAL D 165 19.56 31.32 30.65
C VAL D 165 20.42 31.89 29.53
N GLU D 166 21.71 32.08 29.80
CA GLU D 166 22.60 32.76 28.86
C GLU D 166 22.93 31.86 27.68
N SER D 167 23.11 30.57 27.92
CA SER D 167 23.33 29.69 26.78
C SER D 167 22.04 29.47 26.01
N LEU D 168 20.89 29.64 26.66
CA LEU D 168 19.64 29.62 25.91
C LEU D 168 19.56 30.84 24.99
N ARG D 169 20.01 32.00 25.46
CA ARG D 169 20.04 33.17 24.57
C ARG D 169 21.01 32.94 23.41
N ARG D 170 22.14 32.31 23.70
CA ARG D 170 23.11 32.03 22.64
C ARG D 170 22.55 31.05 21.62
N TYR D 171 21.69 30.13 22.08
CA TYR D 171 21.11 29.15 21.16
C TYR D 171 19.97 29.75 20.35
N LEU D 172 19.16 30.60 20.98
CA LEU D 172 18.13 31.30 20.23
C LEU D 172 18.75 32.18 19.16
N GLU D 173 19.96 32.70 19.40
CA GLU D 173 20.60 33.46 18.33
C GLU D 173 21.26 32.55 17.29
N MET D 174 21.83 31.42 17.70
CA MET D 174 22.53 30.56 16.74
C MET D 174 21.56 29.93 15.74
N GLY D 175 20.37 29.56 16.20
CA GLY D 175 19.37 29.04 15.29
C GLY D 175 18.13 29.91 15.24
N LYS D 176 18.33 31.21 15.05
CA LYS D 176 17.20 32.14 15.02
C LYS D 176 16.29 31.87 13.82
N ASP D 177 16.80 31.22 12.78
CA ASP D 177 16.00 30.97 11.60
C ASP D 177 14.87 30.00 11.91
N THR D 178 15.15 28.93 12.65
CA THR D 178 14.21 27.86 12.89
C THR D 178 13.65 27.81 14.30
N LEU D 179 14.32 28.41 15.28
CA LEU D 179 13.91 28.26 16.68
C LEU D 179 12.78 29.20 17.07
N GLN D 180 12.71 30.37 16.46
CA GLN D 180 11.65 31.33 16.74
C GLN D 180 10.52 31.26 15.72
N ARG D 181 10.63 30.38 14.73
CA ARG D 181 9.59 30.15 13.74
C ARG D 181 8.64 29.05 14.20
N ALA D 182 7.34 29.37 14.24
CA ALA D 182 6.30 28.38 14.46
C ALA D 182 5.80 27.88 13.11
N GLU D 183 5.73 26.56 12.96
CA GLU D 183 5.34 25.97 11.68
C GLU D 183 3.88 25.56 11.76
N PRO D 184 3.01 26.08 10.89
CA PRO D 184 1.59 25.78 10.99
C PRO D 184 1.28 24.37 10.52
N PRO D 185 0.18 23.80 10.97
CA PRO D 185 -0.17 22.44 10.53
C PRO D 185 -0.76 22.45 9.12
N LYS D 186 -0.33 21.47 8.33
CA LYS D 186 -1.01 21.14 7.09
C LYS D 186 -2.19 20.25 7.44
N THR D 187 -3.41 20.72 7.23
CA THR D 187 -4.59 20.03 7.70
C THR D 187 -5.42 19.53 6.52
N HIS D 188 -6.08 18.40 6.74
CA HIS D 188 -7.06 17.91 5.77
C HIS D 188 -7.93 16.85 6.42
N VAL D 189 -9.12 16.69 5.85
CA VAL D 189 -10.10 15.73 6.35
C VAL D 189 -10.18 14.58 5.36
N THR D 190 -10.02 13.36 5.86
CA THR D 190 -10.18 12.15 5.08
C THR D 190 -11.50 11.48 5.43
N ARG D 191 -12.08 10.81 4.43
CA ARG D 191 -13.40 10.20 4.51
C ARG D 191 -13.27 8.69 4.36
N HIS D 192 -13.84 7.94 5.31
CA HIS D 192 -13.72 6.49 5.33
C HIS D 192 -15.09 5.85 5.57
N PRO D 193 -15.75 5.36 4.52
CA PRO D 193 -16.96 4.54 4.72
C PRO D 193 -16.61 3.20 5.37
N SER D 194 -16.84 3.05 6.68
CA SER D 194 -16.25 1.93 7.42
C SER D 194 -17.32 0.93 7.84
N SER D 195 -17.92 1.06 9.02
CA SER D 195 -18.87 0.06 9.52
C SER D 195 -20.24 0.26 8.83
N ASP D 196 -21.19 -0.46 9.35
CA ASP D 196 -22.48 -0.38 8.83
C ASP D 196 -23.04 1.01 9.07
N LEU D 197 -23.01 1.73 7.94
CA LEU D 197 -23.47 3.07 7.66
C LEU D 197 -23.01 4.23 8.50
N GLY D 198 -21.86 4.04 9.11
CA GLY D 198 -21.22 5.06 9.84
C GLY D 198 -20.12 5.49 8.92
N VAL D 199 -19.97 6.76 8.76
CA VAL D 199 -18.85 7.28 7.98
C VAL D 199 -17.85 7.89 8.94
N THR D 200 -16.61 7.44 8.87
CA THR D 200 -15.55 7.96 9.73
C THR D 200 -14.89 9.14 9.04
N LEU D 201 -14.90 10.29 9.71
CA LEU D 201 -14.19 11.47 9.26
C LEU D 201 -12.96 11.64 10.15
N ARG D 202 -11.80 11.78 9.52
CA ARG D 202 -10.53 11.91 10.23
C ARG D 202 -9.89 13.23 9.86
N CYS D 203 -9.70 14.09 10.84
CA CYS D 203 -9.08 15.40 10.66
C CYS D 203 -7.61 15.28 11.02
N TRP D 204 -6.73 15.52 10.04
CA TRP D 204 -5.30 15.40 10.18
C TRP D 204 -4.66 16.79 10.25
N ALA D 205 -3.72 16.96 11.18
CA ALA D 205 -2.81 18.09 11.22
C ALA D 205 -1.40 17.53 11.18
N LEU D 206 -0.62 17.91 10.17
CA LEU D 206 0.69 17.33 9.93
C LEU D 206 1.75 18.42 9.88
N GLY D 207 2.95 18.07 10.33
CA GLY D 207 4.10 18.96 10.12
C GLY D 207 4.05 20.24 10.91
N PHE D 208 3.38 20.25 12.06
CA PHE D 208 3.28 21.45 12.87
C PHE D 208 4.34 21.45 13.97
N TYR D 209 4.74 22.66 14.37
CA TYR D 209 5.73 22.89 15.41
C TYR D 209 5.32 24.18 16.11
N PRO D 210 5.35 24.23 17.45
CA PRO D 210 5.75 23.18 18.40
C PRO D 210 4.69 22.11 18.65
N LYS D 211 4.87 21.36 19.75
CA LYS D 211 4.02 20.22 20.07
C LYS D 211 2.56 20.64 20.21
N GLU D 212 2.31 21.69 20.99
CA GLU D 212 0.98 21.97 21.50
C GLU D 212 0.03 22.37 20.38
N ILE D 213 -1.17 21.78 20.39
CA ILE D 213 -2.13 21.95 19.32
C ILE D 213 -3.49 21.54 19.84
N SER D 214 -4.55 22.01 19.19
CA SER D 214 -5.91 21.65 19.57
C SER D 214 -6.68 21.22 18.33
N LEU D 215 -7.20 20.01 18.36
CA LEU D 215 -7.97 19.42 17.27
C LEU D 215 -9.27 18.90 17.86
N THR D 216 -10.39 19.49 17.45
CA THR D 216 -11.68 19.12 18.02
C THR D 216 -12.74 19.03 16.93
N TRP D 217 -13.82 18.30 17.23
CA TRP D 217 -14.94 18.16 16.31
C TRP D 217 -16.17 18.85 16.88
N GLN D 218 -16.85 19.67 16.09
CA GLN D 218 -18.09 20.36 16.51
C GLN D 218 -19.23 19.99 15.58
N ARG D 219 -20.46 20.00 16.04
CA ARG D 219 -21.52 19.67 15.12
C ARG D 219 -22.49 20.78 15.12
N GLU D 220 -22.99 21.14 13.93
CA GLU D 220 -23.98 22.21 13.78
C GLU D 220 -25.08 22.07 14.76
N GLY D 221 -25.24 23.06 15.62
CA GLY D 221 -26.28 23.04 16.62
C GLY D 221 -25.82 22.65 18.00
N GLN D 222 -24.53 22.41 18.15
CA GLN D 222 -23.94 22.08 19.42
C GLN D 222 -22.69 22.90 19.67
N ASP D 223 -22.56 23.39 20.90
CA ASP D 223 -21.44 24.23 21.27
C ASP D 223 -20.12 23.51 21.75
N GLN D 224 -20.20 22.43 22.50
CA GLN D 224 -19.01 21.73 22.97
C GLN D 224 -18.41 20.67 22.02
N SER D 225 -17.24 20.13 22.30
CA SER D 225 -16.72 19.13 21.40
C SER D 225 -17.43 17.84 21.48
N GLN D 226 -17.49 17.20 20.34
CA GLN D 226 -18.09 15.91 20.18
C GLN D 226 -17.13 14.82 20.63
N ASP D 227 -17.61 13.59 20.83
CA ASP D 227 -16.79 12.42 21.21
C ASP D 227 -15.88 12.15 20.00
N MET D 228 -14.70 11.58 20.18
CA MET D 228 -13.71 11.72 19.14
C MET D 228 -12.62 10.67 19.46
N GLU D 229 -11.98 10.14 18.44
CA GLU D 229 -10.93 9.17 18.59
C GLU D 229 -9.77 10.10 18.45
N LEU D 230 -8.96 10.16 19.47
CA LEU D 230 -7.88 11.14 19.53
C LEU D 230 -6.57 10.41 19.83
N VAL D 231 -5.63 10.49 18.89
CA VAL D 231 -4.32 9.89 19.10
C VAL D 231 -3.40 10.91 19.74
N GLU D 232 -2.40 10.42 20.46
CA GLU D 232 -1.45 11.31 21.12
C GLU D 232 -0.57 11.99 20.08
N THR D 233 -0.17 13.23 20.37
CA THR D 233 0.71 13.95 19.49
C THR D 233 2.03 13.20 19.35
N ARG D 234 2.50 13.06 18.12
CA ARG D 234 3.61 12.16 17.80
C ARG D 234 4.56 12.83 16.83
N PRO D 235 5.85 12.50 16.91
CA PRO D 235 6.83 13.15 16.02
C PRO D 235 6.72 12.64 14.59
N SER D 236 6.90 13.57 13.65
CA SER D 236 6.88 13.23 12.23
C SER D 236 8.20 12.65 11.74
N GLY D 237 9.30 12.88 12.48
CA GLY D 237 10.60 12.40 12.10
C GLY D 237 11.54 13.48 11.59
N ASP D 238 11.01 14.64 11.19
CA ASP D 238 11.81 15.74 10.68
C ASP D 238 11.86 16.92 11.64
N GLY D 239 11.48 16.72 12.91
CA GLY D 239 11.42 17.77 13.88
C GLY D 239 10.05 18.37 14.09
N THR D 240 9.06 18.01 13.27
CA THR D 240 7.69 18.46 13.45
C THR D 240 6.85 17.34 14.03
N PHE D 241 5.57 17.63 14.23
CA PHE D 241 4.65 16.70 14.87
C PHE D 241 3.38 16.57 14.03
N GLN D 242 2.63 15.52 14.32
CA GLN D 242 1.36 15.30 13.63
C GLN D 242 0.36 14.70 14.61
N LYS D 243 -0.91 14.81 14.24
CA LYS D 243 -2.01 14.40 15.08
C LYS D 243 -3.25 14.26 14.23
N TRP D 244 -4.20 13.48 14.69
CA TRP D 244 -5.49 13.45 14.03
C TRP D 244 -6.58 13.14 15.05
N ALA D 245 -7.80 13.53 14.69
CA ALA D 245 -8.98 13.24 15.49
C ALA D 245 -10.08 12.77 14.56
N ALA D 246 -10.68 11.63 14.87
CA ALA D 246 -11.66 11.02 13.99
C ALA D 246 -12.95 10.77 14.76
N LEU D 247 -14.04 10.72 14.02
CA LEU D 247 -15.34 10.41 14.61
C LEU D 247 -16.26 9.85 13.53
N VAL D 248 -17.31 9.15 13.98
CA VAL D 248 -18.24 8.47 13.10
C VAL D 248 -19.53 9.27 13.04
N VAL D 249 -20.02 9.51 11.83
CA VAL D 249 -21.19 10.35 11.60
C VAL D 249 -22.20 9.52 10.85
N PRO D 250 -23.48 9.90 10.91
CA PRO D 250 -24.47 9.22 10.08
C PRO D 250 -24.12 9.39 8.62
N PRO D 251 -24.46 8.41 7.78
CA PRO D 251 -23.83 8.34 6.45
C PRO D 251 -24.31 9.37 5.45
N GLY D 252 -25.04 10.38 5.91
CA GLY D 252 -25.46 11.45 5.03
C GLY D 252 -25.09 12.82 5.55
N GLU D 253 -24.63 12.87 6.80
CA GLU D 253 -24.51 14.13 7.55
C GLU D 253 -23.07 14.62 7.64
N GLU D 254 -22.24 14.26 6.67
CA GLU D 254 -20.84 14.66 6.69
C GLU D 254 -20.68 16.18 6.89
N GLN D 255 -21.48 16.97 6.18
CA GLN D 255 -21.32 18.42 6.19
C GLN D 255 -22.04 19.09 7.35
N SER D 256 -22.45 18.34 8.37
CA SER D 256 -22.93 18.92 9.62
C SER D 256 -21.85 18.96 10.69
N TYR D 257 -20.65 18.49 10.40
CA TYR D 257 -19.57 18.38 11.37
C TYR D 257 -18.37 19.17 10.88
N THR D 258 -17.71 19.89 11.80
CA THR D 258 -16.57 20.73 11.47
C THR D 258 -15.40 20.39 12.38
N CYS D 259 -14.22 20.20 11.80
CA CYS D 259 -13.00 20.05 12.58
C CYS D 259 -12.37 21.42 12.80
N HIS D 260 -12.08 21.73 14.07
CA HIS D 260 -11.45 22.98 14.47
C HIS D 260 -10.02 22.72 14.89
N VAL D 261 -9.10 23.48 14.31
CA VAL D 261 -7.66 23.33 14.55
C VAL D 261 -7.13 24.67 15.03
N GLN D 262 -6.50 24.65 16.21
CA GLN D 262 -5.85 25.83 16.77
C GLN D 262 -4.40 25.51 17.09
N HIS D 263 -3.49 26.26 16.48
CA HIS D 263 -2.05 26.08 16.66
C HIS D 263 -1.40 27.44 16.49
N GLU D 264 -0.34 27.69 17.28
CA GLU D 264 0.28 29.01 17.30
C GLU D 264 0.97 29.38 16.00
N GLY D 265 1.10 28.45 15.07
CA GLY D 265 1.60 28.77 13.74
C GLY D 265 0.55 29.32 12.80
N LEU D 266 -0.72 29.29 13.20
CA LEU D 266 -1.82 29.76 12.37
C LEU D 266 -2.14 31.22 12.67
N GLN D 267 -2.41 31.98 11.60
CA GLN D 267 -2.78 33.37 11.79
C GLN D 267 -4.14 33.50 12.47
N GLU D 268 -5.03 32.52 12.28
CA GLU D 268 -6.30 32.46 13.00
C GLU D 268 -6.77 31.00 13.02
N PRO D 269 -7.63 30.64 13.98
CA PRO D 269 -8.14 29.26 14.04
C PRO D 269 -8.75 28.78 12.72
N LEU D 270 -8.63 27.48 12.48
CA LEU D 270 -9.03 26.85 11.23
C LEU D 270 -10.25 25.95 11.41
N THR D 271 -11.09 25.91 10.38
CA THR D 271 -12.31 25.10 10.39
C THR D 271 -12.41 24.38 9.06
N LEU D 272 -12.41 23.05 9.08
CA LEU D 272 -12.46 22.23 7.87
C LEU D 272 -13.59 21.21 7.93
N ARG D 273 -13.92 20.66 6.77
CA ARG D 273 -14.98 19.65 6.62
C ARG D 273 -14.61 18.65 5.54
N ALA E 1 5.82 -0.70 36.87
CA ALA E 1 5.99 -0.90 35.43
C ALA E 1 4.78 -0.39 34.67
N ARG E 2 5.01 0.19 33.48
CA ARG E 2 3.96 0.77 32.67
C ARG E 2 4.08 0.26 31.25
N PRO E 3 2.99 -0.17 30.62
CA PRO E 3 3.08 -0.78 29.29
C PRO E 3 3.26 0.26 28.21
N PRO E 4 3.91 -0.12 27.10
CA PRO E 4 4.13 0.84 26.00
C PRO E 4 2.91 1.02 25.13
N LYS E 5 2.66 2.28 24.76
CA LYS E 5 1.73 2.63 23.69
C LYS E 5 2.50 2.71 22.38
N VAL E 6 1.89 2.19 21.31
CA VAL E 6 2.57 2.03 20.02
C VAL E 6 1.71 2.65 18.93
N GLN E 7 2.32 3.53 18.11
CA GLN E 7 1.69 4.09 16.93
C GLN E 7 2.57 3.84 15.71
N VAL E 8 1.94 3.44 14.60
CA VAL E 8 2.64 3.23 13.34
C VAL E 8 2.04 4.16 12.30
N TYR E 9 2.90 4.88 11.58
CA TYR E 9 2.38 5.90 10.68
C TYR E 9 3.47 6.39 9.74
N SER E 10 3.04 7.01 8.64
CA SER E 10 3.95 7.64 7.70
C SER E 10 4.14 9.11 8.03
N ARG E 11 5.30 9.64 7.64
CA ARG E 11 5.58 11.07 7.87
C ARG E 11 4.67 11.94 7.02
N HIS E 12 4.48 11.58 5.76
CA HIS E 12 3.61 12.28 4.83
C HIS E 12 2.45 11.39 4.42
N PRO E 13 1.33 11.96 3.96
CA PRO E 13 0.21 11.13 3.50
C PRO E 13 0.65 10.12 2.46
N ALA E 14 0.31 8.85 2.70
CA ALA E 14 0.82 7.75 1.89
C ALA E 14 0.27 7.81 0.47
N GLU E 15 1.18 7.83 -0.50
CA GLU E 15 0.84 7.73 -1.92
C GLU E 15 1.58 6.53 -2.48
N ASN E 16 0.85 5.63 -3.13
CA ASN E 16 1.46 4.41 -3.65
C ASN E 16 2.55 4.75 -4.66
N GLY E 17 3.73 4.16 -4.47
CA GLY E 17 4.86 4.38 -5.34
C GLY E 17 5.74 5.57 -4.95
N LYS E 18 5.25 6.46 -4.10
CA LYS E 18 6.01 7.67 -3.76
C LYS E 18 6.85 7.43 -2.52
N PRO E 19 8.13 7.81 -2.54
CA PRO E 19 8.98 7.64 -1.35
C PRO E 19 8.43 8.43 -0.16
N ASN E 20 8.64 7.88 1.03
CA ASN E 20 8.06 8.38 2.26
C ASN E 20 8.88 7.84 3.42
N TYR E 21 8.41 8.07 4.65
CA TYR E 21 9.12 7.68 5.86
C TYR E 21 8.14 6.97 6.79
N LEU E 22 8.55 5.82 7.31
CA LEU E 22 7.72 5.00 8.17
C LEU E 22 8.24 5.12 9.60
N ASN E 23 7.32 5.37 10.53
CA ASN E 23 7.60 5.65 11.93
C ASN E 23 6.83 4.70 12.83
N CYS E 24 7.52 4.25 13.88
CA CYS E 24 6.95 3.50 14.98
C CYS E 24 7.30 4.27 16.25
N TYR E 25 6.29 4.91 16.84
CA TYR E 25 6.43 5.72 18.04
C TYR E 25 5.96 4.92 19.25
N VAL E 26 6.85 4.70 20.20
CA VAL E 26 6.57 3.93 21.41
C VAL E 26 6.71 4.89 22.58
N SER E 27 5.66 5.00 23.40
CA SER E 27 5.68 5.99 24.47
C SER E 27 4.99 5.45 25.72
N GLY E 28 5.22 6.15 26.83
CA GLY E 28 4.52 5.87 28.06
C GLY E 28 4.96 4.62 28.81
N PHE E 29 6.16 4.11 28.55
CA PHE E 29 6.59 2.84 29.11
C PHE E 29 7.70 3.02 30.15
N HIS E 30 7.75 2.08 31.09
CA HIS E 30 8.79 1.97 32.11
C HIS E 30 8.82 0.52 32.57
N PRO E 31 10.01 -0.09 32.74
CA PRO E 31 11.40 0.40 32.62
C PRO E 31 11.85 0.70 31.19
N PRO E 32 13.00 1.34 31.02
CA PRO E 32 13.42 1.76 29.67
C PRO E 32 13.88 0.62 28.77
N GLN E 33 14.15 -0.57 29.32
CA GLN E 33 14.61 -1.68 28.49
C GLN E 33 13.47 -2.16 27.60
N ILE E 34 13.67 -2.08 26.29
CA ILE E 34 12.62 -2.33 25.31
C ILE E 34 13.25 -2.79 24.00
N GLU E 35 12.52 -3.60 23.23
CA GLU E 35 12.92 -4.00 21.89
C GLU E 35 11.86 -3.51 20.91
N ILE E 36 12.29 -2.73 19.91
CA ILE E 36 11.36 -2.14 18.94
C ILE E 36 11.91 -2.40 17.54
N ASP E 37 11.09 -3.02 16.68
CA ASP E 37 11.53 -3.29 15.32
C ASP E 37 10.41 -2.98 14.33
N LEU E 38 10.78 -2.42 13.19
CA LEU E 38 9.85 -2.20 12.09
C LEU E 38 9.98 -3.37 11.13
N LEU E 39 8.84 -3.89 10.67
CA LEU E 39 8.79 -5.10 9.89
C LEU E 39 8.14 -4.84 8.54
N LYS E 40 8.77 -5.34 7.48
CA LYS E 40 8.21 -5.37 6.14
C LYS E 40 7.91 -6.81 5.78
N ASN E 41 6.62 -7.11 5.57
CA ASN E 41 6.16 -8.49 5.36
C ASN E 41 6.72 -9.43 6.43
N GLY E 42 6.69 -8.97 7.68
CA GLY E 42 7.14 -9.77 8.80
C GLY E 42 8.64 -9.72 9.07
N GLU E 43 9.44 -9.23 8.13
CA GLU E 43 10.89 -9.23 8.26
C GLU E 43 11.38 -7.88 8.78
N LYS E 44 12.40 -7.93 9.64
CA LYS E 44 12.94 -6.73 10.23
C LYS E 44 13.56 -5.83 9.17
N MET E 45 13.27 -4.54 9.26
CA MET E 45 13.80 -3.54 8.35
C MET E 45 14.99 -2.83 8.99
N ASN E 46 15.84 -2.27 8.14
CA ASN E 46 16.93 -1.44 8.62
C ASN E 46 16.38 -0.06 8.94
N ALA E 47 16.45 0.32 10.22
CA ALA E 47 15.82 1.55 10.67
C ALA E 47 16.64 2.15 11.80
N GLU E 48 16.50 3.46 11.97
CA GLU E 48 17.20 4.19 13.02
C GLU E 48 16.31 4.34 14.25
N GLN E 49 16.94 4.39 15.41
CA GLN E 49 16.26 4.60 16.68
C GLN E 49 16.72 5.92 17.29
N SER E 50 15.76 6.71 17.77
CA SER E 50 16.07 7.98 18.42
C SER E 50 16.75 7.74 19.75
N ASP E 51 17.29 8.82 20.32
CA ASP E 51 17.90 8.75 21.65
C ASP E 51 16.81 8.65 22.71
N LEU E 52 17.04 7.81 23.71
CA LEU E 52 16.07 7.59 24.77
C LEU E 52 15.75 8.90 25.49
N SER E 53 14.46 9.17 25.64
CA SER E 53 13.99 10.35 26.36
C SER E 53 12.73 9.97 27.14
N PHE E 54 12.15 10.94 27.83
CA PHE E 54 10.97 10.66 28.63
C PHE E 54 10.13 11.93 28.73
N SER E 55 8.87 11.73 29.10
CA SER E 55 7.89 12.81 29.17
C SER E 55 7.87 13.41 30.58
N LYS E 56 6.88 14.26 30.85
CA LYS E 56 6.82 14.94 32.13
C LYS E 56 6.39 14.02 33.25
N ASP E 57 5.74 12.90 32.94
CA ASP E 57 5.38 11.91 33.95
C ASP E 57 6.44 10.81 34.10
N TRP E 58 7.64 11.03 33.56
CA TRP E 58 8.84 10.21 33.64
C TRP E 58 8.78 9.00 32.71
N SER E 59 7.63 8.68 32.11
CA SER E 59 7.56 7.58 31.16
C SER E 59 8.38 7.88 29.91
N PHE E 60 9.02 6.85 29.37
CA PHE E 60 9.95 6.98 28.26
C PHE E 60 9.24 6.91 26.91
N TYR E 61 9.92 7.42 25.88
CA TYR E 61 9.46 7.30 24.51
C TYR E 61 10.64 7.16 23.56
N LEU E 62 10.41 6.41 22.48
CA LEU E 62 11.38 6.17 21.43
C LEU E 62 10.68 6.22 20.07
N LEU E 63 11.46 6.54 19.04
CA LEU E 63 10.96 6.57 17.67
C LEU E 63 11.89 5.75 16.79
N VAL E 64 11.33 4.74 16.11
CA VAL E 64 12.08 3.91 15.16
C VAL E 64 11.52 4.19 13.77
N HIS E 65 12.40 4.60 12.84
CA HIS E 65 11.91 5.10 11.56
C HIS E 65 12.88 4.75 10.45
N THR E 66 12.34 4.66 9.23
CA THR E 66 13.17 4.40 8.05
C THR E 66 12.46 4.86 6.79
N GLU E 67 13.23 5.07 5.73
CA GLU E 67 12.66 5.37 4.43
C GLU E 67 11.91 4.16 3.89
N PHE E 68 10.81 4.42 3.17
CA PHE E 68 10.06 3.32 2.57
C PHE E 68 9.20 3.86 1.44
N THR E 69 8.84 2.97 0.52
CA THR E 69 7.98 3.32 -0.61
C THR E 69 6.72 2.48 -0.53
N PRO E 70 5.59 3.06 -0.10
CA PRO E 70 4.37 2.26 0.08
C PRO E 70 3.72 1.90 -1.25
N ASN E 71 3.13 0.71 -1.27
CA ASN E 71 2.32 0.24 -2.38
C ASN E 71 1.11 -0.49 -1.80
N ALA E 72 0.28 -1.04 -2.69
CA ALA E 72 -0.95 -1.70 -2.27
C ALA E 72 -0.77 -3.16 -1.91
N VAL E 73 0.46 -3.67 -1.84
CA VAL E 73 0.73 -5.07 -1.58
C VAL E 73 1.55 -5.28 -0.31
N ASP E 74 2.67 -4.56 -0.18
CA ASP E 74 3.58 -4.85 0.92
C ASP E 74 2.97 -4.41 2.24
N GLN E 75 3.16 -5.25 3.26
CA GLN E 75 2.59 -5.01 4.58
C GLN E 75 3.69 -4.54 5.51
N TYR E 76 3.41 -3.46 6.25
CA TYR E 76 4.36 -2.90 7.19
C TYR E 76 3.75 -2.93 8.59
N SER E 77 4.60 -3.14 9.58
CA SER E 77 4.14 -3.26 10.95
C SER E 77 5.28 -2.89 11.89
N CYS E 78 4.97 -2.87 13.18
CA CYS E 78 5.97 -2.64 14.22
C CYS E 78 5.74 -3.63 15.35
N ARG E 79 6.81 -4.26 15.80
CA ARG E 79 6.76 -5.23 16.89
C ARG E 79 7.55 -4.68 18.07
N VAL E 80 6.94 -4.71 19.25
CA VAL E 80 7.52 -4.18 20.47
C VAL E 80 7.50 -5.27 21.54
N LYS E 81 8.67 -5.57 22.09
CA LYS E 81 8.84 -6.49 23.20
C LYS E 81 9.20 -5.69 24.44
N HIS E 82 8.42 -5.87 25.51
CA HIS E 82 8.68 -5.17 26.76
C HIS E 82 8.28 -6.08 27.91
N VAL E 83 8.89 -5.85 29.07
CA VAL E 83 8.71 -6.72 30.23
C VAL E 83 7.24 -6.83 30.62
N THR E 84 6.46 -5.77 30.38
CA THR E 84 5.06 -5.76 30.79
C THR E 84 4.16 -6.56 29.84
N LEU E 85 4.65 -6.87 28.65
CA LEU E 85 3.87 -7.57 27.63
C LEU E 85 4.25 -9.05 27.62
N ASP E 86 3.29 -9.92 27.93
CA ASP E 86 3.55 -11.35 27.86
C ASP E 86 3.86 -11.79 26.44
N LYS E 87 3.19 -11.19 25.45
CA LYS E 87 3.41 -11.46 24.05
C LYS E 87 3.93 -10.20 23.35
N PRO E 88 4.78 -10.35 22.32
CA PRO E 88 5.21 -9.17 21.56
C PRO E 88 4.02 -8.46 20.92
N LYS E 89 3.92 -7.16 21.20
CA LYS E 89 2.84 -6.33 20.66
C LYS E 89 3.13 -5.96 19.21
N ILE E 90 2.24 -6.34 18.31
CA ILE E 90 2.38 -6.04 16.88
C ILE E 90 1.28 -5.07 16.46
N VAL E 91 1.67 -3.97 15.82
CA VAL E 91 0.73 -2.99 15.26
C VAL E 91 0.98 -2.88 13.76
N LYS E 92 -0.03 -3.19 12.96
CA LYS E 92 0.06 -3.10 11.51
C LYS E 92 -0.08 -1.65 11.05
N TRP E 93 0.67 -1.30 10.01
CA TRP E 93 0.54 0.02 9.40
C TRP E 93 -0.67 0.08 8.48
N ASP E 94 -1.35 1.21 8.50
CA ASP E 94 -2.53 1.47 7.69
C ASP E 94 -2.48 2.94 7.28
N ARG E 95 -2.59 3.21 5.97
CA ARG E 95 -2.44 4.57 5.49
C ARG E 95 -3.54 5.50 6.00
N ASP E 96 -4.65 4.96 6.51
CA ASP E 96 -5.75 5.77 7.03
C ASP E 96 -5.82 5.81 8.55
N HIS E 97 -5.35 4.74 9.22
CA HIS E 97 -5.46 4.56 10.68
C HIS E 97 -6.91 4.37 11.09
N ARG F 1 28.97 24.90 27.13
CA ARG F 1 28.32 25.85 28.01
C ARG F 1 26.80 25.64 28.08
N VAL F 2 26.36 24.42 28.44
CA VAL F 2 24.94 24.20 28.66
C VAL F 2 24.74 23.36 29.90
N GLU F 3 25.61 22.38 30.12
CA GLU F 3 25.44 21.52 31.28
C GLU F 3 25.90 22.24 32.53
N ASP F 4 25.34 21.82 33.66
CA ASP F 4 25.84 22.26 34.95
C ASP F 4 27.32 21.88 35.06
N VAL F 5 28.17 22.86 35.38
CA VAL F 5 29.60 22.60 35.59
C VAL F 5 29.73 22.21 37.05
N THR F 6 29.52 20.92 37.32
CA THR F 6 29.53 20.37 38.67
C THR F 6 30.81 19.59 38.93
N ASN F 7 31.35 19.67 40.12
CA ASN F 7 32.56 18.96 40.45
C ASN F 7 32.55 18.58 41.94
N THR F 8 31.84 19.35 42.72
CA THR F 8 31.88 19.13 44.12
C THR F 8 31.24 17.88 44.54
N ALA F 9 30.04 17.58 44.08
CA ALA F 9 29.37 16.40 44.54
C ALA F 9 28.35 15.60 43.80
N GLU F 10 28.25 14.41 44.37
CA GLU F 10 27.39 13.29 44.06
C GLU F 10 26.69 13.36 45.34
N TYR F 11 25.85 14.31 45.42
CA TYR F 11 25.17 14.51 46.66
C TYR F 11 23.96 13.69 46.98
N TRP F 12 23.60 12.59 46.31
CA TRP F 12 22.32 11.90 46.71
C TRP F 12 22.18 11.22 48.09
N GLY G 1 -15.07 52.83 -24.39
CA GLY G 1 -15.31 52.50 -25.78
C GLY G 1 -16.78 52.25 -26.09
N PRO G 2 -17.06 51.85 -27.33
CA PRO G 2 -18.45 51.59 -27.73
C PRO G 2 -18.97 50.28 -27.15
N HIS G 3 -20.21 50.32 -26.68
CA HIS G 3 -20.82 49.15 -26.08
C HIS G 3 -21.13 48.09 -27.14
N SER G 4 -21.44 46.89 -26.68
CA SER G 4 -21.54 45.74 -27.57
C SER G 4 -22.78 44.92 -27.24
N LEU G 5 -23.43 44.43 -28.29
CA LEU G 5 -24.43 43.38 -28.17
C LEU G 5 -24.06 42.30 -29.16
N SER G 6 -23.77 41.10 -28.65
CA SER G 6 -23.20 40.06 -29.50
C SER G 6 -23.90 38.73 -29.26
N TYR G 7 -23.99 37.93 -30.32
CA TYR G 7 -24.63 36.63 -30.25
C TYR G 7 -23.79 35.60 -30.97
N PHE G 8 -23.58 34.47 -30.28
CA PHE G 8 -22.71 33.40 -30.75
C PHE G 8 -23.48 32.09 -30.78
N TYR G 9 -23.58 31.50 -31.98
CA TYR G 9 -24.27 30.25 -32.21
C TYR G 9 -23.29 29.14 -32.61
N THR G 10 -23.50 27.97 -32.02
CA THR G 10 -22.81 26.75 -32.39
C THR G 10 -23.89 25.71 -32.75
N ALA G 11 -23.78 25.12 -33.93
CA ALA G 11 -24.71 24.12 -34.45
C ALA G 11 -23.92 22.88 -34.75
N VAL G 12 -24.27 21.76 -34.15
CA VAL G 12 -23.51 20.53 -34.28
C VAL G 12 -24.24 19.28 -34.81
N SER G 13 -24.08 18.95 -36.07
CA SER G 13 -24.72 17.81 -36.66
C SER G 13 -24.46 16.59 -35.89
N ARG G 14 -25.46 15.73 -35.81
CA ARG G 14 -25.33 14.45 -35.16
C ARG G 14 -25.89 13.50 -36.14
N PRO G 15 -25.09 13.14 -37.14
CA PRO G 15 -25.20 12.31 -38.33
C PRO G 15 -26.01 11.04 -38.19
N ASP G 16 -25.99 10.40 -37.03
CA ASP G 16 -26.76 9.24 -36.78
C ASP G 16 -28.15 9.71 -37.01
N ARG G 17 -28.33 9.92 -38.30
CA ARG G 17 -29.52 10.43 -38.94
C ARG G 17 -30.29 11.54 -38.26
N GLY G 18 -30.36 12.66 -38.94
CA GLY G 18 -31.23 13.71 -38.54
C GLY G 18 -31.14 14.96 -37.76
N ASP G 19 -30.84 14.88 -36.47
CA ASP G 19 -30.89 16.05 -35.63
C ASP G 19 -29.60 16.81 -35.32
N SER G 20 -29.66 18.01 -34.75
CA SER G 20 -28.46 18.79 -34.47
C SER G 20 -28.61 19.47 -33.12
N ARG G 21 -27.51 19.49 -32.37
CA ARG G 21 -27.46 20.27 -31.14
C ARG G 21 -27.28 21.75 -31.47
N PHE G 22 -27.99 22.60 -30.76
CA PHE G 22 -27.96 24.04 -30.99
C PHE G 22 -27.66 24.75 -29.68
N ILE G 23 -26.65 25.61 -29.69
CA ILE G 23 -26.29 26.40 -28.52
C ILE G 23 -26.17 27.86 -28.95
N ALA G 24 -26.86 28.74 -28.26
CA ALA G 24 -26.81 30.18 -28.54
C ALA G 24 -26.55 30.92 -27.25
N VAL G 25 -25.65 31.90 -27.28
CA VAL G 25 -25.39 32.72 -26.11
C VAL G 25 -25.31 34.19 -26.50
N GLY G 26 -25.80 35.05 -25.61
CA GLY G 26 -25.85 36.49 -25.84
C GLY G 26 -25.09 37.27 -24.79
N TYR G 27 -24.35 38.27 -25.26
CA TYR G 27 -23.50 39.11 -24.43
C TYR G 27 -23.87 40.57 -24.59
N VAL G 28 -23.88 41.29 -23.47
CA VAL G 28 -23.80 42.74 -23.45
C VAL G 28 -22.38 43.08 -22.97
N ASP G 29 -21.57 43.61 -23.88
CA ASP G 29 -20.14 43.86 -23.64
C ASP G 29 -19.51 42.54 -23.23
N ASP G 30 -18.89 42.42 -22.05
CA ASP G 30 -18.29 41.18 -21.62
C ASP G 30 -19.18 40.42 -20.63
N THR G 31 -20.43 40.83 -20.47
CA THR G 31 -21.34 40.20 -19.51
C THR G 31 -22.36 39.36 -20.28
N GLN G 32 -22.29 38.04 -20.09
CA GLN G 32 -23.29 37.15 -20.66
C GLN G 32 -24.61 37.35 -19.92
N PHE G 33 -25.71 37.46 -20.68
CA PHE G 33 -26.99 37.72 -20.03
C PHE G 33 -28.12 36.77 -20.41
N VAL G 34 -27.99 35.98 -21.49
CA VAL G 34 -29.02 35.02 -21.87
C VAL G 34 -28.34 33.75 -22.39
N ARG G 35 -29.12 32.67 -22.43
CA ARG G 35 -28.62 31.39 -22.92
C ARG G 35 -29.75 30.60 -23.56
N PHE G 36 -29.38 29.71 -24.47
CA PHE G 36 -30.33 28.75 -25.03
C PHE G 36 -29.58 27.47 -25.41
N ASP G 37 -30.21 26.34 -25.15
CA ASP G 37 -29.66 25.03 -25.53
C ASP G 37 -30.84 24.11 -25.80
N ASN G 38 -30.92 23.60 -27.03
CA ASN G 38 -32.02 22.72 -27.40
C ASN G 38 -31.80 21.28 -26.98
N TYR G 39 -30.69 20.98 -26.30
CA TYR G 39 -30.42 19.60 -25.90
C TYR G 39 -31.45 19.11 -24.89
N ALA G 40 -31.81 19.94 -23.92
CA ALA G 40 -32.85 19.47 -23.02
C ALA G 40 -34.21 19.69 -23.68
N PRO G 41 -35.15 18.76 -23.51
CA PRO G 41 -36.46 18.92 -24.14
C PRO G 41 -37.24 20.10 -23.58
N ASN G 42 -38.11 20.65 -24.42
CA ASN G 42 -38.83 21.88 -24.13
C ASN G 42 -37.90 23.02 -23.71
N PRO G 43 -36.90 23.35 -24.53
CA PRO G 43 -35.90 24.34 -24.14
C PRO G 43 -36.40 25.77 -24.25
N ARG G 44 -35.84 26.63 -23.39
CA ARG G 44 -36.23 28.04 -23.33
C ARG G 44 -35.01 28.95 -23.27
N MET G 45 -35.18 30.18 -23.76
CA MET G 45 -34.23 31.24 -23.46
C MET G 45 -34.34 31.64 -21.99
N GLU G 46 -33.22 31.63 -21.29
CA GLU G 46 -33.24 31.83 -19.85
C GLU G 46 -32.27 32.92 -19.42
N PRO G 47 -32.58 33.65 -18.35
CA PRO G 47 -31.66 34.68 -17.86
C PRO G 47 -30.41 34.09 -17.24
N ARG G 48 -29.31 34.86 -17.32
CA ARG G 48 -28.05 34.48 -16.69
C ARG G 48 -27.47 35.57 -15.81
N VAL G 49 -28.14 36.70 -15.65
CA VAL G 49 -27.75 37.73 -14.69
C VAL G 49 -29.01 38.33 -14.08
N PRO G 50 -28.89 38.92 -12.89
CA PRO G 50 -30.10 39.47 -12.23
C PRO G 50 -30.82 40.54 -13.03
N TRP G 51 -30.10 41.48 -13.67
CA TRP G 51 -30.78 42.63 -14.25
C TRP G 51 -31.65 42.22 -15.45
N ILE G 52 -31.18 41.25 -16.25
CA ILE G 52 -31.97 40.80 -17.39
C ILE G 52 -33.30 40.18 -16.96
N GLN G 53 -33.41 39.79 -15.70
CA GLN G 53 -34.67 39.27 -15.18
C GLN G 53 -35.76 40.33 -15.14
N GLN G 54 -35.41 41.61 -15.33
CA GLN G 54 -36.42 42.66 -15.44
C GLN G 54 -37.39 42.41 -16.58
N GLU G 55 -37.04 41.54 -17.52
CA GLU G 55 -37.92 41.30 -18.66
C GLU G 55 -39.05 40.34 -18.35
N GLY G 56 -40.18 40.56 -19.04
CA GLY G 56 -41.37 39.77 -18.84
C GLY G 56 -41.42 38.54 -19.71
N GLN G 57 -42.53 37.82 -19.59
CA GLN G 57 -42.88 36.62 -20.30
C GLN G 57 -42.85 36.69 -21.79
N ASP G 58 -43.44 37.73 -22.36
CA ASP G 58 -43.50 37.86 -23.82
C ASP G 58 -42.12 37.84 -24.46
N TYR G 59 -41.13 38.44 -23.79
CA TYR G 59 -39.77 38.43 -24.30
C TYR G 59 -39.22 37.01 -24.40
N TRP G 60 -39.24 36.26 -23.31
CA TRP G 60 -38.65 34.93 -23.32
C TRP G 60 -39.35 34.05 -24.35
N ASP G 61 -40.67 34.21 -24.48
CA ASP G 61 -41.38 33.40 -25.46
C ASP G 61 -40.98 33.77 -26.88
N GLU G 62 -40.85 35.07 -27.18
CA GLU G 62 -40.44 35.45 -28.53
C GLU G 62 -39.01 34.99 -28.84
N GLU G 63 -38.10 35.16 -27.88
CA GLU G 63 -36.73 34.72 -28.10
C GLU G 63 -36.66 33.22 -28.31
N THR G 64 -37.43 32.46 -27.52
CA THR G 64 -37.45 31.01 -27.68
C THR G 64 -38.01 30.59 -29.05
N ARG G 65 -39.11 31.23 -29.47
CA ARG G 65 -39.65 30.99 -30.80
C ARG G 65 -38.57 31.19 -31.86
N LYS G 66 -37.89 32.34 -31.81
CA LYS G 66 -36.88 32.66 -32.80
C LYS G 66 -35.71 31.67 -32.76
N VAL G 67 -35.24 31.27 -31.56
CA VAL G 67 -34.06 30.40 -31.48
C VAL G 67 -34.39 29.02 -31.98
N LYS G 68 -35.64 28.62 -31.79
CA LYS G 68 -36.13 27.32 -32.20
C LYS G 68 -36.20 27.28 -33.73
N ASP G 69 -36.72 28.34 -34.36
CA ASP G 69 -36.64 28.51 -35.81
C ASP G 69 -35.18 28.49 -36.31
N ASN G 70 -34.29 29.21 -35.62
CA ASN G 70 -32.88 29.24 -35.98
C ASN G 70 -32.25 27.86 -35.85
N ALA G 71 -32.58 27.12 -34.79
CA ALA G 71 -31.96 25.83 -34.54
C ALA G 71 -32.24 24.87 -35.69
N GLN G 72 -33.51 24.75 -36.07
CA GLN G 72 -33.81 23.86 -37.19
C GLN G 72 -33.26 24.41 -38.51
N THR G 73 -33.24 25.73 -38.69
CA THR G 73 -32.62 26.31 -39.88
C THR G 73 -31.17 25.87 -40.00
N TYR G 74 -30.41 25.94 -38.90
CA TYR G 74 -29.01 25.55 -38.93
C TYR G 74 -28.87 24.03 -39.06
N GLY G 75 -29.85 23.28 -38.55
CA GLY G 75 -29.85 21.84 -38.79
C GLY G 75 -29.90 21.51 -40.27
N VAL G 76 -30.79 22.20 -41.01
CA VAL G 76 -30.83 22.00 -42.46
C VAL G 76 -29.54 22.52 -43.10
N GLY G 77 -28.98 23.59 -42.54
CA GLY G 77 -27.76 24.16 -43.10
C GLY G 77 -26.57 23.25 -43.01
N LEU G 78 -26.44 22.49 -41.92
CA LEU G 78 -25.34 21.55 -41.81
C LEU G 78 -25.33 20.55 -42.95
N ASN G 79 -26.50 20.01 -43.30
CA ASN G 79 -26.60 19.09 -44.42
C ASN G 79 -26.32 19.77 -45.75
N THR G 80 -26.83 21.00 -45.92
CA THR G 80 -26.52 21.72 -47.17
C THR G 80 -25.02 21.91 -47.34
N LEU G 81 -24.33 22.32 -46.28
CA LEU G 81 -22.89 22.52 -46.33
C LEU G 81 -22.15 21.21 -46.58
N ARG G 82 -22.57 20.14 -45.90
CA ARG G 82 -22.02 18.82 -46.18
C ARG G 82 -22.14 18.47 -47.66
N GLY G 83 -23.17 18.86 -48.36
CA GLY G 83 -23.25 18.57 -49.77
C GLY G 83 -22.24 19.32 -50.60
N TYR G 84 -22.22 20.63 -50.48
CA TYR G 84 -21.29 21.50 -51.15
C TYR G 84 -19.86 21.01 -51.01
N TYR G 85 -19.50 20.35 -49.92
CA TYR G 85 -18.18 19.76 -49.85
C TYR G 85 -18.16 18.28 -50.21
N ASN G 86 -19.31 17.72 -50.58
CA ASN G 86 -19.43 16.31 -50.95
C ASN G 86 -18.91 15.40 -49.83
N GLN G 87 -19.35 15.68 -48.60
CA GLN G 87 -18.93 14.87 -47.46
C GLN G 87 -19.94 13.78 -47.18
N SER G 88 -19.43 12.67 -46.64
CA SER G 88 -20.23 11.51 -46.26
C SER G 88 -21.04 11.78 -45.00
N GLU G 89 -21.95 10.86 -44.70
CA GLU G 89 -22.74 10.86 -43.48
C GLU G 89 -21.99 10.29 -42.28
N ALA G 90 -20.71 9.96 -42.40
CA ALA G 90 -20.01 9.29 -41.31
C ALA G 90 -19.73 10.24 -40.14
N GLY G 91 -19.11 11.39 -40.42
CA GLY G 91 -18.59 12.25 -39.38
C GLY G 91 -19.48 13.42 -38.99
N SER G 92 -19.32 13.89 -37.75
CA SER G 92 -20.06 15.03 -37.24
C SER G 92 -19.43 16.32 -37.73
N HIS G 93 -20.26 17.33 -37.99
CA HIS G 93 -19.77 18.60 -38.49
C HIS G 93 -20.40 19.75 -37.72
N THR G 94 -19.82 20.93 -37.87
CA THR G 94 -20.14 22.11 -37.06
C THR G 94 -20.34 23.34 -37.93
N LEU G 95 -21.28 24.19 -37.52
CA LEU G 95 -21.54 25.48 -38.14
C LEU G 95 -21.58 26.56 -37.07
N GLN G 96 -20.68 27.54 -37.17
CA GLN G 96 -20.58 28.64 -36.22
C GLN G 96 -21.14 29.92 -36.84
N SER G 97 -21.75 30.75 -35.99
CA SER G 97 -22.22 32.06 -36.42
C SER G 97 -21.98 33.08 -35.32
N MET G 98 -21.48 34.26 -35.71
CA MET G 98 -21.36 35.38 -34.79
C MET G 98 -21.99 36.62 -35.43
N PHE G 99 -22.84 37.32 -34.68
CA PHE G 99 -23.40 38.55 -35.22
C PHE G 99 -23.67 39.53 -34.07
N GLY G 100 -23.85 40.79 -34.43
CA GLY G 100 -24.18 41.77 -33.42
C GLY G 100 -23.85 43.19 -33.86
N CYS G 101 -23.92 44.10 -32.87
CA CYS G 101 -23.87 45.53 -33.13
C CYS G 101 -23.15 46.27 -32.02
N TYR G 102 -22.52 47.39 -32.40
CA TYR G 102 -21.89 48.33 -31.49
C TYR G 102 -22.72 49.61 -31.43
N LEU G 103 -22.81 50.21 -30.25
CA LEU G 103 -23.58 51.44 -30.06
C LEU G 103 -22.68 52.64 -30.36
N GLY G 104 -23.12 53.50 -31.27
CA GLY G 104 -22.41 54.70 -31.60
C GLY G 104 -22.66 55.80 -30.58
N PRO G 105 -21.93 56.90 -30.73
CA PRO G 105 -22.08 58.02 -29.77
C PRO G 105 -23.42 58.74 -29.87
N ASP G 106 -24.12 58.64 -30.99
CA ASP G 106 -25.44 59.23 -31.14
C ASP G 106 -26.57 58.25 -30.85
N GLY G 107 -26.24 57.08 -30.30
CA GLY G 107 -27.24 56.06 -30.08
C GLY G 107 -27.65 55.27 -31.31
N LEU G 108 -26.85 55.30 -32.36
CA LEU G 108 -27.14 54.57 -33.59
C LEU G 108 -26.01 53.58 -33.87
N LEU G 109 -26.26 52.72 -34.86
CA LEU G 109 -25.29 51.70 -35.22
C LEU G 109 -23.98 52.31 -35.69
N LEU G 110 -22.88 51.99 -34.99
CA LEU G 110 -21.56 52.37 -35.46
C LEU G 110 -20.95 51.27 -36.32
N HIS G 111 -21.04 50.02 -35.86
CA HIS G 111 -20.56 48.88 -36.64
C HIS G 111 -21.43 47.67 -36.35
N GLY G 112 -21.81 46.98 -37.41
CA GLY G 112 -22.59 45.76 -37.30
C GLY G 112 -21.91 44.65 -38.06
N TYR G 113 -22.04 43.42 -37.53
CA TYR G 113 -21.29 42.31 -38.08
C TYR G 113 -22.12 41.04 -38.11
N ARG G 114 -21.83 40.20 -39.11
CA ARG G 114 -22.42 38.88 -39.26
C ARG G 114 -21.43 38.00 -40.01
N GLN G 115 -21.06 36.86 -39.42
CA GLN G 115 -20.07 35.98 -40.01
C GLN G 115 -20.36 34.53 -39.65
N ASP G 116 -20.22 33.64 -40.63
CA ASP G 116 -20.48 32.21 -40.48
C ASP G 116 -19.24 31.42 -40.88
N ALA G 117 -18.99 30.32 -40.15
CA ALA G 117 -17.83 29.47 -40.36
C ALA G 117 -18.24 27.99 -40.35
N TYR G 118 -17.67 27.20 -41.24
CA TYR G 118 -17.93 25.77 -41.29
C TYR G 118 -16.69 24.98 -40.88
N ASP G 119 -16.86 24.06 -39.94
CA ASP G 119 -15.79 23.17 -39.46
C ASP G 119 -14.58 23.95 -38.98
N GLY G 120 -14.82 25.08 -38.33
CA GLY G 120 -13.78 25.86 -37.69
C GLY G 120 -13.10 26.91 -38.54
N ALA G 121 -13.45 27.02 -39.82
CA ALA G 121 -12.76 27.92 -40.73
C ALA G 121 -13.76 28.90 -41.33
N ASP G 122 -13.25 30.09 -41.66
CA ASP G 122 -14.07 31.13 -42.30
C ASP G 122 -14.88 30.55 -43.46
N TYR G 123 -16.18 30.84 -43.45
CA TYR G 123 -17.05 30.45 -44.56
C TYR G 123 -17.58 31.67 -45.30
N ILE G 124 -18.45 32.46 -44.68
CA ILE G 124 -19.04 33.62 -45.36
C ILE G 124 -19.14 34.78 -44.38
N ALA G 125 -19.01 35.99 -44.91
CA ALA G 125 -19.01 37.19 -44.07
C ALA G 125 -19.80 38.31 -44.70
N LEU G 126 -20.58 39.04 -43.89
CA LEU G 126 -21.17 40.30 -44.35
C LEU G 126 -20.13 41.41 -44.25
N ASN G 127 -20.03 42.23 -45.30
CA ASN G 127 -18.99 43.27 -45.33
C ASN G 127 -19.44 44.50 -44.54
N GLU G 128 -18.46 45.32 -44.20
CA GLU G 128 -18.69 46.53 -43.41
C GLU G 128 -19.75 47.45 -44.05
N ASP G 129 -19.76 47.60 -45.39
CA ASP G 129 -20.86 48.30 -46.03
C ASP G 129 -22.19 47.63 -45.72
N LEU G 130 -22.14 46.41 -45.15
CA LEU G 130 -23.28 45.55 -44.83
C LEU G 130 -24.04 45.15 -46.07
N ARG G 131 -23.45 45.35 -47.26
CA ARG G 131 -24.15 45.17 -48.54
C ARG G 131 -23.63 44.01 -49.37
N SER G 132 -22.50 43.44 -49.02
CA SER G 132 -21.84 42.45 -49.84
C SER G 132 -21.32 41.36 -48.93
N TRP G 133 -21.01 40.22 -49.53
CA TRP G 133 -20.57 39.05 -48.82
C TRP G 133 -19.19 38.67 -49.30
N THR G 134 -18.42 38.05 -48.42
CA THR G 134 -17.10 37.52 -48.71
C THR G 134 -17.12 36.02 -48.46
N ALA G 135 -16.89 35.24 -49.51
CA ALA G 135 -16.75 33.80 -49.44
C ALA G 135 -15.28 33.40 -49.37
N ALA G 136 -15.00 32.33 -48.63
CA ALA G 136 -13.64 31.88 -48.39
C ALA G 136 -13.17 30.80 -49.35
N ASP G 137 -14.10 30.06 -49.96
CA ASP G 137 -13.74 29.00 -50.91
C ASP G 137 -14.86 28.94 -51.96
N MET G 138 -14.73 27.93 -52.82
CA MET G 138 -15.63 27.68 -53.94
C MET G 138 -16.97 27.17 -53.46
N ALA G 139 -17.08 26.94 -52.19
CA ALA G 139 -18.31 26.47 -51.63
C ALA G 139 -19.12 27.59 -51.09
N ALA G 140 -18.46 28.49 -50.42
CA ALA G 140 -19.09 29.59 -49.74
C ALA G 140 -19.59 30.40 -50.80
N GLN G 141 -19.05 30.14 -51.94
CA GLN G 141 -19.48 30.98 -53.07
C GLN G 141 -20.89 30.64 -53.55
N ILE G 142 -21.32 29.43 -53.31
CA ILE G 142 -22.71 29.09 -53.64
C ILE G 142 -23.66 29.78 -52.67
N THR G 143 -23.35 29.72 -51.38
CA THR G 143 -24.12 30.47 -50.39
C THR G 143 -24.01 31.97 -50.65
N LYS G 144 -22.80 32.40 -51.02
CA LYS G 144 -22.55 33.81 -51.26
C LYS G 144 -23.47 34.30 -52.36
N ARG G 145 -23.68 33.45 -53.37
CA ARG G 145 -24.53 33.77 -54.51
C ARG G 145 -26.02 33.50 -54.31
N LYS G 146 -26.33 32.61 -53.42
CA LYS G 146 -27.70 32.41 -53.12
C LYS G 146 -28.18 33.69 -52.44
N TRP G 147 -27.36 34.21 -51.53
CA TRP G 147 -27.68 35.42 -50.81
C TRP G 147 -27.61 36.65 -51.72
N GLU G 148 -26.81 36.62 -52.74
CA GLU G 148 -26.82 37.71 -53.65
C GLU G 148 -28.21 37.77 -54.29
N ALA G 149 -28.70 36.62 -54.77
CA ALA G 149 -29.97 36.56 -55.48
C ALA G 149 -31.17 36.71 -54.56
N ALA G 150 -31.01 36.52 -53.25
CA ALA G 150 -32.16 36.49 -52.35
C ALA G 150 -32.27 37.71 -51.45
N ASN G 151 -31.46 38.76 -51.68
CA ASN G 151 -31.58 40.02 -50.96
C ASN G 151 -31.48 39.81 -49.45
N VAL G 152 -30.57 38.92 -49.04
CA VAL G 152 -30.41 38.62 -47.62
C VAL G 152 -29.73 39.78 -46.89
N ALA G 153 -28.73 40.41 -47.52
CA ALA G 153 -28.06 41.55 -46.92
C ALA G 153 -29.05 42.60 -46.46
N GLU G 154 -30.16 42.74 -47.19
CA GLU G 154 -31.23 43.64 -46.76
C GLU G 154 -31.76 43.24 -45.39
N ARG G 155 -32.11 41.96 -45.22
CA ARG G 155 -32.61 41.50 -43.93
C ARG G 155 -31.60 41.74 -42.82
N ARG G 156 -30.37 41.37 -43.02
CA ARG G 156 -29.37 41.51 -41.99
C ARG G 156 -29.13 42.92 -41.57
N ARG G 157 -29.09 43.84 -42.49
CA ARG G 157 -28.79 45.21 -42.15
C ARG G 157 -29.97 45.93 -41.55
N SER G 158 -31.16 45.43 -41.80
CA SER G 158 -32.31 46.05 -41.23
C SER G 158 -32.37 45.52 -39.84
N TYR G 159 -32.05 44.28 -39.67
CA TYR G 159 -31.98 43.77 -38.30
C TYR G 159 -30.93 44.52 -37.49
N LEU G 160 -29.72 44.65 -38.03
CA LEU G 160 -28.62 45.26 -37.28
C LEU G 160 -28.89 46.74 -37.01
N GLN G 161 -29.41 47.47 -38.00
CA GLN G 161 -29.71 48.87 -37.80
C GLN G 161 -30.98 49.08 -36.99
N GLY G 162 -31.85 48.08 -36.92
CA GLY G 162 -33.08 48.19 -36.17
C GLY G 162 -33.02 47.42 -34.87
N LEU G 163 -33.49 46.17 -34.88
CA LEU G 163 -33.70 45.44 -33.63
C LEU G 163 -32.43 45.34 -32.81
N CYS G 164 -31.27 45.20 -33.46
CA CYS G 164 -30.02 44.99 -32.73
C CYS G 164 -29.69 46.20 -31.87
N VAL G 165 -29.58 47.39 -32.48
CA VAL G 165 -29.25 48.59 -31.72
C VAL G 165 -30.31 48.89 -30.68
N GLU G 166 -31.59 48.62 -30.98
CA GLU G 166 -32.61 48.94 -29.99
C GLU G 166 -32.53 47.98 -28.79
N SER G 167 -32.23 46.69 -28.99
CA SER G 167 -32.02 45.89 -27.79
C SER G 167 -30.69 46.22 -27.12
N LEU G 168 -29.72 46.76 -27.86
CA LEU G 168 -28.51 47.21 -27.18
C LEU G 168 -28.80 48.39 -26.25
N ARG G 169 -29.63 49.35 -26.68
CA ARG G 169 -29.97 50.47 -25.81
C ARG G 169 -30.84 50.02 -24.62
N ARG G 170 -31.76 49.11 -24.83
CA ARG G 170 -32.58 48.61 -23.77
C ARG G 170 -31.75 47.95 -22.70
N TYR G 171 -30.85 47.08 -23.11
CA TYR G 171 -30.01 46.37 -22.18
C TYR G 171 -29.00 47.19 -21.48
N LEU G 172 -28.50 48.23 -22.09
CA LEU G 172 -27.53 49.06 -21.43
C LEU G 172 -28.21 49.73 -20.24
N GLU G 173 -29.43 50.18 -20.50
CA GLU G 173 -30.21 50.83 -19.53
C GLU G 173 -30.55 49.97 -18.36
N MET G 174 -31.16 48.83 -18.64
CA MET G 174 -31.55 47.92 -17.58
C MET G 174 -30.46 47.59 -16.60
N GLY G 175 -29.33 47.09 -17.06
CA GLY G 175 -28.27 46.76 -16.12
C GLY G 175 -27.33 47.93 -15.91
N LYS G 176 -27.82 49.02 -15.36
CA LYS G 176 -27.01 50.21 -15.17
C LYS G 176 -26.13 50.25 -13.95
N ASP G 177 -26.05 49.19 -13.18
CA ASP G 177 -25.21 49.26 -12.01
C ASP G 177 -23.92 48.55 -12.17
N THR G 178 -23.80 47.78 -13.23
CA THR G 178 -22.62 46.99 -13.43
C THR G 178 -22.08 46.99 -14.84
N LEU G 179 -22.88 47.35 -15.79
CA LEU G 179 -22.39 47.29 -17.16
C LEU G 179 -21.65 48.55 -17.61
N GLN G 180 -22.00 49.69 -17.08
CA GLN G 180 -21.27 50.91 -17.41
C GLN G 180 -20.13 51.10 -16.43
N ARG G 181 -20.24 50.50 -15.25
CA ARG G 181 -19.17 50.54 -14.27
C ARG G 181 -17.95 49.73 -14.70
N ALA G 182 -16.78 50.33 -14.72
CA ALA G 182 -15.62 49.57 -15.06
C ALA G 182 -14.97 49.21 -13.74
N GLU G 183 -14.35 48.05 -13.71
CA GLU G 183 -13.65 47.73 -12.49
C GLU G 183 -12.17 47.47 -12.70
N PRO G 184 -11.33 48.24 -12.00
CA PRO G 184 -9.88 48.07 -12.09
C PRO G 184 -9.44 46.81 -11.37
N PRO G 185 -8.26 46.30 -11.71
CA PRO G 185 -7.78 45.06 -11.06
C PRO G 185 -7.22 45.26 -9.66
N LYS G 186 -7.53 44.29 -8.79
CA LYS G 186 -6.81 44.13 -7.54
C LYS G 186 -5.51 43.38 -7.83
N THR G 187 -4.38 44.03 -7.61
CA THR G 187 -3.09 43.54 -8.07
C THR G 187 -2.17 43.20 -6.90
N HIS G 188 -1.29 42.23 -7.13
CA HIS G 188 -0.20 41.97 -6.19
C HIS G 188 0.87 41.14 -6.86
N VAL G 189 2.10 41.27 -6.37
CA VAL G 189 3.26 40.57 -6.90
C VAL G 189 3.68 39.50 -5.91
N THR G 190 3.81 38.27 -6.38
CA THR G 190 4.32 37.17 -5.59
C THR G 190 5.73 36.83 -6.00
N ARG G 191 6.51 36.38 -5.02
CA ARG G 191 7.92 36.06 -5.18
C ARG G 191 8.12 34.58 -4.93
N HIS G 192 8.79 33.91 -5.86
CA HIS G 192 8.98 32.46 -5.77
C HIS G 192 10.47 32.20 -5.98
N PRO G 193 11.22 32.04 -4.89
CA PRO G 193 12.58 31.49 -5.01
C PRO G 193 12.43 30.03 -5.40
N SER G 194 12.47 29.78 -6.68
CA SER G 194 12.11 28.50 -7.19
C SER G 194 13.12 27.51 -7.65
N SER G 195 13.97 27.97 -8.56
CA SER G 195 14.97 27.16 -9.21
C SER G 195 16.36 27.42 -8.73
N ASP G 196 17.34 27.08 -9.53
CA ASP G 196 18.74 27.21 -9.25
C ASP G 196 19.16 28.47 -8.47
N LEU G 197 19.19 29.63 -9.10
CA LEU G 197 19.49 30.87 -8.41
C LEU G 197 18.66 31.92 -9.06
N GLY G 198 17.43 31.56 -9.42
CA GLY G 198 16.49 32.44 -10.08
C GLY G 198 15.20 32.68 -9.32
N VAL G 199 14.84 33.93 -9.16
CA VAL G 199 13.62 34.27 -8.47
C VAL G 199 12.51 34.60 -9.47
N THR G 200 11.36 33.97 -9.31
CA THR G 200 10.29 34.23 -10.24
C THR G 200 9.42 35.29 -9.60
N LEU G 201 9.17 36.39 -10.29
CA LEU G 201 8.22 37.37 -9.81
C LEU G 201 7.00 37.33 -10.71
N ARG G 202 5.83 37.19 -10.09
CA ARG G 202 4.58 37.08 -10.82
C ARG G 202 3.64 38.20 -10.39
N CYS G 203 3.25 39.04 -11.35
CA CYS G 203 2.34 40.14 -11.11
C CYS G 203 0.93 39.69 -11.49
N TRP G 204 0.03 39.71 -10.50
CA TRP G 204 -1.35 39.25 -10.63
C TRP G 204 -2.28 40.46 -10.67
N ALA G 205 -3.25 40.41 -11.59
CA ALA G 205 -4.38 41.32 -11.63
C ALA G 205 -5.66 40.49 -11.59
N LEU G 206 -6.49 40.72 -10.58
CA LEU G 206 -7.68 39.90 -10.35
C LEU G 206 -8.93 40.78 -10.25
N GLY G 207 -10.06 40.22 -10.68
CA GLY G 207 -11.35 40.83 -10.42
C GLY G 207 -11.62 42.12 -11.17
N PHE G 208 -11.01 42.30 -12.33
CA PHE G 208 -11.21 43.50 -13.12
C PHE G 208 -12.26 43.29 -14.21
N TYR G 209 -12.90 44.39 -14.61
CA TYR G 209 -13.90 44.40 -15.67
C TYR G 209 -13.77 45.73 -16.38
N PRO G 210 -13.76 45.75 -17.73
CA PRO G 210 -13.89 44.58 -18.59
C PRO G 210 -12.62 43.75 -18.77
N LYS G 211 -12.64 42.91 -19.80
CA LYS G 211 -11.55 41.97 -20.06
C LYS G 211 -10.23 42.68 -20.31
N GLU G 212 -10.26 43.69 -21.19
CA GLU G 212 -9.04 44.20 -21.79
C GLU G 212 -8.14 44.83 -20.73
N ILE G 213 -6.86 44.48 -20.77
CA ILE G 213 -5.92 44.90 -19.73
C ILE G 213 -4.52 44.76 -20.29
N SER G 214 -3.56 45.45 -19.70
CA SER G 214 -2.16 45.38 -20.10
C SER G 214 -1.29 45.15 -18.88
N LEU G 215 -0.51 44.07 -18.91
CA LEU G 215 0.38 43.68 -17.83
C LEU G 215 1.77 43.48 -18.41
N THR G 216 2.74 44.30 -17.99
CA THR G 216 4.07 44.21 -18.55
C THR G 216 5.12 44.32 -17.45
N TRP G 217 6.32 43.83 -17.75
CA TRP G 217 7.47 43.93 -16.86
C TRP G 217 8.54 44.81 -17.48
N GLN G 218 9.11 45.67 -16.65
CA GLN G 218 10.16 46.60 -17.04
C GLN G 218 11.42 46.61 -16.16
N ARG G 219 12.57 46.58 -16.80
CA ARG G 219 13.76 46.69 -16.03
C ARG G 219 14.33 48.10 -16.17
N GLU G 220 14.37 48.79 -15.05
CA GLU G 220 14.89 50.10 -14.88
C GLU G 220 16.19 50.26 -15.56
N GLY G 221 16.26 51.25 -16.41
CA GLY G 221 17.45 51.49 -17.16
C GLY G 221 17.23 50.93 -18.51
N GLN G 222 16.06 50.37 -18.68
CA GLN G 222 15.79 49.80 -19.94
C GLN G 222 14.46 50.32 -20.37
N ASP G 223 14.32 50.64 -21.64
CA ASP G 223 13.05 51.24 -22.01
C ASP G 223 12.00 50.29 -22.47
N GLN G 224 12.38 49.33 -23.26
CA GLN G 224 11.41 48.37 -23.71
C GLN G 224 10.88 47.40 -22.66
N SER G 225 9.78 46.74 -22.97
CA SER G 225 9.24 45.69 -22.12
C SER G 225 10.15 44.50 -22.28
N GLN G 226 10.41 43.68 -21.30
CA GLN G 226 11.31 42.60 -21.62
C GLN G 226 10.56 41.29 -21.69
N ASP G 227 11.26 40.19 -21.72
CA ASP G 227 10.63 38.88 -21.85
C ASP G 227 9.95 38.40 -20.64
N MET G 228 8.74 37.89 -20.84
CA MET G 228 7.88 37.42 -19.76
C MET G 228 6.90 36.28 -19.99
N GLU G 229 6.55 35.59 -18.92
CA GLU G 229 5.50 34.58 -19.00
C GLU G 229 4.16 35.27 -18.80
N LEU G 230 3.37 35.32 -19.86
CA LEU G 230 2.12 36.07 -19.89
C LEU G 230 1.01 35.10 -20.25
N VAL G 231 0.08 34.91 -19.33
CA VAL G 231 -1.06 34.04 -19.56
C VAL G 231 -2.20 34.85 -20.17
N GLU G 232 -3.03 34.11 -20.87
CA GLU G 232 -4.15 34.59 -21.64
C GLU G 232 -5.23 35.03 -20.64
N THR G 233 -5.96 36.10 -20.95
CA THR G 233 -6.99 36.57 -20.02
C THR G 233 -8.06 35.50 -19.79
N ARG G 234 -8.46 35.31 -18.53
CA ARG G 234 -9.33 34.20 -18.14
C ARG G 234 -10.43 34.69 -17.20
N PRO G 235 -11.61 34.08 -17.26
CA PRO G 235 -12.71 34.52 -16.39
C PRO G 235 -12.53 34.06 -14.95
N SER G 236 -12.90 34.94 -14.02
CA SER G 236 -12.81 34.60 -12.60
C SER G 236 -13.96 33.72 -12.13
N GLY G 237 -15.08 33.72 -12.85
CA GLY G 237 -16.24 32.94 -12.50
C GLY G 237 -17.41 33.74 -11.96
N ASP G 238 -17.17 34.97 -11.51
CA ASP G 238 -18.23 35.82 -10.97
C ASP G 238 -18.56 37.00 -11.88
N GLY G 239 -18.14 36.94 -13.15
CA GLY G 239 -18.32 38.02 -14.08
C GLY G 239 -17.11 38.91 -14.27
N THR G 240 -16.06 38.74 -13.48
CA THR G 240 -14.83 39.48 -13.63
C THR G 240 -13.77 38.60 -14.29
N PHE G 241 -12.58 39.17 -14.47
CA PHE G 241 -11.50 38.47 -15.16
C PHE G 241 -10.20 38.60 -14.37
N GLN G 242 -9.24 37.75 -14.71
CA GLN G 242 -7.94 37.78 -14.05
C GLN G 242 -6.85 37.45 -15.05
N LYS G 243 -5.62 37.80 -14.69
CA LYS G 243 -4.46 37.66 -15.56
C LYS G 243 -3.20 37.78 -14.71
N TRP G 244 -2.09 37.25 -15.23
CA TRP G 244 -0.82 37.50 -14.57
C TRP G 244 0.31 37.48 -15.59
N ALA G 245 1.43 38.11 -15.20
CA ALA G 245 2.65 38.15 -15.99
C ALA G 245 3.84 37.91 -15.07
N ALA G 246 4.69 36.94 -15.43
CA ALA G 246 5.79 36.55 -14.57
C ALA G 246 7.10 36.58 -15.36
N LEU G 247 8.20 36.72 -14.61
CA LEU G 247 9.52 36.65 -15.21
C LEU G 247 10.54 36.26 -14.14
N VAL G 248 11.68 35.76 -14.60
CA VAL G 248 12.73 35.27 -13.71
C VAL G 248 13.86 36.28 -13.70
N VAL G 249 14.27 36.66 -12.49
CA VAL G 249 15.32 37.65 -12.27
C VAL G 249 16.38 36.97 -11.41
N PRO G 250 17.63 37.43 -11.48
CA PRO G 250 18.65 36.89 -10.60
C PRO G 250 18.31 37.19 -9.17
N PRO G 251 18.81 36.39 -8.21
CA PRO G 251 18.27 36.41 -6.85
C PRO G 251 18.65 37.60 -5.97
N GLY G 252 19.08 38.68 -6.55
CA GLY G 252 19.38 39.81 -5.73
C GLY G 252 18.91 41.10 -6.28
N GLU G 253 18.26 41.04 -7.40
CA GLU G 253 17.82 42.24 -8.04
C GLU G 253 16.31 42.45 -8.12
N GLU G 254 15.60 41.93 -7.15
CA GLU G 254 14.15 42.00 -7.01
C GLU G 254 13.61 43.41 -7.30
N GLN G 255 14.22 44.44 -6.71
CA GLN G 255 13.70 45.80 -6.85
C GLN G 255 14.22 46.52 -8.10
N SER G 256 14.76 45.78 -9.07
CA SER G 256 15.11 46.32 -10.37
C SER G 256 14.03 46.10 -11.42
N TYR G 257 12.92 45.47 -11.06
CA TYR G 257 11.88 45.15 -12.02
C TYR G 257 10.55 45.74 -11.55
N THR G 258 9.79 46.30 -12.48
CA THR G 258 8.50 46.90 -12.17
C THR G 258 7.43 46.34 -13.10
N CYS G 259 6.32 45.91 -12.52
CA CYS G 259 5.15 45.50 -13.27
C CYS G 259 4.25 46.70 -13.49
N HIS G 260 3.87 46.91 -14.74
CA HIS G 260 2.99 47.98 -15.14
C HIS G 260 1.63 47.37 -15.48
N VAL G 261 0.58 47.91 -14.86
CA VAL G 261 -0.78 47.43 -15.03
C VAL G 261 -1.61 48.61 -15.53
N GLN G 262 -2.19 48.45 -16.71
CA GLN G 262 -3.03 49.50 -17.30
C GLN G 262 -4.37 48.90 -17.68
N HIS G 263 -5.43 49.47 -17.10
CA HIS G 263 -6.80 49.01 -17.31
C HIS G 263 -7.71 50.23 -17.20
N GLU G 264 -8.77 50.26 -18.00
CA GLU G 264 -9.62 51.44 -18.08
C GLU G 264 -10.38 51.71 -16.78
N GLY G 265 -10.35 50.79 -15.82
CA GLY G 265 -10.93 51.08 -14.52
C GLY G 265 -10.02 51.83 -13.57
N LEU G 266 -8.74 51.97 -13.89
CA LEU G 266 -7.80 52.65 -13.02
C LEU G 266 -7.72 54.12 -13.41
N GLN G 267 -7.75 54.99 -12.40
CA GLN G 267 -7.65 56.43 -12.64
C GLN G 267 -6.30 56.83 -13.20
N GLU G 268 -5.26 56.04 -12.92
CA GLU G 268 -3.93 56.29 -13.46
C GLU G 268 -3.22 54.95 -13.59
N PRO G 269 -2.24 54.85 -14.50
CA PRO G 269 -1.49 53.58 -14.63
C PRO G 269 -0.90 53.15 -13.30
N LEU G 270 -0.81 51.82 -13.12
CA LEU G 270 -0.37 51.25 -11.86
C LEU G 270 1.02 50.67 -12.03
N THR G 271 1.85 50.82 -10.99
CA THR G 271 3.24 50.37 -11.01
C THR G 271 3.56 49.68 -9.70
N LEU G 272 3.95 48.41 -9.78
CA LEU G 272 4.29 47.63 -8.59
C LEU G 272 5.66 47.00 -8.76
N ARG G 273 6.25 46.57 -7.65
CA ARG G 273 7.56 45.96 -7.69
C ARG G 273 7.72 44.90 -6.61
N ALA H 1 -8.39 21.06 -37.12
CA ALA H 1 -8.45 20.74 -35.71
C ALA H 1 -7.38 21.50 -34.93
N ARG H 2 -7.73 21.96 -33.74
CA ARG H 2 -6.83 22.73 -32.90
C ARG H 2 -6.86 22.21 -31.47
N PRO H 3 -5.68 22.07 -30.83
CA PRO H 3 -5.64 21.43 -29.53
C PRO H 3 -6.17 22.34 -28.45
N PRO H 4 -6.73 21.79 -27.37
CA PRO H 4 -7.28 22.64 -26.30
C PRO H 4 -6.17 23.22 -25.44
N LYS H 5 -6.27 24.51 -25.16
CA LYS H 5 -5.50 25.15 -24.12
C LYS H 5 -6.29 25.09 -22.83
N VAL H 6 -5.61 24.75 -21.74
CA VAL H 6 -6.28 24.49 -20.47
C VAL H 6 -5.58 25.31 -19.39
N GLN H 7 -6.36 26.08 -18.64
CA GLN H 7 -5.87 26.79 -17.46
C GLN H 7 -6.72 26.39 -16.28
N VAL H 8 -6.07 26.06 -15.17
CA VAL H 8 -6.77 25.73 -13.94
C VAL H 8 -6.30 26.69 -12.86
N TYR H 9 -7.24 27.27 -12.13
CA TYR H 9 -6.89 28.36 -11.25
C TYR H 9 -8.03 28.61 -10.27
N SER H 10 -7.69 29.26 -9.16
CA SER H 10 -8.71 29.64 -8.19
C SER H 10 -9.21 31.05 -8.50
N ARG H 11 -10.45 31.32 -8.10
CA ARG H 11 -11.01 32.65 -8.31
C ARG H 11 -10.27 33.68 -7.48
N HIS H 12 -9.95 33.35 -6.23
CA HIS H 12 -9.19 34.19 -5.32
C HIS H 12 -7.86 33.52 -4.98
N PRO H 13 -6.86 34.31 -4.60
CA PRO H 13 -5.57 33.72 -4.21
C PRO H 13 -5.74 32.69 -3.09
N ALA H 14 -5.15 31.52 -3.30
CA ALA H 14 -5.41 30.39 -2.40
C ALA H 14 -4.94 30.66 -0.97
N GLU H 15 -5.86 30.49 -0.04
CA GLU H 15 -5.75 30.58 1.41
C GLU H 15 -6.06 29.24 2.02
N ASN H 16 -5.15 28.71 2.82
CA ASN H 16 -5.39 27.43 3.43
C ASN H 16 -6.61 27.52 4.33
N GLY H 17 -7.56 26.61 4.12
CA GLY H 17 -8.75 26.53 4.91
C GLY H 17 -9.90 27.42 4.45
N LYS H 18 -9.65 28.40 3.62
CA LYS H 18 -10.72 29.33 3.28
C LYS H 18 -11.46 28.88 2.03
N PRO H 19 -12.79 28.91 2.03
CA PRO H 19 -13.54 28.55 0.82
C PRO H 19 -13.20 29.45 -0.35
N ASN H 20 -13.25 28.87 -1.54
CA ASN H 20 -12.83 29.53 -2.77
C ASN H 20 -13.48 28.79 -3.93
N TYR H 21 -13.10 29.14 -5.15
CA TYR H 21 -13.72 28.58 -6.34
C TYR H 21 -12.63 28.15 -7.32
N LEU H 22 -12.77 26.95 -7.85
CA LEU H 22 -11.81 26.37 -8.77
C LEU H 22 -12.39 26.40 -10.18
N ASN H 23 -11.59 26.88 -11.13
CA ASN H 23 -11.97 27.11 -12.50
C ASN H 23 -11.04 26.33 -13.43
N CYS H 24 -11.61 25.75 -14.47
CA CYS H 24 -10.90 25.15 -15.57
C CYS H 24 -11.42 25.84 -16.83
N TYR H 25 -10.59 26.72 -17.38
CA TYR H 25 -10.92 27.49 -18.57
C TYR H 25 -10.22 26.83 -19.76
N VAL H 26 -11.01 26.35 -20.72
CA VAL H 26 -10.49 25.66 -21.88
C VAL H 26 -10.83 26.48 -23.11
N SER H 27 -9.80 26.86 -23.86
CA SER H 27 -9.97 27.74 -25.00
C SER H 27 -9.06 27.25 -26.12
N GLY H 28 -9.27 27.78 -27.31
CA GLY H 28 -8.37 27.41 -28.39
C GLY H 28 -8.59 26.00 -28.92
N PHE H 29 -9.76 25.40 -28.67
CA PHE H 29 -10.00 24.02 -29.05
C PHE H 29 -11.01 23.93 -30.18
N HIS H 30 -10.84 22.91 -31.02
CA HIS H 30 -11.74 22.57 -32.11
C HIS H 30 -11.49 21.14 -32.52
N PRO H 31 -12.53 20.31 -32.73
CA PRO H 31 -13.99 20.48 -32.70
C PRO H 31 -14.55 20.72 -31.30
N PRO H 32 -15.82 21.03 -31.20
CA PRO H 32 -16.38 21.27 -29.87
C PRO H 32 -16.61 20.05 -29.01
N GLN H 33 -16.48 18.86 -29.51
CA GLN H 33 -16.77 17.72 -28.69
C GLN H 33 -15.64 17.48 -27.72
N ILE H 34 -15.87 17.88 -26.50
CA ILE H 34 -14.86 17.81 -25.53
C ILE H 34 -15.37 17.44 -24.19
N GLU H 35 -14.53 16.75 -23.45
CA GLU H 35 -14.84 16.40 -22.08
C GLU H 35 -13.90 17.20 -21.19
N ILE H 36 -14.47 17.98 -20.28
CA ILE H 36 -13.72 18.82 -19.38
C ILE H 36 -14.21 18.50 -17.99
N ASP H 37 -13.31 18.03 -17.13
CA ASP H 37 -13.72 17.63 -15.79
C ASP H 37 -12.66 18.06 -14.79
N LEU H 38 -13.12 18.53 -13.63
CA LEU H 38 -12.23 18.88 -12.52
C LEU H 38 -12.13 17.72 -11.54
N LEU H 39 -10.91 17.47 -11.06
CA LEU H 39 -10.59 16.33 -10.23
C LEU H 39 -10.04 16.80 -8.88
N LYS H 40 -10.53 16.21 -7.80
CA LYS H 40 -9.98 16.40 -6.47
C LYS H 40 -9.31 15.10 -6.03
N ASN H 41 -7.99 15.14 -5.82
CA ASN H 41 -7.20 13.96 -5.51
C ASN H 41 -7.48 12.83 -6.48
N GLY H 42 -7.59 13.17 -7.77
CA GLY H 42 -7.80 12.20 -8.82
C GLY H 42 -9.24 11.82 -9.07
N GLU H 43 -10.16 12.15 -8.17
CA GLU H 43 -11.55 11.76 -8.29
C GLU H 43 -12.37 12.87 -8.91
N LYS H 44 -13.36 12.47 -9.72
CA LYS H 44 -14.18 13.44 -10.44
C LYS H 44 -14.99 14.30 -9.49
N MET H 45 -15.00 15.61 -9.75
CA MET H 45 -15.75 16.56 -8.93
C MET H 45 -17.05 16.97 -9.62
N ASN H 46 -18.04 17.33 -8.79
CA ASN H 46 -19.29 17.88 -9.28
C ASN H 46 -19.13 19.38 -9.53
N ALA H 47 -19.33 19.80 -10.78
CA ALA H 47 -19.05 21.18 -11.14
C ALA H 47 -20.03 21.63 -12.22
N GLU H 48 -20.22 22.94 -12.30
CA GLU H 48 -21.06 23.53 -13.33
C GLU H 48 -20.23 23.89 -14.54
N GLN H 49 -20.84 23.81 -15.72
CA GLN H 49 -20.19 24.17 -16.97
C GLN H 49 -20.92 25.34 -17.59
N SER H 50 -20.15 26.33 -18.05
CA SER H 50 -20.74 27.49 -18.70
C SER H 50 -21.36 27.08 -20.05
N ASP H 51 -22.15 27.98 -20.60
CA ASP H 51 -22.75 27.74 -21.90
C ASP H 51 -21.72 27.93 -23.00
N LEU H 52 -21.76 27.03 -23.99
CA LEU H 52 -20.76 27.05 -25.06
C LEU H 52 -20.77 28.36 -25.81
N SER H 53 -19.59 28.95 -25.94
CA SER H 53 -19.38 30.16 -26.73
C SER H 53 -18.02 30.04 -27.39
N PHE H 54 -17.63 31.06 -28.15
CA PHE H 54 -16.37 31.03 -28.84
C PHE H 54 -15.89 32.45 -29.08
N SER H 55 -14.59 32.59 -29.35
CA SER H 55 -14.01 33.90 -29.60
C SER H 55 -14.07 34.16 -31.10
N LYS H 56 -13.50 35.31 -31.50
CA LYS H 56 -13.49 35.74 -32.89
C LYS H 56 -12.70 34.81 -33.79
N ASP H 57 -11.61 34.28 -33.29
CA ASP H 57 -10.92 33.20 -33.96
C ASP H 57 -11.88 32.06 -33.71
N TRP H 58 -12.12 31.19 -34.65
CA TRP H 58 -13.25 30.27 -34.40
C TRP H 58 -13.27 29.28 -33.20
N SER H 59 -12.16 29.07 -32.53
CA SER H 59 -12.07 28.20 -31.37
C SER H 59 -13.06 28.44 -30.26
N PHE H 60 -13.33 27.36 -29.59
CA PHE H 60 -14.29 27.35 -28.54
C PHE H 60 -13.70 27.47 -27.16
N TYR H 61 -14.40 28.16 -26.29
CA TYR H 61 -13.99 28.24 -24.91
C TYR H 61 -15.13 27.91 -23.93
N LEU H 62 -14.77 27.22 -22.87
CA LEU H 62 -15.69 26.83 -21.83
C LEU H 62 -15.06 27.02 -20.49
N LEU H 63 -15.88 27.23 -19.48
CA LEU H 63 -15.43 27.39 -18.09
C LEU H 63 -16.16 26.36 -17.25
N VAL H 64 -15.42 25.47 -16.61
CA VAL H 64 -16.00 24.48 -15.70
C VAL H 64 -15.49 24.81 -14.30
N HIS H 65 -16.41 25.03 -13.36
CA HIS H 65 -16.00 25.60 -12.09
C HIS H 65 -16.86 25.05 -10.97
N THR H 66 -16.29 25.03 -9.76
CA THR H 66 -17.02 24.60 -8.58
C THR H 66 -16.37 25.16 -7.33
N GLU H 67 -17.16 25.19 -6.26
CA GLU H 67 -16.63 25.60 -4.96
C GLU H 67 -15.67 24.55 -4.42
N PHE H 68 -14.62 25.01 -3.73
CA PHE H 68 -13.65 24.10 -3.15
C PHE H 68 -12.88 24.83 -2.05
N THR H 69 -12.30 24.07 -1.14
CA THR H 69 -11.48 24.62 -0.06
C THR H 69 -10.07 24.07 -0.16
N PRO H 70 -9.11 24.82 -0.66
CA PRO H 70 -7.75 24.30 -0.82
C PRO H 70 -7.00 24.26 0.51
N ASN H 71 -6.14 23.26 0.63
CA ASN H 71 -5.23 23.14 1.77
C ASN H 71 -3.87 22.69 1.26
N ALA H 72 -2.94 22.48 2.17
CA ALA H 72 -1.57 22.15 1.80
C ALA H 72 -1.38 20.66 1.53
N VAL H 73 -2.47 19.89 1.48
CA VAL H 73 -2.43 18.45 1.30
C VAL H 73 -3.19 18.02 0.04
N ASP H 74 -4.42 18.50 -0.10
CA ASP H 74 -5.32 18.01 -1.14
C ASP H 74 -4.87 18.45 -2.53
N GLN H 75 -5.04 17.55 -3.50
CA GLN H 75 -4.61 17.76 -4.88
C GLN H 75 -5.81 18.05 -5.78
N TYR H 76 -5.69 19.08 -6.61
CA TYR H 76 -6.70 19.42 -7.60
C TYR H 76 -6.08 19.45 -8.99
N SER H 77 -6.87 19.05 -9.98
CA SER H 77 -6.39 19.00 -11.36
C SER H 77 -7.59 19.09 -12.30
N CYS H 78 -7.29 19.11 -13.60
CA CYS H 78 -8.33 19.10 -14.64
C CYS H 78 -7.93 18.14 -15.73
N ARG H 79 -8.90 17.31 -16.16
CA ARG H 79 -8.70 16.34 -17.21
C ARG H 79 -9.59 16.72 -18.39
N VAL H 80 -8.98 16.77 -19.57
CA VAL H 80 -9.67 17.14 -20.81
C VAL H 80 -9.45 16.05 -21.84
N LYS H 81 -10.54 15.53 -22.39
CA LYS H 81 -10.52 14.56 -23.48
C LYS H 81 -10.99 15.27 -24.75
N HIS H 82 -10.13 15.26 -25.77
CA HIS H 82 -10.41 15.93 -27.02
C HIS H 82 -9.78 15.15 -28.17
N VAL H 83 -10.32 15.37 -29.37
CA VAL H 83 -9.91 14.60 -30.55
C VAL H 83 -8.41 14.72 -30.81
N THR H 84 -7.83 15.90 -30.56
CA THR H 84 -6.42 16.13 -30.87
C THR H 84 -5.47 15.54 -29.84
N LEU H 85 -5.96 15.14 -28.67
CA LEU H 85 -5.11 14.66 -27.58
C LEU H 85 -5.08 13.13 -27.59
N ASP H 86 -3.90 12.57 -27.86
CA ASP H 86 -3.73 11.12 -27.82
C ASP H 86 -3.94 10.57 -26.40
N LYS H 87 -3.52 11.33 -25.37
CA LYS H 87 -3.75 11.12 -23.95
C LYS H 87 -4.66 12.17 -23.35
N PRO H 88 -5.43 11.77 -22.34
CA PRO H 88 -6.21 12.75 -21.59
C PRO H 88 -5.28 13.81 -21.03
N LYS H 89 -5.53 15.09 -21.31
CA LYS H 89 -4.70 16.18 -20.78
C LYS H 89 -4.84 16.29 -19.29
N ILE H 90 -3.76 16.43 -18.57
CA ILE H 90 -3.85 16.56 -17.14
C ILE H 90 -3.07 17.77 -16.69
N VAL H 91 -3.76 18.73 -16.14
CA VAL H 91 -3.10 19.92 -15.68
C VAL H 91 -3.41 20.08 -14.25
N LYS H 92 -2.39 19.87 -13.46
CA LYS H 92 -2.51 19.96 -12.02
C LYS H 92 -2.71 21.42 -11.62
N TRP H 93 -3.54 21.64 -10.62
CA TRP H 93 -3.74 22.99 -10.13
C TRP H 93 -2.56 23.40 -9.26
N ASP H 94 -2.16 24.66 -9.37
CA ASP H 94 -1.04 25.20 -8.63
C ASP H 94 -1.39 26.61 -8.22
N ARG H 95 -1.34 26.88 -6.91
CA ARG H 95 -1.76 28.18 -6.39
C ARG H 95 -0.87 29.31 -6.88
N ASP H 96 0.31 29.01 -7.42
CA ASP H 96 1.23 30.01 -7.92
C ASP H 96 1.27 30.08 -9.44
N HIS H 97 0.99 28.97 -10.13
CA HIS H 97 1.08 28.87 -11.58
C HIS H 97 2.52 29.01 -12.06
N ARG I 1 -36.82 40.58 -28.15
CA ARG I 1 -36.30 41.69 -28.92
C ARG I 1 -34.79 41.65 -29.05
N VAL I 2 -34.23 40.52 -29.48
CA VAL I 2 -32.80 40.50 -29.77
C VAL I 2 -32.47 39.69 -31.00
N GLU I 3 -33.06 38.56 -31.22
CA GLU I 3 -32.56 37.86 -32.37
C GLU I 3 -33.27 38.38 -33.59
N ASP I 4 -32.77 37.98 -34.72
CA ASP I 4 -33.43 38.36 -35.96
C ASP I 4 -34.81 37.72 -36.00
N VAL I 5 -35.83 38.55 -36.20
CA VAL I 5 -37.21 38.05 -36.31
C VAL I 5 -37.38 37.67 -37.78
N THR I 6 -36.97 36.43 -38.09
CA THR I 6 -36.94 35.89 -39.44
C THR I 6 -38.15 35.00 -39.68
N ASN I 7 -38.72 35.15 -40.85
CA ASN I 7 -39.82 34.37 -41.41
C ASN I 7 -39.54 34.00 -42.86
N THR I 8 -38.23 33.82 -43.12
CA THR I 8 -37.50 33.58 -44.36
C THR I 8 -36.02 33.27 -44.13
N ALA I 9 -35.62 32.03 -44.47
CA ALA I 9 -34.26 31.60 -44.21
C ALA I 9 -34.00 30.30 -44.98
N GLU I 10 -32.97 29.59 -44.47
CA GLU I 10 -32.46 28.31 -44.96
C GLU I 10 -31.94 28.61 -46.32
N TYR I 11 -31.02 29.55 -46.33
CA TYR I 11 -30.48 30.08 -47.57
C TYR I 11 -29.01 29.98 -47.81
N TRP I 12 -28.43 28.88 -47.31
CA TRP I 12 -27.01 28.59 -47.52
C TRP I 12 -26.79 27.59 -48.65
N GLY J 1 -10.51 5.85 -22.34
CA GLY J 1 -10.53 5.67 -23.78
C GLY J 1 -11.91 5.39 -24.33
N PRO J 2 -12.01 5.12 -25.64
CA PRO J 2 -13.32 4.85 -26.24
C PRO J 2 -13.82 3.46 -25.83
N HIS J 3 -15.07 3.39 -25.42
CA HIS J 3 -15.67 2.16 -24.94
C HIS J 3 -15.98 1.19 -26.08
N SER J 4 -16.32 -0.04 -25.70
CA SER J 4 -16.42 -1.16 -26.61
C SER J 4 -17.68 -1.96 -26.34
N LEU J 5 -18.33 -2.43 -27.40
CA LEU J 5 -19.36 -3.46 -27.30
C LEU J 5 -19.00 -4.53 -28.31
N SER J 6 -18.74 -5.75 -27.83
CA SER J 6 -18.21 -6.79 -28.68
C SER J 6 -18.97 -8.09 -28.45
N TYR J 7 -19.07 -8.89 -29.52
CA TYR J 7 -19.76 -10.17 -29.47
C TYR J 7 -18.92 -11.22 -30.17
N PHE J 8 -18.79 -12.37 -29.51
CA PHE J 8 -17.97 -13.47 -29.97
C PHE J 8 -18.84 -14.71 -30.09
N TYR J 9 -18.95 -15.22 -31.31
CA TYR J 9 -19.72 -16.42 -31.64
C TYR J 9 -18.75 -17.53 -31.99
N THR J 10 -18.98 -18.70 -31.41
CA THR J 10 -18.24 -19.90 -31.75
C THR J 10 -19.23 -20.97 -32.16
N ALA J 11 -19.05 -21.51 -33.36
CA ALA J 11 -19.87 -22.63 -33.83
C ALA J 11 -18.92 -23.78 -34.09
N VAL J 12 -19.18 -24.90 -33.41
CA VAL J 12 -18.36 -26.09 -33.57
C VAL J 12 -19.30 -27.12 -34.16
N SER J 13 -18.90 -27.72 -35.26
CA SER J 13 -19.69 -28.79 -35.83
C SER J 13 -19.37 -30.11 -35.19
N ARG J 14 -20.39 -30.86 -34.92
CA ARG J 14 -20.19 -32.18 -34.44
C ARG J 14 -20.57 -33.00 -35.62
N PRO J 15 -19.57 -33.56 -36.26
CA PRO J 15 -18.92 -34.12 -37.44
C PRO J 15 -19.46 -35.46 -37.76
N ASP J 16 -20.54 -35.80 -37.12
CA ASP J 16 -21.21 -37.00 -37.53
C ASP J 16 -22.41 -36.48 -38.35
N ARG J 17 -23.45 -37.29 -38.53
CA ARG J 17 -24.63 -36.80 -39.23
C ARG J 17 -25.25 -35.80 -38.26
N GLY J 18 -24.99 -34.51 -38.38
CA GLY J 18 -25.58 -33.64 -37.40
C GLY J 18 -25.89 -32.17 -37.28
N ASP J 19 -25.71 -31.84 -35.98
CA ASP J 19 -25.96 -30.63 -35.19
C ASP J 19 -24.71 -29.91 -34.77
N SER J 20 -24.82 -28.78 -34.10
CA SER J 20 -23.58 -28.15 -33.74
C SER J 20 -23.67 -27.41 -32.46
N ARG J 21 -22.55 -27.35 -31.78
CA ARG J 21 -22.46 -26.59 -30.55
C ARG J 21 -22.29 -25.10 -30.88
N PHE J 22 -23.04 -24.26 -30.18
CA PHE J 22 -22.99 -22.82 -30.40
C PHE J 22 -22.82 -22.12 -29.06
N ILE J 23 -21.81 -21.25 -28.97
CA ILE J 23 -21.54 -20.48 -27.76
C ILE J 23 -21.38 -19.02 -28.15
N ALA J 24 -22.09 -18.14 -27.46
CA ALA J 24 -22.00 -16.71 -27.70
C ALA J 24 -21.71 -15.98 -26.41
N VAL J 25 -20.78 -15.03 -26.46
CA VAL J 25 -20.44 -14.21 -25.30
C VAL J 25 -20.40 -12.75 -25.70
N GLY J 26 -20.83 -11.89 -24.79
CA GLY J 26 -20.89 -10.45 -25.02
C GLY J 26 -20.04 -9.72 -24.01
N TYR J 27 -19.30 -8.71 -24.49
CA TYR J 27 -18.40 -7.93 -23.67
C TYR J 27 -18.73 -6.45 -23.77
N VAL J 28 -18.68 -5.79 -22.62
CA VAL J 28 -18.57 -4.33 -22.55
C VAL J 28 -17.13 -4.05 -22.13
N ASP J 29 -16.35 -3.51 -23.05
CA ASP J 29 -14.91 -3.30 -22.87
C ASP J 29 -14.30 -4.67 -22.55
N ASP J 30 -13.65 -4.86 -21.41
CA ASP J 30 -13.06 -6.13 -21.04
C ASP J 30 -13.93 -6.92 -20.06
N THR J 31 -15.18 -6.52 -19.85
CA THR J 31 -16.06 -7.17 -18.88
C THR J 31 -17.11 -7.98 -19.62
N GLN J 32 -17.06 -9.30 -19.44
CA GLN J 32 -18.11 -10.17 -19.97
C GLN J 32 -19.39 -9.94 -19.18
N PHE J 33 -20.52 -9.81 -19.89
CA PHE J 33 -21.79 -9.53 -19.22
C PHE J 33 -22.91 -10.50 -19.56
N VAL J 34 -22.81 -11.28 -20.64
CA VAL J 34 -23.83 -12.26 -20.99
C VAL J 34 -23.16 -13.50 -21.57
N ARG J 35 -23.92 -14.59 -21.60
CA ARG J 35 -23.46 -15.85 -22.16
C ARG J 35 -24.64 -16.60 -22.76
N PHE J 36 -24.35 -17.46 -23.74
CA PHE J 36 -25.35 -18.35 -24.29
C PHE J 36 -24.67 -19.63 -24.74
N ASP J 37 -25.32 -20.76 -24.48
CA ASP J 37 -24.81 -22.07 -24.88
C ASP J 37 -26.01 -22.97 -25.13
N ASN J 38 -26.15 -23.47 -26.35
CA ASN J 38 -27.28 -24.30 -26.74
C ASN J 38 -27.10 -25.78 -26.36
N TYR J 39 -26.00 -26.14 -25.70
CA TYR J 39 -25.78 -27.54 -25.35
C TYR J 39 -26.80 -28.01 -24.31
N ALA J 40 -27.10 -27.19 -23.32
CA ALA J 40 -28.09 -27.56 -22.31
C ALA J 40 -29.50 -27.31 -22.85
N PRO J 41 -30.46 -28.16 -22.50
CA PRO J 41 -31.82 -27.96 -23.00
C PRO J 41 -32.46 -26.70 -22.45
N ASN J 42 -33.38 -26.14 -23.23
CA ASN J 42 -34.01 -24.85 -22.95
C ASN J 42 -32.96 -23.76 -22.67
N PRO J 43 -32.04 -23.51 -23.61
CA PRO J 43 -30.96 -22.58 -23.33
C PRO J 43 -31.46 -21.13 -23.37
N ARG J 44 -30.86 -20.31 -22.51
CA ARG J 44 -31.23 -18.91 -22.40
C ARG J 44 -29.95 -18.07 -22.42
N MET J 45 -30.09 -16.83 -22.89
CA MET J 45 -29.06 -15.84 -22.63
C MET J 45 -29.08 -15.52 -21.15
N GLU J 46 -27.92 -15.63 -20.50
CA GLU J 46 -27.89 -15.57 -19.06
C GLU J 46 -26.96 -14.47 -18.58
N PRO J 47 -27.25 -13.86 -17.44
CA PRO J 47 -26.35 -12.83 -16.92
C PRO J 47 -25.03 -13.41 -16.45
N ARG J 48 -23.98 -12.62 -16.59
CA ARG J 48 -22.67 -12.94 -16.07
C ARG J 48 -22.10 -11.81 -15.24
N VAL J 49 -22.86 -10.74 -15.05
CA VAL J 49 -22.51 -9.62 -14.17
C VAL J 49 -23.77 -9.12 -13.48
N PRO J 50 -23.62 -8.51 -12.31
CA PRO J 50 -24.82 -8.01 -11.61
C PRO J 50 -25.58 -6.93 -12.38
N TRP J 51 -24.89 -5.97 -13.01
CA TRP J 51 -25.59 -4.81 -13.54
C TRP J 51 -26.52 -5.19 -14.70
N ILE J 52 -26.13 -6.16 -15.52
CA ILE J 52 -26.97 -6.56 -16.64
C ILE J 52 -28.31 -7.13 -16.18
N GLN J 53 -28.40 -7.58 -14.92
CA GLN J 53 -29.67 -8.06 -14.39
C GLN J 53 -30.68 -6.94 -14.22
N GLN J 54 -30.25 -5.67 -14.27
CA GLN J 54 -31.22 -4.57 -14.27
C GLN J 54 -32.15 -4.65 -15.46
N GLU J 55 -31.78 -5.40 -16.49
CA GLU J 55 -32.64 -5.51 -17.65
C GLU J 55 -33.74 -6.53 -17.40
N GLY J 56 -34.89 -6.28 -18.00
CA GLY J 56 -36.07 -7.07 -17.80
C GLY J 56 -36.15 -8.28 -18.71
N GLN J 57 -37.31 -8.94 -18.63
CA GLN J 57 -37.68 -10.12 -19.39
C GLN J 57 -37.32 -10.08 -20.85
N ASP J 58 -38.05 -9.20 -21.53
CA ASP J 58 -38.06 -9.12 -22.98
C ASP J 58 -36.64 -9.09 -23.53
N TYR J 59 -35.72 -8.47 -22.81
CA TYR J 59 -34.33 -8.49 -23.22
C TYR J 59 -33.81 -9.93 -23.31
N TRP J 60 -33.90 -10.67 -22.21
CA TRP J 60 -33.38 -12.03 -22.22
C TRP J 60 -34.13 -12.88 -23.25
N ASP J 61 -35.44 -12.65 -23.39
CA ASP J 61 -36.23 -13.45 -24.32
C ASP J 61 -35.82 -13.21 -25.77
N GLU J 62 -35.70 -11.93 -26.17
CA GLU J 62 -35.30 -11.64 -27.54
C GLU J 62 -33.86 -12.02 -27.80
N GLU J 63 -32.95 -11.75 -26.86
CA GLU J 63 -31.56 -12.13 -27.08
C GLU J 63 -31.46 -13.64 -27.27
N THR J 64 -32.22 -14.39 -26.47
CA THR J 64 -32.23 -15.85 -26.61
C THR J 64 -32.77 -16.27 -27.97
N ARG J 65 -33.90 -15.67 -28.38
CA ARG J 65 -34.47 -15.95 -29.70
C ARG J 65 -33.44 -15.73 -30.80
N LYS J 66 -32.80 -14.56 -30.80
CA LYS J 66 -31.87 -14.20 -31.85
C LYS J 66 -30.66 -15.13 -31.86
N VAL J 67 -30.10 -15.44 -30.68
CA VAL J 67 -28.93 -16.30 -30.65
C VAL J 67 -29.29 -17.72 -31.04
N LYS J 68 -30.53 -18.16 -30.78
CA LYS J 68 -30.92 -19.50 -31.24
C LYS J 68 -30.97 -19.54 -32.77
N ASP J 69 -31.57 -18.52 -33.37
CA ASP J 69 -31.54 -18.40 -34.83
C ASP J 69 -30.10 -18.42 -35.35
N ASN J 70 -29.23 -17.66 -34.69
CA ASN J 70 -27.82 -17.65 -35.06
C ASN J 70 -27.18 -19.02 -34.92
N ALA J 71 -27.53 -19.76 -33.87
CA ALA J 71 -26.93 -21.07 -33.65
C ALA J 71 -27.22 -21.99 -34.82
N GLN J 72 -28.48 -22.05 -35.25
CA GLN J 72 -28.80 -22.90 -36.40
C GLN J 72 -28.16 -22.35 -37.69
N THR J 73 -28.09 -21.03 -37.82
CA THR J 73 -27.45 -20.40 -38.96
C THR J 73 -26.00 -20.86 -39.11
N TYR J 74 -25.24 -20.80 -38.02
CA TYR J 74 -23.83 -21.19 -38.09
C TYR J 74 -23.68 -22.69 -38.22
N GLY J 75 -24.64 -23.46 -37.71
CA GLY J 75 -24.62 -24.90 -37.95
C GLY J 75 -24.66 -25.24 -39.43
N VAL J 76 -25.57 -24.61 -40.17
CA VAL J 76 -25.57 -24.87 -41.62
C VAL J 76 -24.34 -24.26 -42.30
N GLY J 77 -23.83 -23.14 -41.78
CA GLY J 77 -22.66 -22.52 -42.38
C GLY J 77 -21.43 -23.41 -42.34
N LEU J 78 -21.27 -24.16 -41.25
CA LEU J 78 -20.16 -25.11 -41.16
C LEU J 78 -20.20 -26.13 -42.29
N ASN J 79 -21.40 -26.67 -42.59
CA ASN J 79 -21.54 -27.63 -43.67
C ASN J 79 -21.23 -26.99 -45.01
N THR J 80 -21.70 -25.75 -45.21
CA THR J 80 -21.41 -25.05 -46.46
C THR J 80 -19.91 -24.89 -46.66
N LEU J 81 -19.19 -24.49 -45.60
CA LEU J 81 -17.75 -24.24 -45.74
C LEU J 81 -16.99 -25.54 -46.01
N ARG J 82 -17.27 -26.59 -45.25
CA ARG J 82 -16.67 -27.88 -45.53
C ARG J 82 -16.95 -28.34 -46.97
N GLY J 83 -18.18 -28.13 -47.47
CA GLY J 83 -18.43 -28.40 -48.88
C GLY J 83 -17.51 -27.60 -49.78
N TYR J 84 -17.30 -26.32 -49.45
CA TYR J 84 -16.39 -25.50 -50.23
C TYR J 84 -14.99 -26.10 -50.27
N TYR J 85 -14.55 -26.69 -49.15
CA TYR J 85 -13.22 -27.27 -49.06
C TYR J 85 -13.17 -28.75 -49.42
N ASN J 86 -14.32 -29.35 -49.77
CA ASN J 86 -14.39 -30.76 -50.18
C ASN J 86 -13.77 -31.68 -49.14
N GLN J 87 -14.11 -31.45 -47.87
CA GLN J 87 -13.60 -32.24 -46.75
C GLN J 87 -14.57 -33.34 -46.36
N SER J 88 -14.01 -34.37 -45.72
CA SER J 88 -14.78 -35.52 -45.27
C SER J 88 -15.74 -35.14 -44.15
N GLU J 89 -16.61 -36.01 -43.75
CA GLU J 89 -17.37 -35.54 -42.64
C GLU J 89 -16.73 -36.09 -41.38
N ALA J 90 -15.75 -36.96 -41.52
CA ALA J 90 -15.19 -37.62 -40.34
C ALA J 90 -14.90 -36.60 -39.24
N GLY J 91 -14.36 -35.43 -39.52
CA GLY J 91 -14.13 -34.50 -38.43
C GLY J 91 -14.98 -33.24 -38.35
N SER J 92 -14.96 -32.59 -37.19
CA SER J 92 -15.69 -31.33 -37.03
C SER J 92 -14.80 -30.21 -37.30
N HIS J 93 -15.38 -29.19 -37.86
CA HIS J 93 -14.60 -28.04 -38.05
C HIS J 93 -15.19 -26.92 -37.22
N THR J 94 -14.63 -25.74 -37.39
CA THR J 94 -15.03 -24.61 -36.55
C THR J 94 -15.29 -23.37 -37.38
N LEU J 95 -16.28 -22.59 -36.97
CA LEU J 95 -16.60 -21.31 -37.57
C LEU J 95 -16.70 -20.28 -36.45
N GLN J 96 -15.80 -19.31 -36.46
CA GLN J 96 -15.77 -18.26 -35.46
C GLN J 96 -16.23 -16.95 -36.10
N SER J 97 -16.92 -16.13 -35.31
CA SER J 97 -17.33 -14.82 -35.78
C SER J 97 -17.17 -13.81 -34.64
N MET J 98 -16.57 -12.67 -34.95
CA MET J 98 -16.49 -11.58 -33.97
C MET J 98 -17.02 -10.31 -34.62
N PHE J 99 -17.88 -9.61 -33.91
CA PHE J 99 -18.39 -8.35 -34.44
C PHE J 99 -18.62 -7.38 -33.30
N GLY J 100 -18.76 -6.11 -33.64
CA GLY J 100 -19.05 -5.12 -32.63
C GLY J 100 -18.68 -3.72 -33.05
N CYS J 101 -18.76 -2.82 -32.06
CA CYS J 101 -18.71 -1.39 -32.30
C CYS J 101 -17.99 -0.68 -31.16
N TYR J 102 -17.32 0.41 -31.53
CA TYR J 102 -16.70 1.32 -30.57
C TYR J 102 -17.51 2.62 -30.54
N LEU J 103 -17.67 3.18 -29.35
CA LEU J 103 -18.45 4.40 -29.17
C LEU J 103 -17.56 5.61 -29.36
N GLY J 104 -17.95 6.50 -30.28
CA GLY J 104 -17.22 7.71 -30.52
C GLY J 104 -17.53 8.77 -29.49
N PRO J 105 -16.77 9.87 -29.55
CA PRO J 105 -16.98 10.96 -28.58
C PRO J 105 -18.30 11.68 -28.78
N ASP J 106 -18.91 11.58 -29.95
CA ASP J 106 -20.21 12.17 -30.22
C ASP J 106 -21.35 11.20 -29.98
N GLY J 107 -21.07 10.03 -29.40
CA GLY J 107 -22.10 9.03 -29.23
C GLY J 107 -22.47 8.26 -30.48
N LEU J 108 -21.61 8.27 -31.50
CA LEU J 108 -21.88 7.58 -32.75
C LEU J 108 -20.84 6.49 -32.97
N LEU J 109 -21.06 5.69 -34.01
CA LEU J 109 -20.12 4.63 -34.33
C LEU J 109 -18.76 5.22 -34.65
N LEU J 110 -17.75 4.83 -33.88
CA LEU J 110 -16.38 5.21 -34.15
C LEU J 110 -15.70 4.19 -35.06
N HIS J 111 -15.85 2.90 -34.73
CA HIS J 111 -15.31 1.83 -35.55
C HIS J 111 -16.24 0.62 -35.42
N GLY J 112 -16.56 0.01 -36.54
CA GLY J 112 -17.40 -1.18 -36.54
C GLY J 112 -16.73 -2.30 -37.31
N TYR J 113 -16.91 -3.52 -36.81
CA TYR J 113 -16.18 -4.64 -37.38
C TYR J 113 -17.03 -5.91 -37.35
N ARG J 114 -16.75 -6.78 -38.33
CA ARG J 114 -17.32 -8.11 -38.44
C ARG J 114 -16.31 -8.99 -39.18
N GLN J 115 -15.95 -10.12 -38.58
CA GLN J 115 -14.93 -10.99 -39.15
C GLN J 115 -15.27 -12.45 -38.85
N ASP J 116 -15.09 -13.31 -39.85
CA ASP J 116 -15.37 -14.74 -39.71
C ASP J 116 -14.14 -15.55 -40.10
N ALA J 117 -13.91 -16.64 -39.37
CA ALA J 117 -12.76 -17.52 -39.58
C ALA J 117 -13.19 -18.97 -39.55
N TYR J 118 -12.65 -19.76 -40.49
CA TYR J 118 -12.89 -21.20 -40.55
C TYR J 118 -11.63 -21.97 -40.22
N ASP J 119 -11.75 -22.90 -39.27
CA ASP J 119 -10.65 -23.79 -38.88
C ASP J 119 -9.40 -23.00 -38.46
N GLY J 120 -9.61 -21.92 -37.72
CA GLY J 120 -8.51 -21.19 -37.12
C GLY J 120 -7.83 -20.15 -37.98
N ALA J 121 -8.22 -20.00 -39.24
CA ALA J 121 -7.53 -19.12 -40.17
C ALA J 121 -8.49 -18.07 -40.71
N ASP J 122 -7.94 -16.91 -41.07
CA ASP J 122 -8.73 -15.85 -41.68
C ASP J 122 -9.58 -16.42 -42.82
N TYR J 123 -10.89 -16.12 -42.78
CA TYR J 123 -11.79 -16.50 -43.85
C TYR J 123 -12.30 -15.26 -44.57
N ILE J 124 -13.16 -14.47 -43.93
CA ILE J 124 -13.71 -13.28 -44.58
C ILE J 124 -13.81 -12.15 -43.57
N ALA J 125 -13.65 -10.92 -44.06
CA ALA J 125 -13.65 -9.75 -43.20
C ALA J 125 -14.47 -8.64 -43.84
N LEU J 126 -15.25 -7.93 -43.03
CA LEU J 126 -15.89 -6.70 -43.47
C LEU J 126 -14.87 -5.57 -43.43
N ASN J 127 -14.83 -4.77 -44.49
CA ASN J 127 -13.81 -3.73 -44.61
C ASN J 127 -14.19 -2.47 -43.83
N GLU J 128 -13.19 -1.63 -43.61
CA GLU J 128 -13.36 -0.35 -42.91
C GLU J 128 -14.56 0.45 -43.43
N ASP J 129 -14.71 0.57 -44.75
CA ASP J 129 -15.81 1.35 -45.31
C ASP J 129 -17.18 0.79 -44.95
N LEU J 130 -17.24 -0.41 -44.35
CA LEU J 130 -18.47 -1.10 -43.96
C LEU J 130 -19.33 -1.49 -45.15
N ARG J 131 -18.75 -1.52 -46.35
CA ARG J 131 -19.49 -1.86 -47.55
C ARG J 131 -18.86 -2.96 -48.39
N SER J 132 -17.63 -3.40 -48.09
CA SER J 132 -16.92 -4.34 -48.94
C SER J 132 -16.26 -5.42 -48.10
N TRP J 133 -15.88 -6.50 -48.77
CA TRP J 133 -15.38 -7.70 -48.11
C TRP J 133 -13.97 -8.06 -48.59
N THR J 134 -13.23 -8.71 -47.69
CA THR J 134 -11.90 -9.24 -47.99
C THR J 134 -11.93 -10.75 -47.75
N ALA J 135 -11.72 -11.52 -48.82
CA ALA J 135 -11.58 -12.96 -48.75
C ALA J 135 -10.10 -13.37 -48.76
N ALA J 136 -9.78 -14.42 -48.00
CA ALA J 136 -8.39 -14.86 -47.84
C ALA J 136 -8.00 -16.00 -48.77
N ASP J 137 -8.96 -16.78 -49.25
CA ASP J 137 -8.67 -17.88 -50.16
C ASP J 137 -9.88 -18.00 -51.08
N MET J 138 -9.91 -19.02 -51.94
CA MET J 138 -10.96 -19.10 -52.93
C MET J 138 -12.10 -20.02 -52.52
N ALA J 139 -12.23 -20.32 -51.23
CA ALA J 139 -13.48 -20.77 -50.68
C ALA J 139 -14.18 -19.64 -49.96
N ALA J 140 -13.40 -18.66 -49.50
CA ALA J 140 -13.95 -17.43 -48.98
C ALA J 140 -14.33 -16.46 -50.08
N GLN J 141 -13.78 -16.63 -51.28
CA GLN J 141 -14.18 -15.78 -52.40
C GLN J 141 -15.60 -16.10 -52.86
N ILE J 142 -16.03 -17.35 -52.73
CA ILE J 142 -17.43 -17.67 -53.04
C ILE J 142 -18.35 -16.98 -52.06
N THR J 143 -18.02 -17.05 -50.76
CA THR J 143 -18.80 -16.32 -49.77
C THR J 143 -18.75 -14.82 -50.00
N LYS J 144 -17.61 -14.37 -50.45
CA LYS J 144 -17.44 -13.01 -50.81
C LYS J 144 -18.30 -12.64 -52.01
N ARG J 145 -18.38 -13.46 -53.05
CA ARG J 145 -19.17 -13.09 -54.20
C ARG J 145 -20.63 -13.25 -53.95
N LYS J 146 -20.97 -14.08 -52.97
CA LYS J 146 -22.35 -14.32 -52.60
C LYS J 146 -22.87 -13.19 -51.71
N TRP J 147 -21.99 -12.62 -50.88
CA TRP J 147 -22.41 -11.52 -50.01
C TRP J 147 -22.41 -10.19 -50.73
N GLU J 148 -21.43 -9.97 -51.63
CA GLU J 148 -21.50 -8.81 -52.51
C GLU J 148 -22.78 -8.83 -53.34
N ALA J 149 -23.13 -10.01 -53.87
CA ALA J 149 -24.33 -10.12 -54.69
C ALA J 149 -25.61 -10.09 -53.88
N ALA J 150 -25.53 -10.34 -52.57
CA ALA J 150 -26.70 -10.53 -51.72
C ALA J 150 -26.93 -9.35 -50.78
N ASN J 151 -26.22 -8.25 -50.99
CA ASN J 151 -26.52 -6.99 -50.31
C ASN J 151 -26.47 -7.16 -48.77
N VAL J 152 -25.49 -7.96 -48.32
CA VAL J 152 -25.28 -8.28 -46.91
C VAL J 152 -24.61 -7.14 -46.14
N ALA J 153 -23.58 -6.53 -46.74
CA ALA J 153 -22.86 -5.44 -46.10
C ALA J 153 -23.81 -4.35 -45.64
N GLU J 154 -24.92 -4.19 -46.36
CA GLU J 154 -25.94 -3.22 -45.99
C GLU J 154 -26.48 -3.47 -44.59
N ARG J 155 -26.98 -4.68 -44.37
CA ARG J 155 -27.52 -5.04 -43.06
C ARG J 155 -26.45 -4.95 -41.98
N ARG J 156 -25.23 -5.42 -42.29
CA ARG J 156 -24.17 -5.34 -41.27
C ARG J 156 -23.89 -3.90 -40.88
N ARG J 157 -23.84 -2.99 -41.85
CA ARG J 157 -23.49 -1.60 -41.53
C ARG J 157 -24.64 -0.89 -40.83
N SER J 158 -25.88 -1.19 -41.20
CA SER J 158 -27.01 -0.55 -40.54
C SER J 158 -27.17 -1.08 -39.12
N TYR J 159 -26.78 -2.33 -38.87
CA TYR J 159 -26.78 -2.82 -37.49
C TYR J 159 -25.69 -2.15 -36.67
N LEU J 160 -24.46 -2.12 -37.20
CA LEU J 160 -23.34 -1.58 -36.42
C LEU J 160 -23.52 -0.10 -36.14
N GLN J 161 -24.01 0.65 -37.12
CA GLN J 161 -24.21 2.08 -36.94
C GLN J 161 -25.44 2.41 -36.09
N GLY J 162 -26.40 1.49 -36.00
CA GLY J 162 -27.64 1.73 -35.30
C GLY J 162 -27.66 1.00 -33.96
N LEU J 163 -28.22 -0.21 -33.93
CA LEU J 163 -28.52 -0.87 -32.66
C LEU J 163 -27.28 -1.06 -31.79
N CYS J 164 -26.14 -1.35 -32.39
CA CYS J 164 -24.95 -1.70 -31.63
C CYS J 164 -24.52 -0.57 -30.70
N VAL J 165 -24.23 0.60 -31.28
CA VAL J 165 -23.78 1.73 -30.48
C VAL J 165 -24.86 2.18 -29.49
N GLU J 166 -26.14 2.06 -29.86
CA GLU J 166 -27.17 2.60 -28.98
C GLU J 166 -27.35 1.75 -27.72
N SER J 167 -27.29 0.42 -27.87
CA SER J 167 -27.29 -0.38 -26.66
C SER J 167 -25.94 -0.32 -25.96
N LEU J 168 -24.89 0.07 -26.67
CA LEU J 168 -23.64 0.34 -25.96
C LEU J 168 -23.79 1.56 -25.04
N ARG J 169 -24.53 2.56 -25.48
CA ARG J 169 -24.71 3.75 -24.70
C ARG J 169 -25.47 3.40 -23.44
N ARG J 170 -26.46 2.56 -23.63
CA ARG J 170 -27.34 2.06 -22.63
C ARG J 170 -26.67 1.16 -21.59
N TYR J 171 -25.72 0.35 -22.01
CA TYR J 171 -25.07 -0.52 -21.05
C TYR J 171 -24.17 0.29 -20.23
N LEU J 172 -23.48 1.22 -20.85
CA LEU J 172 -22.61 2.05 -20.04
C LEU J 172 -23.40 2.80 -18.95
N GLU J 173 -24.58 3.33 -19.27
CA GLU J 173 -25.36 4.00 -18.27
C GLU J 173 -25.80 3.04 -17.18
N MET J 174 -26.18 1.84 -17.56
CA MET J 174 -26.62 0.87 -16.58
C MET J 174 -25.56 0.50 -15.60
N GLY J 175 -24.35 0.21 -16.09
CA GLY J 175 -23.27 -0.12 -15.20
C GLY J 175 -22.17 0.91 -15.11
N LYS J 176 -22.54 2.13 -14.79
CA LYS J 176 -21.64 3.28 -14.72
C LYS J 176 -20.63 3.30 -13.60
N ASP J 177 -20.76 2.42 -12.63
CA ASP J 177 -19.81 2.31 -11.55
C ASP J 177 -18.52 1.61 -11.89
N THR J 178 -18.66 0.43 -12.45
CA THR J 178 -17.55 -0.47 -12.70
C THR J 178 -17.06 -0.44 -14.15
N LEU J 179 -17.88 0.03 -15.08
CA LEU J 179 -17.47 0.03 -16.48
C LEU J 179 -16.63 1.26 -16.80
N GLN J 180 -16.87 2.37 -16.12
CA GLN J 180 -16.10 3.59 -16.30
C GLN J 180 -15.04 3.79 -15.22
N ARG J 181 -14.94 2.89 -14.25
CA ARG J 181 -13.86 2.94 -13.26
C ARG J 181 -12.69 2.11 -13.77
N ALA J 182 -11.52 2.74 -13.87
CA ALA J 182 -10.29 2.03 -14.17
C ALA J 182 -9.63 1.65 -12.86
N GLU J 183 -9.28 0.38 -12.72
CA GLU J 183 -8.68 -0.10 -11.49
C GLU J 183 -7.19 -0.20 -11.68
N PRO J 184 -6.39 0.52 -10.89
CA PRO J 184 -4.95 0.50 -11.09
C PRO J 184 -4.35 -0.80 -10.61
N PRO J 185 -3.18 -1.18 -11.13
CA PRO J 185 -2.56 -2.42 -10.67
C PRO J 185 -1.91 -2.23 -9.30
N LYS J 186 -2.09 -3.24 -8.45
CA LYS J 186 -1.31 -3.34 -7.22
C LYS J 186 0.04 -3.97 -7.60
N THR J 187 1.11 -3.20 -7.44
CA THR J 187 2.41 -3.59 -7.94
C THR J 187 3.38 -3.82 -6.78
N HIS J 188 4.29 -4.77 -6.99
CA HIS J 188 5.39 -4.97 -6.05
C HIS J 188 6.44 -5.86 -6.68
N VAL J 189 7.66 -5.74 -6.17
CA VAL J 189 8.80 -6.51 -6.66
C VAL J 189 9.15 -7.56 -5.62
N THR J 190 9.20 -8.81 -6.04
CA THR J 190 9.62 -9.92 -5.19
C THR J 190 11.02 -10.36 -5.57
N ARG J 191 11.77 -10.80 -4.56
CA ARG J 191 13.17 -11.14 -4.68
C ARG J 191 13.37 -12.63 -4.40
N HIS J 192 14.05 -13.31 -5.32
CA HIS J 192 14.29 -14.75 -5.22
C HIS J 192 15.76 -15.02 -5.51
N PRO J 193 16.59 -15.18 -4.49
CA PRO J 193 17.97 -15.63 -4.72
C PRO J 193 17.99 -17.04 -5.27
N SER J 194 18.16 -17.19 -6.58
CA SER J 194 17.87 -18.52 -7.15
C SER J 194 19.12 -19.23 -7.64
N SER J 195 19.53 -18.90 -8.85
CA SER J 195 20.63 -19.54 -9.56
C SER J 195 21.96 -19.06 -8.98
N ASP J 196 23.09 -19.50 -9.54
CA ASP J 196 24.42 -19.31 -8.92
C ASP J 196 24.91 -17.88 -8.89
N LEU J 197 24.75 -17.23 -7.73
CA LEU J 197 24.95 -15.79 -7.57
C LEU J 197 24.13 -15.04 -8.62
N GLY J 198 22.87 -15.45 -8.75
CA GLY J 198 21.90 -14.71 -9.51
C GLY J 198 20.62 -14.52 -8.74
N VAL J 199 20.15 -13.29 -8.70
CA VAL J 199 18.95 -12.94 -7.94
C VAL J 199 17.88 -12.60 -8.95
N THR J 200 16.75 -13.30 -8.88
CA THR J 200 15.63 -13.02 -9.76
C THR J 200 14.74 -11.99 -9.10
N LEU J 201 14.53 -10.87 -9.76
CA LEU J 201 13.56 -9.88 -9.31
C LEU J 201 12.38 -9.91 -10.25
N ARG J 202 11.19 -10.06 -9.68
CA ARG J 202 9.95 -10.20 -10.43
C ARG J 202 9.02 -9.08 -10.03
N CYS J 203 8.64 -8.25 -11.01
CA CYS J 203 7.73 -7.14 -10.80
C CYS J 203 6.32 -7.59 -11.16
N TRP J 204 5.42 -7.56 -10.17
CA TRP J 204 4.04 -8.00 -10.32
C TRP J 204 3.12 -6.80 -10.39
N ALA J 205 2.15 -6.88 -11.30
CA ALA J 205 1.00 -5.99 -11.35
C ALA J 205 -0.24 -6.87 -11.25
N LEU J 206 -1.06 -6.65 -10.23
CA LEU J 206 -2.19 -7.51 -9.95
C LEU J 206 -3.49 -6.70 -9.89
N GLY J 207 -4.58 -7.34 -10.29
CA GLY J 207 -5.89 -6.77 -10.05
C GLY J 207 -6.20 -5.51 -10.84
N PHE J 208 -5.59 -5.34 -12.01
CA PHE J 208 -5.82 -4.14 -12.80
C PHE J 208 -6.91 -4.37 -13.84
N TYR J 209 -7.62 -3.30 -14.17
CA TYR J 209 -8.68 -3.29 -15.15
C TYR J 209 -8.65 -1.91 -15.79
N PRO J 210 -8.74 -1.81 -17.13
CA PRO J 210 -8.88 -2.90 -18.10
C PRO J 210 -7.59 -3.65 -18.43
N LYS J 211 -7.62 -4.36 -19.56
CA LYS J 211 -6.53 -5.26 -19.95
C LYS J 211 -5.21 -4.51 -20.11
N GLU J 212 -5.22 -3.41 -20.85
CA GLU J 212 -4.00 -2.84 -21.38
C GLU J 212 -3.10 -2.34 -20.27
N ILE J 213 -1.82 -2.68 -20.36
CA ILE J 213 -0.85 -2.36 -19.31
C ILE J 213 0.54 -2.46 -19.93
N SER J 214 1.51 -1.80 -19.30
CA SER J 214 2.90 -1.83 -19.75
C SER J 214 3.78 -2.10 -18.55
N LEU J 215 4.61 -3.15 -18.64
CA LEU J 215 5.52 -3.57 -17.59
C LEU J 215 6.91 -3.67 -18.19
N THR J 216 7.84 -2.85 -17.70
CA THR J 216 9.18 -2.86 -18.27
C THR J 216 10.22 -2.78 -17.15
N TRP J 217 11.43 -3.23 -17.45
CA TRP J 217 12.56 -3.14 -16.54
C TRP J 217 13.61 -2.20 -17.10
N GLN J 218 14.28 -1.45 -16.23
CA GLN J 218 15.26 -0.45 -16.58
C GLN J 218 16.56 -0.38 -15.68
N ARG J 219 17.69 -0.02 -16.25
CA ARG J 219 18.96 0.17 -15.54
C ARG J 219 19.49 1.51 -15.95
N GLU J 220 20.81 1.72 -15.94
CA GLU J 220 21.32 3.00 -16.41
C GLU J 220 21.08 3.25 -17.92
N GLY J 221 20.99 2.22 -18.74
CA GLY J 221 20.77 2.41 -20.13
C GLY J 221 19.31 2.71 -20.31
N GLN J 222 19.00 3.45 -21.35
CA GLN J 222 17.63 3.79 -21.66
C GLN J 222 16.72 2.66 -22.17
N ASP J 223 17.11 1.93 -23.17
CA ASP J 223 16.35 0.80 -23.68
C ASP J 223 15.80 -0.01 -22.51
N GLN J 224 14.65 -0.63 -22.75
CA GLN J 224 14.13 -1.58 -21.77
C GLN J 224 15.12 -2.73 -21.66
N SER J 225 15.32 -3.19 -20.42
CA SER J 225 16.20 -4.34 -20.20
C SER J 225 15.79 -5.41 -21.18
N GLN J 226 16.61 -5.65 -22.21
CA GLN J 226 16.07 -6.50 -23.25
C GLN J 226 16.06 -7.96 -22.78
N ASP J 227 16.38 -8.14 -21.50
CA ASP J 227 16.24 -9.37 -20.76
C ASP J 227 15.11 -9.17 -19.77
N MET J 228 13.96 -9.77 -20.05
CA MET J 228 12.91 -9.87 -19.05
C MET J 228 12.03 -11.06 -19.38
N GLU J 229 11.75 -11.86 -18.36
CA GLU J 229 10.80 -12.96 -18.46
C GLU J 229 9.41 -12.34 -18.33
N LEU J 230 8.64 -12.35 -19.42
CA LEU J 230 7.38 -11.63 -19.49
C LEU J 230 6.26 -12.60 -19.83
N VAL J 231 5.30 -12.74 -18.91
CA VAL J 231 4.15 -13.60 -19.13
C VAL J 231 3.03 -12.82 -19.79
N GLU J 232 2.15 -13.53 -20.48
CA GLU J 232 1.01 -12.91 -21.14
C GLU J 232 -0.01 -12.45 -20.11
N THR J 233 -0.74 -11.39 -20.46
CA THR J 233 -1.79 -10.89 -19.58
C THR J 233 -2.83 -11.98 -19.38
N ARG J 234 -3.24 -12.19 -18.13
CA ARG J 234 -4.06 -13.32 -17.75
C ARG J 234 -5.14 -12.88 -16.78
N PRO J 235 -6.30 -13.53 -16.80
CA PRO J 235 -7.40 -13.10 -15.91
C PRO J 235 -7.16 -13.54 -14.47
N SER J 236 -7.52 -12.66 -13.54
CA SER J 236 -7.40 -12.96 -12.12
C SER J 236 -8.55 -13.82 -11.61
N GLY J 237 -9.67 -13.84 -12.33
CA GLY J 237 -10.84 -14.59 -11.95
C GLY J 237 -11.99 -13.75 -11.43
N ASP J 238 -11.73 -12.50 -11.05
CA ASP J 238 -12.77 -11.60 -10.53
C ASP J 238 -13.09 -10.47 -11.50
N GLY J 239 -12.69 -10.60 -12.76
CA GLY J 239 -12.85 -9.55 -13.73
C GLY J 239 -11.64 -8.69 -13.94
N THR J 240 -10.60 -8.85 -13.14
CA THR J 240 -9.36 -8.10 -13.29
C THR J 240 -8.31 -8.99 -13.94
N PHE J 241 -7.11 -8.43 -14.13
CA PHE J 241 -6.03 -9.11 -14.80
C PHE J 241 -4.75 -8.97 -13.99
N GLN J 242 -3.77 -9.80 -14.31
CA GLN J 242 -2.48 -9.72 -13.64
C GLN J 242 -1.38 -10.06 -14.64
N LYS J 243 -0.16 -9.66 -14.28
CA LYS J 243 0.99 -9.82 -15.15
C LYS J 243 2.24 -9.65 -14.31
N TRP J 244 3.35 -10.19 -14.80
CA TRP J 244 4.62 -9.91 -14.16
C TRP J 244 5.75 -9.93 -15.18
N ALA J 245 6.84 -9.26 -14.83
CA ALA J 245 8.05 -9.23 -15.64
C ALA J 245 9.23 -9.45 -14.72
N ALA J 246 10.07 -10.42 -15.04
CA ALA J 246 11.16 -10.81 -14.17
C ALA J 246 12.48 -10.80 -14.92
N LEU J 247 13.56 -10.62 -14.18
CA LEU J 247 14.89 -10.73 -14.76
C LEU J 247 15.88 -11.06 -13.66
N VAL J 248 17.04 -11.58 -14.07
CA VAL J 248 18.07 -12.06 -13.15
C VAL J 248 19.21 -11.06 -13.15
N VAL J 249 19.62 -10.64 -11.95
CA VAL J 249 20.63 -9.59 -11.79
C VAL J 249 21.74 -10.11 -10.90
N PRO J 250 22.92 -9.49 -10.99
CA PRO J 250 24.02 -9.85 -10.09
C PRO J 250 23.64 -9.59 -8.65
N PRO J 251 24.21 -10.36 -7.71
CA PRO J 251 23.67 -10.42 -6.34
C PRO J 251 23.91 -9.21 -5.45
N GLY J 252 24.35 -8.08 -5.98
CA GLY J 252 24.50 -6.94 -5.10
C GLY J 252 23.77 -5.70 -5.55
N GLU J 253 23.27 -5.75 -6.78
CA GLU J 253 22.78 -4.57 -7.47
C GLU J 253 21.26 -4.44 -7.57
N GLU J 254 20.50 -4.98 -6.61
CA GLU J 254 19.04 -4.96 -6.72
C GLU J 254 18.49 -3.55 -7.04
N GLN J 255 19.11 -2.53 -6.48
CA GLN J 255 18.65 -1.15 -6.58
C GLN J 255 19.17 -0.46 -7.79
N SER J 256 19.77 -1.17 -8.71
CA SER J 256 20.13 -0.51 -9.94
C SER J 256 19.11 -0.74 -11.01
N TYR J 257 18.05 -1.48 -10.67
CA TYR J 257 17.00 -1.86 -11.59
C TYR J 257 15.67 -1.35 -11.07
N THR J 258 14.87 -0.80 -11.97
CA THR J 258 13.57 -0.26 -11.65
C THR J 258 12.52 -0.84 -12.60
N CYS J 259 11.42 -1.31 -12.04
CA CYS J 259 10.28 -1.74 -12.83
C CYS J 259 9.34 -0.56 -13.02
N HIS J 260 9.00 -0.29 -14.28
CA HIS J 260 8.10 0.79 -14.65
C HIS J 260 6.78 0.19 -15.12
N VAL J 261 5.69 0.70 -14.55
CA VAL J 261 4.34 0.22 -14.81
C VAL J 261 3.52 1.38 -15.33
N GLN J 262 2.91 1.22 -16.50
CA GLN J 262 2.05 2.24 -17.09
C GLN J 262 0.69 1.62 -17.34
N HIS J 263 -0.32 2.18 -16.68
CA HIS J 263 -1.70 1.70 -16.77
C HIS J 263 -2.64 2.88 -16.57
N GLU J 264 -3.76 2.86 -17.27
CA GLU J 264 -4.67 4.01 -17.26
C GLU J 264 -5.35 4.21 -15.90
N GLY J 265 -5.19 3.28 -14.96
CA GLY J 265 -5.70 3.50 -13.61
C GLY J 265 -4.78 4.31 -12.72
N LEU J 266 -3.56 4.55 -13.17
CA LEU J 266 -2.58 5.33 -12.41
C LEU J 266 -2.59 6.78 -12.87
N GLN J 267 -2.48 7.71 -11.92
CA GLN J 267 -2.40 9.12 -12.27
C GLN J 267 -1.13 9.44 -13.03
N GLU J 268 -0.07 8.67 -12.80
CA GLU J 268 1.20 8.85 -13.50
C GLU J 268 1.90 7.51 -13.53
N PRO J 269 2.80 7.30 -14.49
CA PRO J 269 3.56 6.04 -14.53
C PRO J 269 4.25 5.76 -13.21
N LEU J 270 4.37 4.48 -12.89
CA LEU J 270 4.83 4.00 -11.59
C LEU J 270 6.23 3.41 -11.71
N THR J 271 7.02 3.61 -10.65
CA THR J 271 8.41 3.18 -10.60
C THR J 271 8.66 2.47 -9.28
N LEU J 272 9.05 1.21 -9.35
CA LEU J 272 9.33 0.40 -8.16
C LEU J 272 10.70 -0.25 -8.30
N ARG J 273 11.24 -0.71 -7.18
CA ARG J 273 12.55 -1.37 -7.20
C ARG J 273 12.66 -2.46 -6.15
N ALA K 1 -3.78 -25.05 -37.12
CA ALA K 1 -3.83 -25.56 -35.75
C ALA K 1 -2.77 -24.88 -34.89
N ARG K 2 -3.13 -24.61 -33.63
CA ARG K 2 -2.23 -23.94 -32.71
C ARG K 2 -2.23 -24.66 -31.37
N PRO K 3 -1.06 -24.91 -30.77
CA PRO K 3 -1.02 -25.61 -29.49
C PRO K 3 -1.34 -24.67 -28.36
N PRO K 4 -1.95 -25.15 -27.28
CA PRO K 4 -2.30 -24.27 -26.17
C PRO K 4 -1.11 -23.97 -25.26
N LYS K 5 -0.99 -22.69 -24.90
CA LYS K 5 -0.13 -22.27 -23.81
C LYS K 5 -0.93 -22.21 -22.52
N VAL K 6 -0.32 -22.64 -21.42
CA VAL K 6 -1.01 -22.83 -20.14
C VAL K 6 -0.26 -22.08 -19.04
N GLN K 7 -0.99 -21.30 -18.26
CA GLN K 7 -0.46 -20.63 -17.08
C GLN K 7 -1.27 -21.02 -15.86
N VAL K 8 -0.58 -21.34 -14.76
CA VAL K 8 -1.23 -21.68 -13.50
C VAL K 8 -0.76 -20.67 -12.45
N TYR K 9 -1.71 -20.12 -11.70
CA TYR K 9 -1.37 -19.01 -10.83
C TYR K 9 -2.50 -18.76 -9.84
N SER K 10 -2.17 -18.07 -8.75
CA SER K 10 -3.18 -17.68 -7.77
C SER K 10 -3.68 -16.28 -8.08
N ARG K 11 -4.93 -16.01 -7.67
CA ARG K 11 -5.51 -14.69 -7.88
C ARG K 11 -4.78 -13.64 -7.05
N HIS K 12 -4.50 -13.94 -5.79
CA HIS K 12 -3.78 -13.07 -4.88
C HIS K 12 -2.47 -13.71 -4.48
N PRO K 13 -1.47 -12.91 -4.10
CA PRO K 13 -0.20 -13.49 -3.64
C PRO K 13 -0.42 -14.49 -2.52
N ALA K 14 0.15 -15.68 -2.68
CA ALA K 14 -0.14 -16.79 -1.79
C ALA K 14 0.36 -16.49 -0.38
N GLU K 15 -0.55 -16.58 0.59
CA GLU K 15 -0.21 -16.49 2.01
C GLU K 15 -0.66 -17.80 2.65
N ASN K 16 0.26 -18.46 3.34
CA ASN K 16 -0.03 -19.78 3.90
C ASN K 16 -1.19 -19.73 4.87
N GLY K 17 -2.13 -20.65 4.71
CA GLY K 17 -3.30 -20.74 5.54
C GLY K 17 -4.47 -19.88 5.12
N LYS K 18 -4.24 -18.90 4.24
CA LYS K 18 -5.27 -17.93 3.86
C LYS K 18 -6.03 -18.44 2.63
N PRO K 19 -7.36 -18.38 2.65
CA PRO K 19 -8.12 -18.80 1.45
C PRO K 19 -7.78 -17.94 0.25
N ASN K 20 -7.81 -18.54 -0.93
CA ASN K 20 -7.37 -17.90 -2.15
C ASN K 20 -8.03 -18.62 -3.32
N TYR K 21 -7.62 -18.25 -4.53
CA TYR K 21 -8.23 -18.77 -5.75
C TYR K 21 -7.14 -19.20 -6.72
N LEU K 22 -7.27 -20.40 -7.26
CA LEU K 22 -6.29 -20.97 -8.18
C LEU K 22 -6.88 -21.00 -9.58
N ASN K 23 -6.10 -20.52 -10.55
CA ASN K 23 -6.50 -20.33 -11.93
C ASN K 23 -5.56 -21.08 -12.86
N CYS K 24 -6.14 -21.68 -13.89
CA CYS K 24 -5.44 -22.28 -15.01
C CYS K 24 -5.99 -21.63 -16.28
N TYR K 25 -5.19 -20.76 -16.88
CA TYR K 25 -5.56 -20.01 -18.08
C TYR K 25 -4.90 -20.67 -19.28
N VAL K 26 -5.71 -21.13 -20.23
CA VAL K 26 -5.22 -21.83 -21.41
C VAL K 26 -5.60 -20.99 -22.63
N SER K 27 -4.61 -20.60 -23.43
CA SER K 27 -4.86 -19.68 -24.53
C SER K 27 -4.04 -20.06 -25.75
N GLY K 28 -4.40 -19.46 -26.88
CA GLY K 28 -3.65 -19.63 -28.11
C GLY K 28 -3.84 -20.94 -28.82
N PHE K 29 -4.93 -21.66 -28.56
CA PHE K 29 -5.13 -22.99 -29.10
C PHE K 29 -6.26 -23.02 -30.13
N HIS K 30 -6.13 -23.97 -31.07
CA HIS K 30 -7.11 -24.31 -32.09
C HIS K 30 -6.82 -25.74 -32.52
N PRO K 31 -7.82 -26.61 -32.66
CA PRO K 31 -9.27 -26.46 -32.52
C PRO K 31 -9.75 -26.21 -31.07
N PRO K 32 -11.01 -25.80 -30.90
CA PRO K 32 -11.48 -25.41 -29.55
C PRO K 32 -11.72 -26.57 -28.60
N GLN K 33 -11.87 -27.81 -29.08
CA GLN K 33 -12.12 -28.92 -28.17
C GLN K 33 -10.86 -29.23 -27.38
N ILE K 34 -10.98 -29.19 -26.05
CA ILE K 34 -9.82 -29.24 -25.17
C ILE K 34 -10.24 -29.86 -23.85
N GLU K 35 -9.29 -30.49 -23.17
CA GLU K 35 -9.49 -31.02 -21.83
C GLU K 35 -8.59 -30.25 -20.87
N ILE K 36 -9.17 -29.64 -19.85
CA ILE K 36 -8.43 -28.85 -18.87
C ILE K 36 -8.90 -29.25 -17.48
N ASP K 37 -7.98 -29.70 -16.63
CA ASP K 37 -8.34 -30.10 -15.28
C ASP K 37 -7.29 -29.62 -14.29
N LEU K 38 -7.73 -29.18 -13.11
CA LEU K 38 -6.85 -28.78 -12.03
C LEU K 38 -6.64 -29.94 -11.06
N LEU K 39 -5.41 -30.10 -10.59
CA LEU K 39 -5.00 -31.23 -9.79
C LEU K 39 -4.50 -30.76 -8.43
N LYS K 40 -5.02 -31.40 -7.37
CA LYS K 40 -4.50 -31.27 -6.02
C LYS K 40 -3.93 -32.63 -5.63
N ASN K 41 -2.61 -32.69 -5.44
CA ASN K 41 -1.90 -33.95 -5.20
C ASN K 41 -2.31 -35.01 -6.23
N GLY K 42 -2.44 -34.58 -7.49
CA GLY K 42 -2.78 -35.47 -8.57
C GLY K 42 -4.26 -35.70 -8.78
N GLU K 43 -5.11 -35.32 -7.83
CA GLU K 43 -6.53 -35.62 -7.91
C GLU K 43 -7.29 -34.44 -8.52
N LYS K 44 -8.28 -34.77 -9.35
CA LYS K 44 -9.08 -33.74 -10.00
C LYS K 44 -9.89 -32.96 -8.97
N MET K 45 -9.88 -31.64 -9.08
CA MET K 45 -10.64 -30.77 -8.20
C MET K 45 -11.93 -30.33 -8.88
N ASN K 46 -12.91 -29.98 -8.06
CA ASN K 46 -14.15 -29.42 -8.58
C ASN K 46 -13.91 -27.94 -8.87
N ALA K 47 -14.04 -27.57 -10.15
CA ALA K 47 -13.67 -26.23 -10.59
C ALA K 47 -14.59 -25.80 -11.71
N GLU K 48 -14.70 -24.49 -11.89
CA GLU K 48 -15.50 -23.91 -12.96
C GLU K 48 -14.64 -23.65 -14.19
N GLN K 49 -15.28 -23.75 -15.35
CA GLN K 49 -14.66 -23.42 -16.62
C GLN K 49 -15.40 -22.24 -17.22
N SER K 50 -14.66 -21.25 -17.70
CA SER K 50 -15.28 -20.08 -18.30
C SER K 50 -15.97 -20.45 -19.61
N ASP K 51 -16.80 -19.53 -20.09
CA ASP K 51 -17.47 -19.72 -21.38
C ASP K 51 -16.49 -19.51 -22.52
N LEU K 52 -16.62 -20.35 -23.55
CA LEU K 52 -15.69 -20.31 -24.67
C LEU K 52 -15.68 -18.93 -25.33
N SER K 53 -14.48 -18.37 -25.47
CA SER K 53 -14.28 -17.09 -26.15
C SER K 53 -12.96 -17.15 -26.89
N PHE K 54 -12.62 -16.06 -27.58
CA PHE K 54 -11.37 -16.03 -28.34
C PHE K 54 -10.91 -14.58 -28.50
N SER K 55 -9.63 -14.44 -28.84
CA SER K 55 -9.01 -13.13 -29.01
C SER K 55 -9.14 -12.69 -30.46
N LYS K 56 -8.41 -11.64 -30.84
CA LYS K 56 -8.56 -11.07 -32.18
C LYS K 56 -7.93 -11.94 -33.28
N ASP K 57 -7.00 -12.82 -32.93
CA ASP K 57 -6.38 -13.71 -33.91
C ASP K 57 -7.07 -15.07 -34.01
N TRP K 58 -8.28 -15.21 -33.46
CA TRP K 58 -9.14 -16.39 -33.53
C TRP K 58 -8.68 -17.50 -32.58
N SER K 59 -7.50 -17.41 -32.00
CA SER K 59 -7.06 -18.41 -31.04
C SER K 59 -7.94 -18.36 -29.80
N PHE K 60 -8.23 -19.53 -29.25
CA PHE K 60 -9.18 -19.65 -28.14
C PHE K 60 -8.48 -19.47 -26.80
N TYR K 61 -9.29 -19.14 -25.79
CA TYR K 61 -8.80 -19.11 -24.42
C TYR K 61 -9.92 -19.53 -23.48
N LEU K 62 -9.54 -20.20 -22.40
CA LEU K 62 -10.44 -20.65 -21.36
C LEU K 62 -9.76 -20.45 -20.00
N LEU K 63 -10.59 -20.31 -18.97
CA LEU K 63 -10.11 -20.17 -17.60
C LEU K 63 -10.80 -21.20 -16.73
N VAL K 64 -10.01 -22.03 -16.06
CA VAL K 64 -10.52 -23.01 -15.11
C VAL K 64 -10.03 -22.61 -13.72
N HIS K 65 -10.96 -22.45 -12.77
CA HIS K 65 -10.60 -21.83 -11.51
C HIS K 65 -11.37 -22.46 -10.37
N THR K 66 -10.78 -22.41 -9.17
CA THR K 66 -11.46 -22.92 -7.99
C THR K 66 -10.87 -22.31 -6.73
N GLU K 67 -11.66 -22.32 -5.66
CA GLU K 67 -11.19 -21.90 -4.35
C GLU K 67 -10.21 -22.93 -3.79
N PHE K 68 -9.19 -22.44 -3.08
CA PHE K 68 -8.23 -23.33 -2.45
C PHE K 68 -7.49 -22.57 -1.35
N THR K 69 -6.92 -23.31 -0.41
CA THR K 69 -6.16 -22.73 0.68
C THR K 69 -4.71 -23.21 0.59
N PRO K 70 -3.80 -22.37 0.13
CA PRO K 70 -2.41 -22.83 -0.06
C PRO K 70 -1.69 -22.98 1.26
N ASN K 71 -0.84 -24.00 1.32
CA ASN K 71 0.07 -24.21 2.44
C ASN K 71 1.40 -24.70 1.89
N ALA K 72 2.33 -24.99 2.78
CA ALA K 72 3.68 -25.40 2.40
C ALA K 72 3.80 -26.89 2.11
N VAL K 73 2.69 -27.62 2.01
CA VAL K 73 2.71 -29.07 1.85
C VAL K 73 2.06 -29.51 0.54
N ASP K 74 0.82 -29.07 0.30
CA ASP K 74 0.05 -29.59 -0.82
C ASP K 74 0.57 -29.07 -2.16
N GLN K 75 0.58 -29.96 -3.16
CA GLN K 75 1.06 -29.64 -4.50
C GLN K 75 -0.12 -29.52 -5.45
N TYR K 76 -0.13 -28.46 -6.26
CA TYR K 76 -1.18 -28.19 -7.23
C TYR K 76 -0.58 -28.11 -8.63
N SER K 77 -1.37 -28.52 -9.63
CA SER K 77 -0.93 -28.51 -11.02
C SER K 77 -2.14 -28.40 -11.92
N CYS K 78 -1.87 -28.30 -13.23
CA CYS K 78 -2.94 -28.28 -14.23
C CYS K 78 -2.56 -29.18 -15.40
N ARG K 79 -3.51 -30.00 -15.83
CA ARG K 79 -3.30 -30.92 -16.95
C ARG K 79 -4.23 -30.55 -18.10
N VAL K 80 -3.66 -30.43 -19.30
CA VAL K 80 -4.41 -30.07 -20.49
C VAL K 80 -4.13 -31.10 -21.57
N LYS K 81 -5.19 -31.68 -22.12
CA LYS K 81 -5.12 -32.60 -23.25
C LYS K 81 -5.67 -31.89 -24.47
N HIS K 82 -4.85 -31.84 -25.53
CA HIS K 82 -5.20 -31.19 -26.79
C HIS K 82 -4.54 -31.98 -27.90
N VAL K 83 -5.12 -31.87 -29.10
CA VAL K 83 -4.65 -32.68 -30.23
C VAL K 83 -3.17 -32.46 -30.50
N THR K 84 -2.66 -31.25 -30.26
CA THR K 84 -1.27 -30.95 -30.56
C THR K 84 -0.30 -31.51 -29.53
N LEU K 85 -0.79 -31.88 -28.35
CA LEU K 85 0.05 -32.40 -27.28
C LEU K 85 -0.08 -33.92 -27.27
N ASP K 86 1.01 -34.61 -27.59
CA ASP K 86 1.01 -36.07 -27.54
C ASP K 86 0.79 -36.58 -26.12
N LYS K 87 1.31 -35.87 -25.15
CA LYS K 87 1.17 -36.10 -23.74
C LYS K 87 0.37 -34.97 -23.12
N PRO K 88 -0.38 -35.23 -22.05
CA PRO K 88 -1.05 -34.12 -21.37
C PRO K 88 0.00 -33.11 -20.91
N LYS K 89 -0.16 -31.87 -21.32
CA LYS K 89 0.77 -30.85 -20.87
C LYS K 89 0.36 -30.50 -19.44
N ILE K 90 1.26 -30.75 -18.50
CA ILE K 90 1.01 -30.48 -17.08
C ILE K 90 1.93 -29.36 -16.65
N VAL K 91 1.36 -28.34 -16.04
CA VAL K 91 2.09 -27.19 -15.53
C VAL K 91 1.89 -27.16 -14.03
N LYS K 92 2.98 -27.25 -13.28
CA LYS K 92 2.92 -27.20 -11.83
C LYS K 92 2.69 -25.77 -11.38
N TRP K 93 1.89 -25.61 -10.34
CA TRP K 93 1.71 -24.29 -9.75
C TRP K 93 2.88 -23.96 -8.85
N ASP K 94 3.30 -22.71 -8.87
CA ASP K 94 4.39 -22.21 -8.06
C ASP K 94 3.99 -20.82 -7.59
N ARG K 95 4.04 -20.59 -6.28
CA ARG K 95 3.55 -19.33 -5.75
C ARG K 95 4.33 -18.13 -6.27
N ASP K 96 5.51 -18.37 -6.86
CA ASP K 96 6.31 -17.32 -7.47
C ASP K 96 6.30 -17.33 -8.99
N HIS K 97 6.10 -18.50 -9.60
CA HIS K 97 6.19 -18.71 -11.06
C HIS K 97 7.62 -18.50 -11.52
N ARG L 1 -31.70 -6.61 -26.68
CA ARG L 1 -31.39 -5.29 -27.21
C ARG L 1 -29.92 -5.08 -27.51
N VAL L 2 -29.24 -5.99 -28.22
CA VAL L 2 -27.86 -5.68 -28.61
C VAL L 2 -27.49 -6.22 -29.99
N GLU L 3 -27.85 -7.46 -30.27
CA GLU L 3 -27.43 -8.19 -31.47
C GLU L 3 -28.34 -7.93 -32.67
N ASP L 4 -27.77 -8.17 -33.85
CA ASP L 4 -28.47 -8.13 -35.12
C ASP L 4 -29.66 -9.09 -35.18
N VAL L 5 -30.82 -8.58 -35.49
CA VAL L 5 -32.02 -9.38 -35.50
C VAL L 5 -32.28 -10.03 -36.81
N THR L 6 -31.29 -10.68 -37.37
CA THR L 6 -31.50 -11.25 -38.67
C THR L 6 -32.47 -12.39 -38.79
N ASN L 7 -32.74 -12.61 -40.06
CA ASN L 7 -33.63 -13.58 -40.66
C ASN L 7 -33.13 -13.90 -42.10
N THR L 8 -31.97 -13.37 -42.45
CA THR L 8 -31.25 -13.61 -43.71
C THR L 8 -29.78 -13.82 -43.31
N ALA L 9 -29.34 -15.02 -43.62
CA ALA L 9 -28.04 -15.50 -43.32
C ALA L 9 -27.85 -16.79 -44.11
N GLU L 10 -27.05 -17.72 -43.56
CA GLU L 10 -26.76 -19.04 -44.13
C GLU L 10 -26.45 -18.86 -45.59
N TYR L 11 -25.45 -18.05 -45.87
CA TYR L 11 -25.18 -17.69 -47.20
C TYR L 11 -23.72 -17.64 -47.28
N TRP L 12 -23.05 -18.41 -46.44
CA TRP L 12 -21.62 -18.52 -46.53
C TRP L 12 -21.50 -19.44 -47.77
#